data_6QTI
#
_entry.id   6QTI
#
_cell.length_a   1.0
_cell.length_b   1.0
_cell.length_c   1.0
_cell.angle_alpha   90.00
_cell.angle_beta   90.00
_cell.angle_gamma   90.00
#
_symmetry.space_group_name_H-M   'P 1'
#
loop_
_entity.id
_entity.type
_entity.pdbx_description
1 polymer 'Nicotinamide nucleotide transhydrogenase'
2 non-polymer 'NADP NICOTINAMIDE-ADENINE-DINUCLEOTIDE PHOSPHATE'
3 non-polymer NICOTINAMIDE-ADENINE-DINUCLEOTIDE
4 non-polymer 1,2-DIACYL-SN-GLYCERO-3-PHOSPHOCHOLINE
5 non-polymer DODECANE
#
_entity_poly.entity_id   1
_entity_poly.type   'polypeptide(L)'
_entity_poly.pdbx_seq_one_letter_code
;MANLLKTVVTGCSCPFLSNLGSCKVLPGKKNFLRTFHTHRILWCKAPVKPGIPYKQLTVGVPKEIFQNEKRVALSPAGVQ
ALVKQGFNVVVESGAGEASKFSDDHYRAAGAQIQGAKEVLASDLVVKVRAPMLNPTLGIHEADLLKTSGTLISFIYPAQN
PDLLNKLSKRNTTVLAMDQVPRVTIAQGYDALSSMANIAGYKAVVLAANHFGRFFTGQITAAGKVPPAKILIVGGGVAGL
ASAGAAKSMGAIVRGFDTRAAALEQFKSLGAEPLEVDLKESGEGQGGYAKEMSKEFIEAEMKLFAQQCKEVDILISTALI
PGKKAPILFNKEMIESMKEGSVVVDLAAEAGGNFETTKPGELYVHKGITHIGYTDLPSRMATQASTLYSNNITKLLKAIS
PDKDNFYFEVKDDFDFGTMGHVIRGTVVMKDGQVIFPAPTPKNIPQGAPVKQKTVAELEAEKAATITPFRKTMTSASVYT
AGLTGILGLGIAAPNLAFSQMVTTFGLAGIVGYHTVWGVTPALHSPLMSVTNAISGLTAVGGLVLMGGHLYPSTTSQGLA
ALATFISSVNIAGGFLVTQRMLDMFKRPTDPPEYNYLYLLPAGTFVGGYLASLYSGYNIEQIMYLGSGLCCVGALAGLST
QGTARLGNALGMIGVAGGLAATLGGLKPCPELLAQMSGAMALGGTIGLTIAKRIQISDLPQLVAAFHSLVGLAAVLTCIA
EYIIEYPHFATDAAANLTKIVAYLGTYIGGVTFSGSLVAYGKLQGILKSAPLLLPGRHLLNAGLLAASVGGIIPFMMDPS
FTTGITCLGSVSALSAVMGVTLTAAIGGADMPVVITVLNSYSGWALCAEGFLLNNNLLTIVGALIGSSGAILSYIMCVAM
NRSLANVILGGYGTTSTAGGKPMEISGTHTEINLDNAIDMIREANSIIITPGYGLCAAKAQYPIADLVKMLSEQGKKVRF
GIHPVAGRMPGQLNVLLAEAGVPYDIVLEMDEINHDFPDTDLVLVIGANDTVNSAAQEDPNSIIAGMPVLEVWKSKQVIV
MKRSLGVGYAAVDNPIFYKPNTAMLLGDAKKTCDALQAKVRESYQK
;
_entity_poly.pdbx_strand_id   A,B
#
loop_
_chem_comp.id
_chem_comp.type
_chem_comp.name
_chem_comp.formula
D12 non-polymer DODECANE 'C12 H26'
NAD non-polymer NICOTINAMIDE-ADENINE-DINUCLEOTIDE 'C21 H27 N7 O14 P2'
NAP non-polymer 'NADP NICOTINAMIDE-ADENINE-DINUCLEOTIDE PHOSPHATE' 'C21 H28 N7 O17 P3'
PC1 non-polymer 1,2-DIACYL-SN-GLYCERO-3-PHOSPHOCHOLINE 'C44 H88 N O8 P'
#
# COMPACT_ATOMS: atom_id res chain seq x y z
N VAL A 48 -43.24 -38.45 -29.32
CA VAL A 48 -41.97 -38.83 -29.93
C VAL A 48 -41.06 -37.61 -30.02
N LYS A 49 -39.91 -37.69 -29.35
CA LYS A 49 -38.98 -36.57 -29.34
C LYS A 49 -38.15 -36.57 -30.62
N PRO A 50 -37.84 -35.38 -31.15
CA PRO A 50 -37.09 -35.30 -32.43
C PRO A 50 -35.60 -35.60 -32.29
N GLY A 51 -35.20 -36.84 -32.41
CA GLY A 51 -33.78 -37.13 -32.48
C GLY A 51 -33.45 -38.57 -32.19
N ILE A 52 -32.21 -38.92 -32.47
CA ILE A 52 -31.71 -40.28 -32.28
C ILE A 52 -30.96 -40.32 -30.95
N PRO A 53 -31.30 -41.23 -30.03
CA PRO A 53 -30.66 -41.24 -28.72
C PRO A 53 -29.18 -41.57 -28.78
N TYR A 54 -28.47 -41.21 -27.71
CA TYR A 54 -27.02 -41.35 -27.70
C TYR A 54 -26.55 -42.79 -27.58
N LYS A 55 -27.45 -43.74 -27.31
CA LYS A 55 -27.01 -45.10 -26.99
C LYS A 55 -26.58 -45.86 -28.25
N GLN A 56 -27.36 -45.77 -29.32
CA GLN A 56 -26.98 -46.40 -30.59
C GLN A 56 -26.23 -45.45 -31.51
N LEU A 57 -25.53 -44.46 -30.96
CA LEU A 57 -24.85 -43.43 -31.74
C LEU A 57 -23.41 -43.38 -31.25
N THR A 58 -22.49 -43.95 -32.02
CA THR A 58 -21.11 -44.07 -31.61
C THR A 58 -20.22 -43.05 -32.34
N VAL A 59 -19.06 -42.79 -31.75
CA VAL A 59 -18.08 -41.87 -32.30
C VAL A 59 -16.77 -42.63 -32.49
N GLY A 60 -15.95 -42.12 -33.39
CA GLY A 60 -14.68 -42.76 -33.71
C GLY A 60 -13.55 -41.75 -33.75
N VAL A 61 -12.41 -42.15 -33.20
CA VAL A 61 -11.22 -41.31 -33.17
C VAL A 61 -10.15 -41.95 -34.04
N PRO A 62 -9.96 -41.50 -35.26
CA PRO A 62 -8.92 -42.09 -36.11
C PRO A 62 -7.55 -41.48 -35.87
N LYS A 63 -6.52 -42.29 -36.13
CA LYS A 63 -5.15 -41.80 -36.09
C LYS A 63 -4.89 -40.92 -37.30
N GLU A 64 -4.16 -39.82 -37.08
CA GLU A 64 -3.86 -38.91 -38.16
C GLU A 64 -2.81 -39.50 -39.09
N ILE A 65 -2.99 -39.29 -40.39
CA ILE A 65 -2.13 -39.87 -41.42
C ILE A 65 -1.25 -38.82 -42.09
N PHE A 66 -1.54 -37.53 -41.89
CA PHE A 66 -0.77 -36.44 -42.48
C PHE A 66 0.67 -36.46 -41.98
N GLN A 67 1.58 -35.99 -42.83
CA GLN A 67 3.00 -36.15 -42.57
C GLN A 67 3.45 -35.23 -41.44
N ASN A 68 4.15 -35.82 -40.46
CA ASN A 68 4.63 -35.15 -39.24
C ASN A 68 3.48 -34.51 -38.47
N GLU A 69 2.35 -35.21 -38.40
CA GLU A 69 1.21 -34.81 -37.59
C GLU A 69 1.18 -35.68 -36.34
N LYS A 70 1.14 -35.04 -35.18
CA LYS A 70 1.24 -35.75 -33.91
C LYS A 70 0.02 -35.57 -33.02
N ARG A 71 -0.97 -34.80 -33.43
CA ARG A 71 -2.11 -34.51 -32.58
C ARG A 71 -3.17 -35.60 -32.67
N VAL A 72 -4.03 -35.63 -31.65
CA VAL A 72 -5.18 -36.53 -31.62
C VAL A 72 -6.40 -35.68 -31.31
N ALA A 73 -7.57 -36.13 -31.79
CA ALA A 73 -8.77 -35.32 -31.68
C ALA A 73 -9.38 -35.35 -30.29
N LEU A 74 -9.23 -36.45 -29.55
CA LEU A 74 -9.80 -36.57 -28.22
C LEU A 74 -8.77 -37.11 -27.25
N SER A 75 -8.58 -36.40 -26.14
CA SER A 75 -7.73 -36.82 -25.04
C SER A 75 -8.44 -37.90 -24.22
N PRO A 76 -7.71 -38.65 -23.38
CA PRO A 76 -8.39 -39.55 -22.45
C PRO A 76 -9.25 -38.84 -21.42
N ALA A 77 -8.92 -37.59 -21.08
CA ALA A 77 -9.83 -36.77 -20.29
C ALA A 77 -11.03 -36.32 -21.10
N GLY A 78 -10.91 -36.30 -22.42
CA GLY A 78 -11.99 -35.93 -23.31
C GLY A 78 -12.87 -37.06 -23.77
N VAL A 79 -12.58 -38.29 -23.38
CA VAL A 79 -13.47 -39.41 -23.62
C VAL A 79 -14.12 -39.89 -22.32
N GLN A 80 -14.06 -39.07 -21.27
CA GLN A 80 -14.92 -39.26 -20.12
C GLN A 80 -16.25 -38.56 -20.33
N ALA A 81 -16.21 -37.27 -20.65
CA ALA A 81 -17.29 -36.67 -21.41
C ALA A 81 -17.29 -37.28 -22.80
N LEU A 82 -18.48 -37.30 -23.44
CA LEU A 82 -18.92 -38.12 -24.57
C LEU A 82 -19.07 -39.59 -24.19
N VAL A 83 -18.87 -39.96 -22.93
CA VAL A 83 -19.39 -41.20 -22.38
C VAL A 83 -20.40 -40.91 -21.28
N LYS A 84 -20.12 -39.89 -20.46
CA LYS A 84 -21.13 -39.38 -19.53
C LYS A 84 -22.29 -38.73 -20.28
N GLN A 85 -22.04 -38.18 -21.47
CA GLN A 85 -23.14 -37.67 -22.27
C GLN A 85 -23.93 -38.81 -22.92
N GLY A 86 -23.24 -39.84 -23.38
CA GLY A 86 -23.94 -41.03 -23.83
C GLY A 86 -23.39 -41.77 -25.03
N PHE A 87 -22.46 -41.19 -25.77
CA PHE A 87 -21.91 -41.85 -26.95
C PHE A 87 -21.07 -43.07 -26.55
N ASN A 88 -21.02 -44.05 -27.43
CA ASN A 88 -19.95 -45.03 -27.38
C ASN A 88 -18.75 -44.45 -28.11
N VAL A 89 -17.55 -44.81 -27.64
CA VAL A 89 -16.32 -44.25 -28.18
C VAL A 89 -15.45 -45.38 -28.68
N VAL A 90 -15.03 -45.30 -29.95
CA VAL A 90 -14.16 -46.29 -30.56
C VAL A 90 -12.90 -45.57 -31.03
N VAL A 91 -11.74 -46.04 -30.59
CA VAL A 91 -10.47 -45.38 -30.83
C VAL A 91 -9.56 -46.32 -31.61
N GLU A 92 -8.87 -45.80 -32.63
CA GLU A 92 -7.87 -46.54 -33.37
C GLU A 92 -6.69 -46.88 -32.46
N SER A 93 -5.98 -47.97 -32.80
CA SER A 93 -5.05 -48.63 -31.89
C SER A 93 -3.84 -47.76 -31.53
N GLY A 94 -3.45 -46.82 -32.39
CA GLY A 94 -2.29 -46.01 -32.08
C GLY A 94 -2.52 -44.53 -32.24
N ALA A 95 -3.73 -44.06 -31.91
CA ALA A 95 -4.11 -42.70 -32.22
C ALA A 95 -3.44 -41.68 -31.30
N GLY A 96 -3.11 -42.07 -30.07
CA GLY A 96 -2.54 -41.15 -29.12
C GLY A 96 -1.10 -41.39 -28.75
N GLU A 97 -0.38 -42.26 -29.46
CA GLU A 97 1.00 -42.57 -29.08
C GLU A 97 1.94 -41.39 -29.35
N ALA A 98 1.62 -40.55 -30.32
CA ALA A 98 2.50 -39.43 -30.65
C ALA A 98 2.39 -38.29 -29.65
N SER A 99 1.21 -38.10 -29.06
CA SER A 99 1.00 -37.03 -28.09
C SER A 99 1.00 -37.53 -26.65
N LYS A 100 1.66 -38.67 -26.40
CA LYS A 100 1.87 -39.26 -25.07
C LYS A 100 0.55 -39.60 -24.37
N PHE A 101 -0.36 -40.20 -25.13
CA PHE A 101 -1.64 -40.70 -24.62
C PHE A 101 -1.66 -42.20 -24.86
N SER A 102 -1.45 -42.98 -23.81
CA SER A 102 -1.35 -44.43 -23.95
C SER A 102 -2.71 -45.05 -24.26
N ASP A 103 -2.67 -46.29 -24.75
CA ASP A 103 -3.91 -46.99 -25.07
C ASP A 103 -4.65 -47.42 -23.81
N ASP A 104 -3.93 -47.61 -22.71
CA ASP A 104 -4.57 -48.01 -21.47
C ASP A 104 -5.40 -46.90 -20.87
N HIS A 105 -4.99 -45.64 -21.05
CA HIS A 105 -5.80 -44.51 -20.65
C HIS A 105 -7.09 -44.43 -21.45
N TYR A 106 -7.02 -44.77 -22.74
CA TYR A 106 -8.21 -44.83 -23.59
C TYR A 106 -9.16 -45.93 -23.13
N ARG A 107 -8.66 -47.16 -23.01
CA ARG A 107 -9.56 -48.25 -22.65
C ARG A 107 -9.95 -48.27 -21.18
N ALA A 108 -9.32 -47.45 -20.34
CA ALA A 108 -9.77 -47.29 -18.96
C ALA A 108 -10.64 -46.07 -18.74
N ALA A 109 -10.56 -45.07 -19.62
CA ALA A 109 -11.44 -43.90 -19.50
C ALA A 109 -12.85 -44.19 -20.01
N GLY A 110 -13.03 -45.22 -20.82
CA GLY A 110 -14.35 -45.60 -21.26
C GLY A 110 -14.47 -45.92 -22.74
N ALA A 111 -13.36 -45.88 -23.45
CA ALA A 111 -13.39 -46.14 -24.89
C ALA A 111 -13.32 -47.63 -25.16
N GLN A 112 -13.17 -48.00 -26.43
CA GLN A 112 -13.07 -49.40 -26.81
C GLN A 112 -12.21 -49.45 -28.07
N ILE A 113 -11.00 -49.99 -27.92
CA ILE A 113 -9.97 -49.89 -28.95
C ILE A 113 -10.27 -50.84 -30.10
N GLN A 114 -10.34 -50.31 -31.32
CA GLN A 114 -10.48 -51.14 -32.51
C GLN A 114 -9.45 -50.77 -33.56
N GLY A 115 -9.60 -51.31 -34.77
CA GLY A 115 -8.64 -51.09 -35.83
C GLY A 115 -8.77 -49.76 -36.53
N ALA A 116 -8.62 -49.76 -37.85
CA ALA A 116 -8.59 -48.52 -38.63
C ALA A 116 -9.68 -48.42 -39.68
N LYS A 117 -10.09 -49.54 -40.28
CA LYS A 117 -11.11 -49.48 -41.32
C LYS A 117 -12.51 -49.35 -40.74
N GLU A 118 -12.74 -49.91 -39.56
CA GLU A 118 -14.06 -49.89 -38.94
C GLU A 118 -14.23 -48.73 -37.96
N VAL A 119 -13.18 -47.97 -37.66
CA VAL A 119 -13.36 -46.79 -36.83
C VAL A 119 -13.82 -45.62 -37.69
N LEU A 120 -13.50 -45.62 -38.98
CA LEU A 120 -13.97 -44.57 -39.89
C LEU A 120 -15.41 -44.79 -40.31
N ALA A 121 -15.94 -46.00 -40.18
CA ALA A 121 -17.34 -46.28 -40.48
C ALA A 121 -18.20 -46.14 -39.23
N SER A 122 -18.06 -45.01 -38.55
CA SER A 122 -18.82 -44.71 -37.34
C SER A 122 -19.83 -43.61 -37.63
N ASP A 123 -20.74 -43.42 -36.68
CA ASP A 123 -21.81 -42.46 -36.87
C ASP A 123 -21.35 -41.02 -36.72
N LEU A 124 -20.21 -40.78 -36.07
CA LEU A 124 -19.70 -39.41 -35.88
C LEU A 124 -18.18 -39.48 -35.81
N VAL A 125 -17.53 -39.26 -36.94
CA VAL A 125 -16.07 -39.34 -37.02
C VAL A 125 -15.48 -37.99 -36.62
N VAL A 126 -14.58 -38.02 -35.63
CA VAL A 126 -13.99 -36.80 -35.08
C VAL A 126 -12.48 -36.90 -35.26
N LYS A 127 -11.92 -36.04 -36.10
CA LYS A 127 -10.48 -36.06 -36.37
C LYS A 127 -9.97 -34.62 -36.45
N VAL A 128 -8.66 -34.48 -36.64
CA VAL A 128 -8.04 -33.17 -36.58
C VAL A 128 -8.04 -32.52 -37.96
N ARG A 129 -7.37 -33.13 -38.92
CA ARG A 129 -7.22 -32.56 -40.25
C ARG A 129 -8.25 -33.15 -41.21
N ALA A 130 -8.20 -32.69 -42.46
CA ALA A 130 -9.14 -33.15 -43.46
C ALA A 130 -8.82 -34.59 -43.88
N PRO A 131 -9.82 -35.38 -44.25
CA PRO A 131 -9.55 -36.76 -44.70
C PRO A 131 -8.85 -36.79 -46.04
N MET A 132 -7.63 -37.29 -46.04
CA MET A 132 -6.73 -37.27 -47.19
C MET A 132 -6.57 -38.67 -47.76
N LEU A 133 -5.70 -38.77 -48.77
CA LEU A 133 -5.42 -40.05 -49.41
C LEU A 133 -4.55 -40.91 -48.49
N ASN A 134 -5.01 -42.12 -48.20
CA ASN A 134 -4.29 -43.01 -47.30
C ASN A 134 -3.23 -43.77 -48.09
N PRO A 135 -1.94 -43.62 -47.80
CA PRO A 135 -0.92 -44.25 -48.64
C PRO A 135 -0.61 -45.68 -48.28
N THR A 136 -0.83 -46.08 -47.02
CA THR A 136 -0.48 -47.44 -46.60
C THR A 136 -1.44 -48.48 -47.17
N LEU A 137 -2.64 -48.07 -47.58
CA LEU A 137 -3.50 -48.89 -48.42
C LEU A 137 -4.30 -47.92 -49.27
N GLY A 138 -4.17 -48.03 -50.59
CA GLY A 138 -4.63 -46.98 -51.47
C GLY A 138 -6.13 -46.83 -51.55
N ILE A 139 -6.63 -45.80 -50.86
CA ILE A 139 -8.04 -45.45 -50.79
C ILE A 139 -8.11 -44.05 -50.19
N HIS A 140 -9.10 -43.26 -50.62
CA HIS A 140 -9.35 -42.00 -49.94
C HIS A 140 -10.11 -42.29 -48.65
N GLU A 141 -9.87 -41.47 -47.63
CA GLU A 141 -10.56 -41.68 -46.36
C GLU A 141 -12.02 -41.30 -46.42
N ALA A 142 -12.43 -40.50 -47.41
CA ALA A 142 -13.85 -40.23 -47.61
C ALA A 142 -14.59 -41.46 -48.12
N ASP A 143 -13.88 -42.42 -48.72
CA ASP A 143 -14.50 -43.65 -49.16
C ASP A 143 -14.76 -44.61 -48.00
N LEU A 144 -13.94 -44.54 -46.95
CA LEU A 144 -14.11 -45.40 -45.79
C LEU A 144 -15.14 -44.89 -44.81
N LEU A 145 -15.67 -43.68 -45.01
CA LEU A 145 -16.62 -43.10 -44.08
C LEU A 145 -17.97 -43.79 -44.18
N LYS A 146 -18.75 -43.65 -43.12
CA LYS A 146 -20.07 -44.27 -43.05
C LYS A 146 -21.06 -43.44 -43.82
N THR A 147 -21.94 -44.12 -44.57
CA THR A 147 -22.90 -43.44 -45.43
C THR A 147 -23.95 -42.72 -44.60
N SER A 148 -24.17 -41.44 -44.94
CA SER A 148 -25.03 -40.51 -44.19
C SER A 148 -24.57 -40.36 -42.74
N GLY A 149 -23.26 -40.18 -42.57
CA GLY A 149 -22.66 -39.93 -41.28
C GLY A 149 -22.37 -38.46 -41.07
N THR A 150 -21.52 -38.19 -40.08
CA THR A 150 -21.20 -36.81 -39.70
C THR A 150 -19.73 -36.73 -39.32
N LEU A 151 -19.06 -35.67 -39.76
CA LEU A 151 -17.62 -35.51 -39.59
C LEU A 151 -17.30 -34.21 -38.89
N ILE A 152 -16.27 -34.22 -38.04
CA ILE A 152 -15.81 -33.06 -37.27
C ILE A 152 -14.32 -32.92 -37.50
N SER A 153 -13.91 -31.95 -38.32
CA SER A 153 -12.48 -31.69 -38.50
C SER A 153 -12.28 -30.30 -39.10
N PHE A 154 -11.01 -29.91 -39.25
CA PHE A 154 -10.66 -28.78 -40.10
C PHE A 154 -10.90 -29.14 -41.55
N ILE A 155 -11.51 -28.23 -42.30
CA ILE A 155 -11.88 -28.48 -43.69
C ILE A 155 -11.23 -27.48 -44.64
N TYR A 156 -11.33 -26.17 -44.32
CA TYR A 156 -11.03 -25.03 -45.18
C TYR A 156 -11.76 -25.17 -46.52
N PRO A 157 -13.08 -24.96 -46.54
CA PRO A 157 -13.87 -25.34 -47.72
C PRO A 157 -13.66 -24.43 -48.92
N ALA A 158 -13.28 -23.17 -48.69
CA ALA A 158 -13.07 -22.25 -49.80
C ALA A 158 -11.83 -22.58 -50.61
N GLN A 159 -10.90 -23.36 -50.05
CA GLN A 159 -9.69 -23.75 -50.76
C GLN A 159 -9.70 -25.20 -51.20
N ASN A 160 -10.68 -25.99 -50.78
CA ASN A 160 -10.76 -27.41 -51.14
C ASN A 160 -12.15 -27.73 -51.65
N PRO A 161 -12.43 -27.45 -52.94
CA PRO A 161 -13.74 -27.82 -53.49
C PRO A 161 -13.80 -29.29 -53.89
N ASP A 162 -12.64 -29.85 -54.25
CA ASP A 162 -12.60 -31.22 -54.73
C ASP A 162 -12.83 -32.23 -53.61
N LEU A 163 -12.35 -31.91 -52.41
CA LEU A 163 -12.67 -32.75 -51.25
C LEU A 163 -14.16 -32.66 -50.90
N LEU A 164 -14.78 -31.51 -51.13
CA LEU A 164 -16.23 -31.42 -50.97
C LEU A 164 -16.96 -32.22 -52.04
N ASN A 165 -16.38 -32.33 -53.24
CA ASN A 165 -16.97 -33.20 -54.26
C ASN A 165 -16.81 -34.67 -53.89
N LYS A 166 -15.73 -35.04 -53.20
CA LYS A 166 -15.63 -36.40 -52.69
C LYS A 166 -16.64 -36.66 -51.57
N LEU A 167 -16.84 -35.67 -50.69
CA LEU A 167 -17.74 -35.88 -49.57
C LEU A 167 -19.22 -35.78 -49.93
N SER A 168 -19.56 -35.10 -51.03
CA SER A 168 -20.95 -34.96 -51.42
C SER A 168 -21.52 -36.26 -51.97
N LYS A 169 -20.66 -37.18 -52.44
CA LYS A 169 -21.14 -38.46 -52.93
C LYS A 169 -21.52 -39.42 -51.81
N ARG A 170 -20.88 -39.30 -50.65
CA ARG A 170 -21.20 -40.16 -49.52
C ARG A 170 -22.30 -39.61 -48.63
N ASN A 171 -22.91 -38.48 -49.01
CA ASN A 171 -24.13 -37.94 -48.41
C ASN A 171 -23.90 -37.60 -46.93
N THR A 172 -22.70 -37.11 -46.62
CA THR A 172 -22.26 -36.92 -45.25
C THR A 172 -22.50 -35.49 -44.78
N THR A 173 -22.35 -35.29 -43.48
CA THR A 173 -22.56 -34.00 -42.82
C THR A 173 -21.22 -33.51 -42.29
N VAL A 174 -20.88 -32.25 -42.57
CA VAL A 174 -19.56 -31.72 -42.30
C VAL A 174 -19.67 -30.55 -41.35
N LEU A 175 -18.91 -30.61 -40.25
CA LEU A 175 -18.79 -29.51 -39.28
C LEU A 175 -17.34 -29.03 -39.30
N ALA A 176 -17.10 -27.90 -39.95
CA ALA A 176 -15.75 -27.36 -40.03
C ALA A 176 -15.43 -26.58 -38.77
N MET A 177 -14.32 -26.95 -38.12
CA MET A 177 -13.94 -26.30 -36.87
C MET A 177 -13.38 -24.90 -37.09
N ASP A 178 -12.94 -24.58 -38.29
CA ASP A 178 -12.37 -23.27 -38.58
C ASP A 178 -13.41 -22.26 -39.01
N GLN A 179 -14.62 -22.70 -39.36
CA GLN A 179 -15.69 -21.80 -39.76
C GLN A 179 -16.58 -21.41 -38.60
N VAL A 180 -16.14 -21.63 -37.36
CA VAL A 180 -16.89 -21.24 -36.19
C VAL A 180 -16.87 -19.72 -36.08
N PRO A 181 -18.02 -19.05 -36.08
CA PRO A 181 -18.02 -17.58 -36.00
C PRO A 181 -17.60 -17.09 -34.62
N ARG A 182 -16.75 -16.07 -34.61
CA ARG A 182 -16.18 -15.57 -33.37
C ARG A 182 -17.17 -14.62 -32.72
N VAL A 183 -18.10 -15.21 -31.97
CA VAL A 183 -19.12 -14.47 -31.24
C VAL A 183 -18.86 -14.65 -29.75
N THR A 184 -19.69 -14.03 -28.91
CA THR A 184 -19.43 -14.02 -27.47
C THR A 184 -19.72 -15.39 -26.85
N ILE A 185 -20.70 -16.12 -27.36
CA ILE A 185 -21.11 -17.38 -26.73
C ILE A 185 -20.28 -18.56 -27.24
N ALA A 186 -19.19 -18.28 -27.96
CA ALA A 186 -18.40 -19.34 -28.58
C ALA A 186 -16.91 -19.15 -28.30
N GLN A 187 -16.54 -18.76 -27.08
CA GLN A 187 -15.14 -18.86 -26.69
C GLN A 187 -14.73 -20.28 -26.36
N GLY A 188 -15.68 -21.15 -26.00
CA GLY A 188 -15.34 -22.49 -25.58
C GLY A 188 -14.89 -23.38 -26.72
N TYR A 189 -15.44 -23.17 -27.91
CA TYR A 189 -15.08 -23.96 -29.09
C TYR A 189 -14.53 -23.01 -30.16
N ASP A 190 -13.24 -22.74 -30.07
CA ASP A 190 -12.53 -21.88 -31.01
C ASP A 190 -11.16 -22.51 -31.18
N ALA A 191 -11.04 -23.39 -32.19
CA ALA A 191 -9.81 -24.17 -32.34
C ALA A 191 -8.66 -23.34 -32.89
N LEU A 192 -8.95 -22.38 -33.78
CA LEU A 192 -7.89 -21.55 -34.36
C LEU A 192 -7.26 -20.64 -33.31
N SER A 193 -8.05 -20.17 -32.35
CA SER A 193 -7.49 -19.36 -31.26
C SER A 193 -6.58 -20.20 -30.37
N SER A 194 -6.94 -21.46 -30.13
CA SER A 194 -6.08 -22.36 -29.35
C SER A 194 -4.78 -22.67 -30.06
N MET A 195 -4.85 -22.93 -31.37
CA MET A 195 -3.64 -23.20 -32.14
C MET A 195 -2.76 -21.96 -32.24
N ALA A 196 -3.37 -20.77 -32.31
CA ALA A 196 -2.59 -19.53 -32.31
C ALA A 196 -1.93 -19.27 -30.97
N ASN A 197 -2.62 -19.59 -29.87
CA ASN A 197 -2.05 -19.45 -28.54
C ASN A 197 -0.85 -20.37 -28.34
N ILE A 198 -0.98 -21.62 -28.80
CA ILE A 198 0.10 -22.58 -28.66
C ILE A 198 1.28 -22.22 -29.56
N ALA A 199 1.00 -21.72 -30.77
CA ALA A 199 2.06 -21.27 -31.65
C ALA A 199 2.77 -20.05 -31.09
N GLY A 200 2.04 -19.15 -30.44
CA GLY A 200 2.66 -17.98 -29.86
C GLY A 200 3.53 -18.29 -28.65
N TYR A 201 3.13 -19.28 -27.86
CA TYR A 201 4.01 -19.71 -26.76
C TYR A 201 5.23 -20.46 -27.31
N LYS A 202 5.02 -21.32 -28.31
CA LYS A 202 6.11 -22.15 -28.82
C LYS A 202 7.13 -21.33 -29.58
N ALA A 203 6.71 -20.23 -30.20
CA ALA A 203 7.65 -19.37 -30.92
C ALA A 203 8.60 -18.66 -29.95
N VAL A 204 8.10 -18.25 -28.79
CA VAL A 204 8.98 -17.64 -27.80
C VAL A 204 9.89 -18.68 -27.17
N VAL A 205 9.35 -19.85 -26.82
CA VAL A 205 10.18 -20.85 -26.17
C VAL A 205 11.13 -21.55 -27.16
N LEU A 206 10.92 -21.34 -28.46
CA LEU A 206 11.80 -21.83 -29.51
C LEU A 206 12.76 -20.77 -30.02
N ALA A 207 12.47 -19.50 -29.77
CA ALA A 207 13.42 -18.42 -30.04
C ALA A 207 14.64 -18.54 -29.14
N ALA A 208 14.42 -18.53 -27.83
CA ALA A 208 15.41 -19.07 -26.90
C ALA A 208 15.53 -20.58 -27.14
N ASN A 209 16.68 -21.13 -26.75
CA ASN A 209 17.32 -22.41 -27.09
C ASN A 209 17.99 -22.32 -28.47
N HIS A 210 17.78 -21.25 -29.22
CA HIS A 210 18.55 -20.94 -30.42
C HIS A 210 19.26 -19.60 -30.33
N PHE A 211 18.70 -18.66 -29.59
CA PHE A 211 19.36 -17.39 -29.31
C PHE A 211 20.52 -17.62 -28.34
N GLY A 212 21.56 -16.82 -28.49
CA GLY A 212 22.84 -17.13 -27.88
C GLY A 212 22.96 -16.82 -26.40
N ARG A 213 22.15 -15.90 -25.88
CA ARG A 213 22.36 -15.44 -24.52
C ARG A 213 21.01 -15.31 -23.82
N PHE A 214 21.04 -14.67 -22.64
CA PHE A 214 19.89 -14.64 -21.75
C PHE A 214 18.77 -13.76 -22.30
N PHE A 215 17.54 -14.06 -21.88
CA PHE A 215 16.45 -13.10 -22.01
C PHE A 215 16.32 -12.21 -20.80
N THR A 216 16.69 -12.70 -19.62
CA THR A 216 16.37 -12.00 -18.38
C THR A 216 17.27 -10.79 -18.17
N GLY A 217 18.57 -11.02 -18.03
CA GLY A 217 19.48 -9.93 -17.73
C GLY A 217 19.50 -9.66 -16.24
N GLN A 218 20.69 -9.70 -15.65
CA GLN A 218 20.82 -9.49 -14.22
C GLN A 218 22.19 -8.89 -13.93
N ILE A 219 22.34 -8.35 -12.73
CA ILE A 219 23.60 -7.78 -12.28
C ILE A 219 24.29 -8.88 -11.50
N THR A 220 25.07 -9.68 -12.20
CA THR A 220 25.91 -10.68 -11.57
C THR A 220 27.16 -9.98 -11.04
N ALA A 221 27.81 -10.60 -10.04
CA ALA A 221 29.08 -10.09 -9.55
C ALA A 221 30.18 -10.17 -10.61
N ALA A 222 30.04 -11.07 -11.59
CA ALA A 222 30.98 -11.11 -12.70
C ALA A 222 30.80 -9.93 -13.64
N GLY A 223 29.61 -9.38 -13.72
CA GLY A 223 29.35 -8.24 -14.57
C GLY A 223 27.89 -8.15 -14.96
N LYS A 224 27.49 -6.97 -15.41
CA LYS A 224 26.11 -6.74 -15.81
C LYS A 224 25.85 -7.29 -17.21
N VAL A 225 24.69 -7.88 -17.39
CA VAL A 225 24.21 -8.26 -18.72
C VAL A 225 22.87 -7.59 -18.97
N PRO A 226 22.64 -7.03 -20.16
CA PRO A 226 21.36 -6.38 -20.43
C PRO A 226 20.32 -7.39 -20.88
N PRO A 227 19.03 -7.08 -20.75
CA PRO A 227 18.00 -7.98 -21.25
C PRO A 227 17.96 -7.99 -22.78
N ALA A 228 17.28 -8.99 -23.31
CA ALA A 228 17.10 -9.11 -24.75
C ALA A 228 15.88 -8.32 -25.18
N LYS A 229 15.99 -7.64 -26.32
CA LYS A 229 14.92 -6.83 -26.87
C LYS A 229 14.18 -7.61 -27.94
N ILE A 230 12.85 -7.66 -27.82
CA ILE A 230 12.01 -8.48 -28.69
C ILE A 230 10.96 -7.61 -29.34
N LEU A 231 10.89 -7.66 -30.67
CA LEU A 231 9.85 -6.99 -31.45
C LEU A 231 8.75 -7.98 -31.80
N ILE A 232 7.51 -7.56 -31.68
CA ILE A 232 6.35 -8.38 -32.03
C ILE A 232 5.55 -7.63 -33.08
N VAL A 233 5.36 -8.24 -34.23
CA VAL A 233 4.65 -7.60 -35.33
C VAL A 233 3.31 -8.30 -35.49
N GLY A 234 2.23 -7.57 -35.18
CA GLY A 234 0.90 -8.12 -35.30
C GLY A 234 0.37 -8.64 -33.98
N GLY A 235 -0.53 -7.91 -33.35
CA GLY A 235 -1.11 -8.37 -32.11
C GLY A 235 -2.43 -9.08 -32.33
N GLY A 236 -2.38 -10.40 -32.37
CA GLY A 236 -3.60 -11.18 -32.51
C GLY A 236 -3.84 -12.02 -31.28
N VAL A 237 -3.81 -13.34 -31.43
CA VAL A 237 -3.74 -14.24 -30.29
C VAL A 237 -2.32 -14.75 -30.09
N ALA A 238 -1.65 -15.10 -31.19
CA ALA A 238 -0.25 -15.49 -31.13
C ALA A 238 0.63 -14.33 -30.69
N GLY A 239 0.30 -13.10 -31.09
CA GLY A 239 1.07 -11.95 -30.68
C GLY A 239 0.98 -11.67 -29.19
N LEU A 240 -0.23 -11.76 -28.64
CA LEU A 240 -0.41 -11.54 -27.21
C LEU A 240 0.20 -12.67 -26.39
N ALA A 241 0.09 -13.92 -26.89
CA ALA A 241 0.72 -15.05 -26.21
C ALA A 241 2.23 -14.93 -26.22
N SER A 242 2.79 -14.46 -27.34
CA SER A 242 4.23 -14.26 -27.43
C SER A 242 4.70 -13.12 -26.53
N ALA A 243 3.91 -12.04 -26.46
CA ALA A 243 4.26 -10.92 -25.58
C ALA A 243 4.20 -11.33 -24.12
N GLY A 244 3.21 -12.14 -23.74
CA GLY A 244 3.12 -12.60 -22.36
C GLY A 244 4.24 -13.55 -21.99
N ALA A 245 4.51 -14.53 -22.85
CA ALA A 245 5.57 -15.49 -22.56
C ALA A 245 6.97 -14.89 -22.67
N ALA A 246 7.12 -13.77 -23.39
CA ALA A 246 8.40 -13.08 -23.43
C ALA A 246 8.56 -12.09 -22.29
N LYS A 247 7.45 -11.52 -21.79
CA LYS A 247 7.54 -10.60 -20.67
C LYS A 247 7.71 -11.34 -19.36
N SER A 248 7.16 -12.56 -19.26
CA SER A 248 7.34 -13.35 -18.04
C SER A 248 8.79 -13.81 -17.86
N MET A 249 9.53 -13.97 -18.96
CA MET A 249 10.93 -14.35 -18.89
C MET A 249 11.86 -13.17 -18.68
N GLY A 250 11.33 -11.95 -18.56
CA GLY A 250 12.13 -10.80 -18.23
C GLY A 250 12.77 -10.08 -19.39
N ALA A 251 12.16 -10.15 -20.57
CA ALA A 251 12.69 -9.44 -21.74
C ALA A 251 12.04 -8.07 -21.86
N ILE A 252 12.41 -7.34 -22.91
CA ILE A 252 11.83 -6.04 -23.23
C ILE A 252 11.06 -6.19 -24.53
N VAL A 253 9.74 -6.07 -24.46
CA VAL A 253 8.86 -6.30 -25.60
C VAL A 253 8.34 -4.95 -26.08
N ARG A 254 8.39 -4.73 -27.40
CA ARG A 254 8.04 -3.45 -28.02
C ARG A 254 7.12 -3.67 -29.22
N GLY A 255 6.04 -4.42 -29.01
CA GLY A 255 5.18 -4.82 -30.11
C GLY A 255 4.41 -3.69 -30.75
N PHE A 256 3.92 -3.96 -31.97
CA PHE A 256 3.19 -3.01 -32.79
C PHE A 256 2.10 -3.71 -33.57
N ASP A 257 0.94 -3.05 -33.70
CA ASP A 257 -0.13 -3.52 -34.54
C ASP A 257 -0.92 -2.32 -35.04
N THR A 258 -1.61 -2.52 -36.17
CA THR A 258 -2.33 -1.43 -36.83
C THR A 258 -3.63 -1.09 -36.11
N ARG A 259 -4.33 -2.11 -35.61
CA ARG A 259 -5.60 -1.87 -34.94
C ARG A 259 -5.37 -1.27 -33.56
N ALA A 260 -6.17 -0.27 -33.22
CA ALA A 260 -5.93 0.51 -32.00
C ALA A 260 -6.23 -0.25 -30.73
N ALA A 261 -7.04 -1.31 -30.80
CA ALA A 261 -7.28 -2.12 -29.62
C ALA A 261 -6.07 -2.99 -29.28
N ALA A 262 -5.33 -3.43 -30.30
CA ALA A 262 -4.20 -4.32 -30.06
C ALA A 262 -3.03 -3.58 -29.44
N LEU A 263 -2.86 -2.30 -29.73
CA LEU A 263 -1.83 -1.52 -29.03
C LEU A 263 -2.22 -1.29 -27.57
N GLU A 264 -3.52 -1.19 -27.29
CA GLU A 264 -3.96 -1.10 -25.90
C GLU A 264 -3.73 -2.42 -25.16
N GLN A 265 -3.91 -3.54 -25.85
CA GLN A 265 -3.59 -4.82 -25.23
C GLN A 265 -2.08 -5.02 -25.08
N PHE A 266 -1.29 -4.44 -25.98
CA PHE A 266 0.16 -4.40 -25.80
C PHE A 266 0.56 -3.60 -24.57
N LYS A 267 -0.03 -2.42 -24.38
CA LYS A 267 0.34 -1.64 -23.20
C LYS A 267 -0.30 -2.16 -21.92
N SER A 268 -1.29 -3.04 -22.02
CA SER A 268 -1.80 -3.72 -20.83
C SER A 268 -0.96 -4.94 -20.48
N LEU A 269 -0.35 -5.61 -21.48
CA LEU A 269 0.54 -6.73 -21.18
C LEU A 269 1.90 -6.31 -20.66
N GLY A 270 2.22 -5.02 -20.68
CA GLY A 270 3.52 -4.55 -20.24
C GLY A 270 4.52 -4.32 -21.35
N ALA A 271 4.08 -4.18 -22.58
CA ALA A 271 4.97 -3.99 -23.72
C ALA A 271 5.11 -2.50 -24.02
N GLU A 272 5.72 -2.18 -25.15
CA GLU A 272 5.90 -0.81 -25.58
C GLU A 272 5.21 -0.61 -26.93
N PRO A 273 4.05 0.05 -26.97
CA PRO A 273 3.34 0.21 -28.25
C PRO A 273 4.05 1.20 -29.17
N LEU A 274 4.42 0.74 -30.35
CA LEU A 274 5.06 1.58 -31.34
C LEU A 274 4.03 2.44 -32.05
N GLU A 275 4.50 3.28 -32.97
CA GLU A 275 3.62 4.20 -33.68
C GLU A 275 4.26 4.61 -34.98
N VAL A 276 3.43 4.90 -35.97
CA VAL A 276 3.87 5.46 -37.25
C VAL A 276 3.24 6.84 -37.42
N ASP A 277 3.87 7.64 -38.27
CA ASP A 277 3.40 9.00 -38.52
C ASP A 277 2.45 9.09 -39.71
N LEU A 278 1.45 8.21 -39.74
CA LEU A 278 0.35 8.27 -40.67
C LEU A 278 -0.88 7.72 -39.97
N LYS A 279 -1.97 8.49 -40.01
CA LYS A 279 -3.19 8.15 -39.29
C LYS A 279 -4.17 7.55 -40.29
N GLU A 280 -4.10 6.23 -40.45
CA GLU A 280 -5.02 5.49 -41.28
C GLU A 280 -5.74 4.46 -40.42
N SER A 281 -7.04 4.33 -40.61
CA SER A 281 -7.83 3.36 -39.87
C SER A 281 -7.47 1.95 -40.32
N GLY A 282 -6.92 1.16 -39.42
CA GLY A 282 -6.49 -0.18 -39.76
C GLY A 282 -7.61 -1.20 -39.85
N GLU A 283 -8.73 -0.96 -39.17
CA GLU A 283 -9.82 -1.91 -39.16
C GLU A 283 -10.55 -1.91 -40.49
N GLY A 284 -11.22 -3.04 -40.77
CA GLY A 284 -11.97 -3.19 -42.00
C GLY A 284 -13.47 -3.32 -41.77
N GLN A 285 -13.98 -4.54 -41.86
CA GLN A 285 -15.41 -4.80 -41.68
C GLN A 285 -15.77 -5.10 -40.24
N GLY A 286 -14.89 -5.78 -39.51
CA GLY A 286 -15.14 -6.11 -38.11
C GLY A 286 -13.87 -6.07 -37.32
N GLY A 287 -13.65 -7.09 -36.50
CA GLY A 287 -12.43 -7.16 -35.70
C GLY A 287 -11.20 -7.51 -36.48
N TYR A 288 -11.36 -8.05 -37.69
CA TYR A 288 -10.24 -8.41 -38.55
C TYR A 288 -9.65 -7.16 -39.20
N ALA A 289 -8.45 -7.32 -39.74
CA ALA A 289 -7.77 -6.23 -40.41
C ALA A 289 -8.15 -6.18 -41.88
N LYS A 290 -7.52 -5.27 -42.61
CA LYS A 290 -7.73 -5.13 -44.05
C LYS A 290 -6.39 -4.80 -44.70
N GLU A 291 -6.40 -4.71 -46.03
CA GLU A 291 -5.20 -4.35 -46.75
C GLU A 291 -4.90 -2.86 -46.61
N MET A 292 -3.63 -2.54 -46.45
CA MET A 292 -3.17 -1.18 -46.24
C MET A 292 -2.75 -0.54 -47.54
N SER A 293 -2.67 0.79 -47.54
CA SER A 293 -2.18 1.52 -48.69
C SER A 293 -0.68 1.32 -48.84
N LYS A 294 -0.18 1.64 -50.04
CA LYS A 294 1.24 1.43 -50.34
C LYS A 294 2.12 2.39 -49.56
N GLU A 295 1.66 3.62 -49.35
CA GLU A 295 2.42 4.60 -48.58
C GLU A 295 2.48 4.21 -47.11
N PHE A 296 1.39 3.63 -46.59
CA PHE A 296 1.40 3.18 -45.20
C PHE A 296 2.33 1.99 -45.01
N ILE A 297 2.37 1.08 -45.98
CA ILE A 297 3.30 -0.05 -45.93
C ILE A 297 4.73 0.44 -46.02
N GLU A 298 4.99 1.48 -46.84
CA GLU A 298 6.34 2.01 -46.95
C GLU A 298 6.77 2.73 -45.66
N ALA A 299 5.84 3.43 -45.00
CA ALA A 299 6.18 4.06 -43.73
C ALA A 299 6.38 3.03 -42.62
N GLU A 300 5.58 1.96 -42.64
CA GLU A 300 5.75 0.90 -41.65
C GLU A 300 7.06 0.16 -41.85
N MET A 301 7.48 -0.03 -43.10
CA MET A 301 8.77 -0.64 -43.37
C MET A 301 9.91 0.33 -43.04
N LYS A 302 9.67 1.64 -43.09
CA LYS A 302 10.66 2.59 -42.59
C LYS A 302 10.84 2.47 -41.09
N LEU A 303 9.73 2.33 -40.35
CA LEU A 303 9.79 2.09 -38.91
C LEU A 303 10.50 0.78 -38.59
N PHE A 304 10.19 -0.28 -39.34
CA PHE A 304 10.79 -1.59 -39.08
C PHE A 304 12.27 -1.63 -39.47
N ALA A 305 12.67 -0.88 -40.49
CA ALA A 305 14.09 -0.78 -40.82
C ALA A 305 14.82 0.10 -39.82
N GLN A 306 14.11 1.03 -39.17
CA GLN A 306 14.74 1.82 -38.11
C GLN A 306 14.96 0.99 -36.86
N GLN A 307 13.96 0.22 -36.44
CA GLN A 307 14.09 -0.57 -35.22
C GLN A 307 14.47 -2.02 -35.47
N CYS A 308 14.95 -2.35 -36.66
CA CYS A 308 15.47 -3.67 -36.93
C CYS A 308 16.95 -3.78 -36.58
N LYS A 309 17.61 -2.65 -36.37
CA LYS A 309 19.02 -2.59 -36.02
C LYS A 309 19.25 -2.55 -34.51
N GLU A 310 18.21 -2.75 -33.71
CA GLU A 310 18.34 -2.59 -32.26
C GLU A 310 17.79 -3.81 -31.51
N VAL A 311 16.85 -4.54 -32.11
CA VAL A 311 16.23 -5.68 -31.47
C VAL A 311 17.08 -6.91 -31.68
N ASP A 312 16.81 -7.96 -30.90
CA ASP A 312 17.53 -9.23 -30.98
C ASP A 312 16.66 -10.36 -31.47
N ILE A 313 15.41 -10.41 -31.05
CA ILE A 313 14.43 -11.39 -31.51
C ILE A 313 13.31 -10.61 -32.17
N LEU A 314 12.77 -11.11 -33.28
CA LEU A 314 11.56 -10.52 -33.81
C LEU A 314 10.62 -11.60 -34.27
N ILE A 315 9.34 -11.45 -33.91
CA ILE A 315 8.30 -12.41 -34.23
C ILE A 315 7.21 -11.69 -35.00
N SER A 316 6.99 -12.10 -36.24
CA SER A 316 5.98 -11.50 -37.11
C SER A 316 4.79 -12.43 -37.18
N THR A 317 3.61 -11.93 -36.80
CA THR A 317 2.38 -12.71 -36.80
C THR A 317 1.34 -12.13 -37.73
N ALA A 318 1.75 -11.28 -38.68
CA ALA A 318 0.79 -10.54 -39.49
C ALA A 318 0.10 -11.45 -40.49
N LEU A 319 -1.21 -11.37 -40.54
CA LEU A 319 -2.01 -12.27 -41.37
C LEU A 319 -3.35 -11.60 -41.65
N ILE A 320 -3.59 -11.27 -42.91
CA ILE A 320 -4.78 -10.53 -43.32
C ILE A 320 -5.77 -11.51 -43.95
N PRO A 321 -7.02 -11.55 -43.50
CA PRO A 321 -7.98 -12.51 -44.07
C PRO A 321 -8.36 -12.15 -45.49
N GLY A 322 -8.49 -13.17 -46.33
CA GLY A 322 -8.87 -13.02 -47.71
C GLY A 322 -7.76 -13.25 -48.71
N LYS A 323 -6.51 -13.02 -48.33
CA LYS A 323 -5.39 -13.17 -49.24
C LYS A 323 -4.12 -13.43 -48.43
N LYS A 324 -2.97 -13.34 -49.08
CA LYS A 324 -1.72 -13.77 -48.49
C LYS A 324 -1.19 -12.72 -47.51
N ALA A 325 -0.16 -13.12 -46.76
CA ALA A 325 0.40 -12.27 -45.73
C ALA A 325 1.20 -11.12 -46.34
N PRO A 326 1.19 -9.95 -45.72
CA PRO A 326 1.94 -8.82 -46.28
C PRO A 326 3.43 -8.95 -46.04
N ILE A 327 4.21 -8.66 -47.08
CA ILE A 327 5.67 -8.62 -46.94
C ILE A 327 6.03 -7.34 -46.19
N LEU A 328 6.73 -7.49 -45.07
CA LEU A 328 7.05 -6.36 -44.22
C LEU A 328 8.55 -6.16 -44.02
N PHE A 329 9.40 -7.06 -44.53
CA PHE A 329 10.84 -6.99 -44.30
C PHE A 329 11.55 -7.39 -45.57
N ASN A 330 12.45 -6.52 -46.06
CA ASN A 330 13.24 -6.83 -47.23
C ASN A 330 14.34 -7.84 -46.89
N LYS A 331 15.03 -8.30 -47.92
CA LYS A 331 16.17 -9.18 -47.70
C LYS A 331 17.42 -8.42 -47.27
N GLU A 332 17.46 -7.11 -47.49
CA GLU A 332 18.54 -6.28 -46.97
C GLU A 332 18.15 -5.60 -45.67
N MET A 333 16.87 -5.55 -45.35
CA MET A 333 16.42 -5.00 -44.08
C MET A 333 16.74 -5.95 -42.93
N ILE A 334 16.74 -7.26 -43.20
CA ILE A 334 16.92 -8.25 -42.14
C ILE A 334 18.38 -8.65 -41.97
N GLU A 335 19.24 -8.37 -42.94
CA GLU A 335 20.66 -8.67 -42.82
C GLU A 335 21.43 -7.59 -42.08
N SER A 336 20.78 -6.50 -41.69
CA SER A 336 21.41 -5.45 -40.91
C SER A 336 21.34 -5.70 -39.41
N MET A 337 20.86 -6.87 -39.01
CA MET A 337 20.76 -7.19 -37.59
C MET A 337 22.12 -7.66 -37.06
N LYS A 338 22.16 -7.96 -35.77
CA LYS A 338 23.39 -8.44 -35.16
C LYS A 338 23.66 -9.88 -35.58
N GLU A 339 24.93 -10.28 -35.47
CA GLU A 339 25.34 -11.63 -35.83
C GLU A 339 24.89 -12.57 -34.72
N GLY A 340 23.75 -13.22 -34.92
CA GLY A 340 23.28 -14.18 -33.94
C GLY A 340 21.82 -14.02 -33.58
N SER A 341 21.10 -13.21 -34.35
CA SER A 341 19.71 -12.96 -34.07
C SER A 341 18.84 -14.13 -34.54
N VAL A 342 17.65 -14.21 -33.95
CA VAL A 342 16.67 -15.24 -34.27
C VAL A 342 15.44 -14.54 -34.83
N VAL A 343 14.95 -15.03 -35.97
CA VAL A 343 13.83 -14.45 -36.66
C VAL A 343 12.79 -15.55 -36.86
N VAL A 344 11.64 -15.41 -36.23
CA VAL A 344 10.60 -16.43 -36.23
C VAL A 344 9.43 -15.90 -37.05
N ASP A 345 8.95 -16.71 -37.99
CA ASP A 345 7.85 -16.31 -38.87
C ASP A 345 6.67 -17.24 -38.67
N LEU A 346 5.60 -16.74 -38.05
CA LEU A 346 4.40 -17.52 -37.81
C LEU A 346 3.38 -17.39 -38.93
N ALA A 347 3.76 -16.85 -40.08
CA ALA A 347 2.88 -16.75 -41.23
C ALA A 347 3.47 -17.49 -42.44
N ALA A 348 4.30 -18.50 -42.17
CA ALA A 348 5.01 -19.20 -43.24
C ALA A 348 4.10 -20.06 -44.10
N GLU A 349 2.93 -20.44 -43.59
CA GLU A 349 2.00 -21.22 -44.40
C GLU A 349 1.34 -20.35 -45.46
N ALA A 350 0.75 -19.22 -45.04
CA ALA A 350 0.04 -18.32 -45.95
C ALA A 350 0.98 -17.23 -46.46
N GLY A 351 2.03 -17.65 -47.16
CA GLY A 351 2.99 -16.72 -47.69
C GLY A 351 4.18 -16.49 -46.78
N GLY A 352 4.14 -15.42 -46.02
CA GLY A 352 5.20 -15.08 -45.09
C GLY A 352 5.34 -13.58 -44.97
N ASN A 353 5.96 -13.16 -43.86
CA ASN A 353 6.25 -11.75 -43.65
C ASN A 353 7.68 -11.39 -44.00
N PHE A 354 8.36 -12.25 -44.77
CA PHE A 354 9.73 -12.02 -45.17
C PHE A 354 9.88 -12.50 -46.61
N GLU A 355 10.73 -11.82 -47.36
CA GLU A 355 11.11 -12.33 -48.67
C GLU A 355 12.30 -13.28 -48.59
N THR A 356 12.74 -13.62 -47.37
CA THR A 356 13.73 -14.67 -47.12
C THR A 356 13.22 -15.60 -46.02
N THR A 357 12.38 -16.57 -46.42
CA THR A 357 11.88 -17.58 -45.49
C THR A 357 11.61 -18.85 -46.29
N LYS A 358 12.40 -19.88 -46.03
CA LYS A 358 12.04 -21.21 -46.49
C LYS A 358 10.90 -21.71 -45.61
N PRO A 359 9.73 -22.02 -46.18
CA PRO A 359 8.51 -22.13 -45.36
C PRO A 359 8.39 -23.36 -44.48
N GLY A 360 9.44 -24.16 -44.33
CA GLY A 360 9.32 -25.30 -43.43
C GLY A 360 10.57 -25.71 -42.67
N GLU A 361 11.65 -24.94 -42.75
CA GLU A 361 12.92 -25.36 -42.18
C GLU A 361 13.58 -24.20 -41.45
N LEU A 362 14.60 -24.55 -40.66
CA LEU A 362 15.57 -23.58 -40.18
C LEU A 362 16.74 -23.48 -41.14
N TYR A 363 17.30 -22.28 -41.22
CA TYR A 363 18.59 -22.05 -41.87
C TYR A 363 19.19 -20.78 -41.31
N VAL A 364 20.51 -20.71 -41.35
CA VAL A 364 21.27 -19.58 -40.83
C VAL A 364 21.71 -18.77 -42.05
N HIS A 365 21.05 -17.63 -42.26
CA HIS A 365 21.29 -16.78 -43.42
C HIS A 365 22.16 -15.61 -42.98
N LYS A 366 23.48 -15.75 -43.19
CA LYS A 366 24.50 -14.75 -42.84
C LYS A 366 24.47 -14.41 -41.35
N GLY A 367 24.33 -15.45 -40.52
CA GLY A 367 24.40 -15.28 -39.09
C GLY A 367 23.08 -14.99 -38.39
N ILE A 368 21.96 -15.18 -39.05
CA ILE A 368 20.64 -14.94 -38.47
C ILE A 368 19.78 -16.16 -38.73
N THR A 369 19.31 -16.81 -37.66
CA THR A 369 18.54 -18.03 -37.81
C THR A 369 17.10 -17.71 -38.20
N HIS A 370 16.53 -18.51 -39.09
CA HIS A 370 15.16 -18.30 -39.58
C HIS A 370 14.30 -19.49 -39.18
N ILE A 371 13.47 -19.32 -38.15
CA ILE A 371 12.54 -20.36 -37.73
C ILE A 371 11.24 -20.13 -38.49
N GLY A 372 11.03 -20.93 -39.54
CA GLY A 372 9.86 -20.79 -40.38
C GLY A 372 8.99 -22.02 -40.40
N TYR A 373 8.76 -22.61 -39.22
CA TYR A 373 7.96 -23.83 -39.12
C TYR A 373 6.50 -23.55 -39.48
N THR A 374 5.89 -24.51 -40.18
CA THR A 374 4.48 -24.40 -40.53
C THR A 374 3.57 -25.10 -39.53
N ASP A 375 4.12 -25.93 -38.65
CA ASP A 375 3.32 -26.65 -37.64
C ASP A 375 3.95 -26.44 -36.26
N LEU A 376 3.61 -25.33 -35.64
CA LEU A 376 4.02 -25.07 -34.26
C LEU A 376 3.15 -25.78 -33.21
N PRO A 377 1.81 -25.87 -33.33
CA PRO A 377 1.07 -26.70 -32.35
C PRO A 377 1.32 -28.19 -32.49
N SER A 378 1.88 -28.66 -33.60
CA SER A 378 2.22 -30.08 -33.70
C SER A 378 3.48 -30.43 -32.91
N ARG A 379 4.29 -29.44 -32.54
CA ARG A 379 5.46 -29.69 -31.72
C ARG A 379 5.12 -29.76 -30.24
N MET A 380 3.93 -29.30 -29.85
CA MET A 380 3.44 -29.38 -28.48
C MET A 380 2.14 -30.18 -28.45
N ALA A 381 2.15 -31.36 -29.07
CA ALA A 381 0.93 -32.10 -29.40
C ALA A 381 0.09 -32.51 -28.20
N THR A 382 0.68 -32.58 -27.00
CA THR A 382 -0.11 -32.91 -25.82
C THR A 382 -1.05 -31.78 -25.44
N GLN A 383 -0.52 -30.56 -25.34
CA GLN A 383 -1.33 -29.41 -24.99
C GLN A 383 -2.33 -29.09 -26.10
N ALA A 384 -1.90 -29.26 -27.35
CA ALA A 384 -2.79 -29.04 -28.48
C ALA A 384 -3.91 -30.07 -28.52
N SER A 385 -3.60 -31.32 -28.19
CA SER A 385 -4.62 -32.36 -28.17
C SER A 385 -5.62 -32.14 -27.05
N THR A 386 -5.15 -31.71 -25.88
CA THR A 386 -6.07 -31.43 -24.77
C THR A 386 -6.97 -30.24 -25.07
N LEU A 387 -6.42 -29.15 -25.62
CA LEU A 387 -7.25 -27.99 -25.91
C LEU A 387 -8.22 -28.26 -27.06
N TYR A 388 -7.77 -29.00 -28.09
CA TYR A 388 -8.65 -29.33 -29.20
C TYR A 388 -9.75 -30.30 -28.78
N SER A 389 -9.44 -31.23 -27.87
CA SER A 389 -10.46 -32.11 -27.32
C SER A 389 -11.47 -31.34 -26.48
N ASN A 390 -11.01 -30.34 -25.73
CA ASN A 390 -11.93 -29.49 -24.97
C ASN A 390 -12.84 -28.69 -25.88
N ASN A 391 -12.30 -28.20 -27.01
CA ASN A 391 -13.13 -27.46 -27.96
C ASN A 391 -14.18 -28.36 -28.61
N ILE A 392 -13.80 -29.60 -28.95
CA ILE A 392 -14.76 -30.54 -29.54
C ILE A 392 -15.85 -30.92 -28.54
N THR A 393 -15.47 -31.12 -27.28
CA THR A 393 -16.43 -31.48 -26.25
C THR A 393 -17.42 -30.34 -25.99
N LYS A 394 -16.93 -29.10 -25.95
CA LYS A 394 -17.84 -27.98 -25.73
C LYS A 394 -18.70 -27.70 -26.96
N LEU A 395 -18.19 -27.97 -28.17
CA LEU A 395 -19.02 -27.84 -29.36
C LEU A 395 -20.15 -28.86 -29.36
N LEU A 396 -19.83 -30.14 -29.12
CA LEU A 396 -20.85 -31.17 -29.10
C LEU A 396 -21.81 -31.04 -27.92
N LYS A 397 -21.39 -30.36 -26.85
CA LYS A 397 -22.34 -30.04 -25.79
C LYS A 397 -23.24 -28.88 -26.17
N ALA A 398 -22.72 -27.89 -26.89
CA ALA A 398 -23.50 -26.71 -27.21
C ALA A 398 -24.48 -26.94 -28.34
N ILE A 399 -24.15 -27.76 -29.34
CA ILE A 399 -25.02 -27.90 -30.49
C ILE A 399 -26.25 -28.78 -30.21
N SER A 400 -26.21 -29.59 -29.15
CA SER A 400 -27.35 -30.42 -28.77
C SER A 400 -27.42 -30.46 -27.26
N PRO A 401 -28.15 -29.52 -26.64
CA PRO A 401 -28.19 -29.45 -25.18
C PRO A 401 -29.17 -30.40 -24.52
N ASP A 402 -29.87 -31.23 -25.29
CA ASP A 402 -30.87 -32.12 -24.72
C ASP A 402 -30.16 -33.28 -23.99
N LYS A 403 -30.91 -33.92 -23.09
CA LYS A 403 -30.36 -35.05 -22.36
C LYS A 403 -30.11 -36.23 -23.29
N ASP A 404 -31.10 -36.60 -24.11
CA ASP A 404 -30.85 -37.54 -25.21
C ASP A 404 -31.80 -37.24 -26.37
N ASN A 405 -31.38 -36.34 -27.26
CA ASN A 405 -31.97 -36.30 -28.60
C ASN A 405 -30.95 -36.19 -29.72
N PHE A 406 -29.93 -35.34 -29.54
CA PHE A 406 -28.95 -34.96 -30.56
C PHE A 406 -29.66 -34.53 -31.86
N TYR A 407 -30.40 -33.43 -31.76
CA TYR A 407 -31.26 -33.05 -32.88
C TYR A 407 -30.55 -32.18 -33.90
N PHE A 408 -29.91 -31.09 -33.45
CA PHE A 408 -28.94 -30.33 -34.23
C PHE A 408 -29.56 -29.70 -35.48
N GLU A 409 -30.45 -28.73 -35.23
CA GLU A 409 -31.22 -28.08 -36.28
C GLU A 409 -30.43 -26.95 -36.93
N VAL A 410 -30.49 -26.89 -38.26
CA VAL A 410 -29.88 -25.82 -39.05
C VAL A 410 -30.99 -24.92 -39.59
N LYS A 411 -30.91 -23.63 -39.28
CA LYS A 411 -31.90 -22.63 -39.73
C LYS A 411 -31.26 -21.68 -40.73
N ASP A 412 -32.02 -20.65 -41.12
CA ASP A 412 -31.52 -19.64 -42.05
C ASP A 412 -31.67 -18.24 -41.48
N ASP A 413 -32.74 -17.98 -40.72
CA ASP A 413 -32.95 -16.68 -40.10
C ASP A 413 -32.57 -16.80 -38.64
N PHE A 414 -31.68 -15.90 -38.18
CA PHE A 414 -31.12 -16.01 -36.85
C PHE A 414 -30.63 -14.64 -36.40
N ASP A 415 -30.63 -14.43 -35.08
CA ASP A 415 -30.04 -13.24 -34.51
C ASP A 415 -28.53 -13.40 -34.46
N PHE A 416 -27.82 -12.29 -34.52
CA PHE A 416 -26.36 -12.30 -34.47
C PHE A 416 -25.93 -12.63 -33.04
N GLY A 417 -25.63 -13.89 -32.79
CA GLY A 417 -25.16 -14.28 -31.47
C GLY A 417 -25.93 -15.42 -30.84
N THR A 418 -27.01 -15.84 -31.48
CA THR A 418 -27.73 -17.00 -30.99
C THR A 418 -27.04 -18.28 -31.46
N MET A 419 -27.60 -19.43 -31.07
CA MET A 419 -27.00 -20.70 -31.45
C MET A 419 -27.21 -21.00 -32.94
N GLY A 420 -28.27 -20.44 -33.53
CA GLY A 420 -28.50 -20.64 -34.96
C GLY A 420 -27.41 -20.04 -35.82
N HIS A 421 -26.79 -18.94 -35.36
CA HIS A 421 -25.65 -18.35 -36.05
C HIS A 421 -24.48 -19.32 -36.08
N VAL A 422 -24.18 -19.95 -34.94
CA VAL A 422 -23.07 -20.89 -34.83
C VAL A 422 -23.33 -22.13 -35.69
N ILE A 423 -24.55 -22.66 -35.62
CA ILE A 423 -24.87 -23.89 -36.35
C ILE A 423 -24.91 -23.62 -37.86
N ARG A 424 -25.36 -22.44 -38.27
CA ARG A 424 -25.39 -22.16 -39.70
C ARG A 424 -23.99 -21.85 -40.25
N GLY A 425 -23.18 -21.08 -39.51
CA GLY A 425 -21.85 -20.78 -39.99
C GLY A 425 -20.89 -21.95 -39.90
N THR A 426 -21.16 -22.92 -39.02
CA THR A 426 -20.24 -24.03 -38.81
C THR A 426 -20.49 -25.18 -39.78
N VAL A 427 -21.75 -25.47 -40.09
CA VAL A 427 -22.07 -26.54 -41.02
C VAL A 427 -21.74 -26.10 -42.44
N VAL A 428 -20.94 -26.88 -43.13
CA VAL A 428 -20.58 -26.64 -44.52
C VAL A 428 -21.42 -27.48 -45.46
N MET A 429 -21.57 -28.77 -45.15
CA MET A 429 -22.33 -29.69 -45.97
C MET A 429 -23.42 -30.33 -45.11
N LYS A 430 -24.67 -30.12 -45.52
CA LYS A 430 -25.82 -30.69 -44.83
C LYS A 430 -26.51 -31.67 -45.75
N ASP A 431 -26.30 -32.97 -45.48
CA ASP A 431 -26.93 -34.08 -46.20
C ASP A 431 -26.63 -34.05 -47.69
N GLY A 432 -25.35 -33.86 -48.03
CA GLY A 432 -24.86 -33.96 -49.37
C GLY A 432 -24.67 -32.64 -50.08
N GLN A 433 -25.57 -31.68 -49.88
CA GLN A 433 -25.47 -30.40 -50.57
C GLN A 433 -24.56 -29.45 -49.80
N VAL A 434 -23.91 -28.57 -50.54
CA VAL A 434 -22.99 -27.59 -49.97
C VAL A 434 -23.77 -26.32 -49.67
N ILE A 435 -23.78 -25.90 -48.41
CA ILE A 435 -24.48 -24.69 -47.99
C ILE A 435 -23.47 -23.73 -47.37
N PHE A 436 -22.24 -23.73 -47.90
CA PHE A 436 -21.11 -23.09 -47.23
C PHE A 436 -21.21 -21.57 -47.11
N PRO A 437 -21.56 -20.77 -48.17
CA PRO A 437 -21.68 -19.31 -47.92
C PRO A 437 -22.88 -18.99 -47.05
N ALA A 438 -22.63 -18.61 -45.82
CA ALA A 438 -23.70 -18.41 -44.85
C ALA A 438 -24.47 -17.13 -45.15
N PRO A 439 -25.77 -17.11 -44.86
CA PRO A 439 -26.56 -15.88 -45.06
C PRO A 439 -26.21 -14.79 -44.06
N THR A 440 -26.75 -13.61 -44.28
CA THR A 440 -26.51 -12.49 -43.39
C THR A 440 -27.32 -12.66 -42.10
N PRO A 441 -26.80 -12.17 -40.97
CA PRO A 441 -27.57 -12.21 -39.72
C PRO A 441 -28.72 -11.22 -39.68
N LYS A 442 -29.32 -11.08 -38.50
CA LYS A 442 -30.33 -10.06 -38.21
C LYS A 442 -29.61 -8.72 -37.96
N ASN A 443 -30.29 -7.74 -37.36
CA ASN A 443 -29.66 -6.50 -36.90
C ASN A 443 -28.49 -6.82 -35.99
N ILE A 444 -27.30 -6.51 -36.46
CA ILE A 444 -26.06 -6.94 -35.82
C ILE A 444 -25.79 -5.98 -34.67
N PRO A 445 -25.65 -6.48 -33.44
CA PRO A 445 -25.25 -5.57 -32.35
C PRO A 445 -23.85 -5.04 -32.51
N GLN A 446 -22.94 -5.82 -33.09
CA GLN A 446 -21.68 -5.48 -33.75
C GLN A 446 -20.60 -4.90 -32.82
N GLY A 447 -20.94 -4.63 -31.57
CA GLY A 447 -20.00 -4.08 -30.59
C GLY A 447 -19.34 -2.79 -31.00
N ALA A 448 -20.08 -1.87 -31.63
CA ALA A 448 -19.47 -0.66 -32.17
C ALA A 448 -18.94 0.31 -31.11
N PRO A 449 -19.60 0.52 -29.93
CA PRO A 449 -18.84 1.13 -28.82
C PRO A 449 -17.92 0.12 -28.15
N VAL A 450 -16.71 -0.05 -28.71
CA VAL A 450 -15.74 -0.97 -28.14
C VAL A 450 -15.28 -0.49 -26.77
N LYS A 451 -14.90 0.78 -26.67
CA LYS A 451 -14.52 1.37 -25.39
C LYS A 451 -15.77 1.59 -24.55
N GLN A 452 -16.11 0.63 -23.70
CA GLN A 452 -17.32 0.71 -22.91
C GLN A 452 -17.13 1.75 -21.81
N LYS A 453 -18.17 2.55 -21.59
CA LYS A 453 -18.14 3.60 -20.58
C LYS A 453 -18.16 2.96 -19.21
N THR A 454 -16.98 2.79 -18.61
CA THR A 454 -16.90 2.22 -17.28
C THR A 454 -17.41 3.21 -16.25
N VAL A 455 -17.63 2.73 -15.02
CA VAL A 455 -18.33 3.52 -14.02
C VAL A 455 -17.46 4.67 -13.54
N ALA A 456 -16.17 4.42 -13.34
CA ALA A 456 -15.27 5.47 -12.86
C ALA A 456 -14.94 6.50 -13.94
N GLU A 457 -15.21 6.20 -15.21
CA GLU A 457 -15.07 7.20 -16.26
C GLU A 457 -16.11 8.30 -16.11
N LEU A 458 -17.32 7.94 -15.67
CA LEU A 458 -18.42 8.90 -15.64
C LEU A 458 -18.30 9.90 -14.50
N GLU A 459 -17.74 9.53 -13.35
CA GLU A 459 -17.53 10.55 -12.32
C GLU A 459 -16.39 11.49 -12.68
N ALA A 460 -15.36 10.98 -13.37
CA ALA A 460 -14.31 11.86 -13.86
C ALA A 460 -14.81 12.79 -14.95
N GLU A 461 -15.80 12.36 -15.73
CA GLU A 461 -16.43 13.26 -16.68
C GLU A 461 -17.40 14.22 -16.02
N LYS A 462 -17.99 13.83 -14.88
CA LYS A 462 -18.86 14.72 -14.15
C LYS A 462 -18.07 15.78 -13.40
N ALA A 463 -16.82 15.49 -13.06
CA ALA A 463 -15.97 16.43 -12.34
C ALA A 463 -15.53 17.63 -13.18
N ALA A 464 -15.77 17.63 -14.49
CA ALA A 464 -15.42 18.74 -15.35
C ALA A 464 -16.50 19.81 -15.41
N THR A 465 -17.65 19.59 -14.78
CA THR A 465 -18.72 20.57 -14.71
C THR A 465 -18.57 21.46 -13.48
N ILE A 466 -17.49 21.29 -12.73
CA ILE A 466 -17.34 21.80 -11.37
C ILE A 466 -16.22 22.84 -11.40
N THR A 467 -16.22 23.70 -12.45
CA THR A 467 -15.29 24.80 -12.74
C THR A 467 -14.91 25.58 -11.47
N PRO A 468 -13.62 25.93 -11.31
CA PRO A 468 -13.11 26.30 -9.96
C PRO A 468 -13.68 27.57 -9.38
N PHE A 469 -14.29 28.44 -10.20
CA PHE A 469 -15.06 29.55 -9.66
C PHE A 469 -16.24 29.05 -8.85
N ARG A 470 -16.93 28.01 -9.33
CA ARG A 470 -18.04 27.48 -8.58
C ARG A 470 -17.60 26.66 -7.37
N LYS A 471 -16.42 26.01 -7.44
CA LYS A 471 -15.86 25.36 -6.27
C LYS A 471 -15.55 26.37 -5.17
N THR A 472 -14.88 27.47 -5.51
CA THR A 472 -14.56 28.48 -4.51
C THR A 472 -15.82 29.22 -4.04
N MET A 473 -16.82 29.38 -4.90
CA MET A 473 -18.05 30.05 -4.50
C MET A 473 -18.86 29.19 -3.54
N THR A 474 -18.99 27.88 -3.83
CA THR A 474 -19.70 27.02 -2.89
C THR A 474 -18.86 26.69 -1.66
N SER A 475 -17.55 26.93 -1.69
CA SER A 475 -16.78 26.87 -0.47
C SER A 475 -17.02 28.09 0.40
N ALA A 476 -17.05 29.27 -0.21
CA ALA A 476 -17.26 30.51 0.51
C ALA A 476 -18.70 30.69 0.99
N SER A 477 -19.66 30.02 0.37
CA SER A 477 -21.05 30.16 0.82
C SER A 477 -21.34 29.39 2.09
N VAL A 478 -20.67 28.25 2.28
CA VAL A 478 -20.84 27.45 3.49
C VAL A 478 -20.36 28.22 4.71
N TYR A 479 -19.23 28.93 4.58
CA TYR A 479 -18.69 29.64 5.72
C TYR A 479 -19.48 30.90 6.07
N THR A 480 -20.02 31.61 5.08
CA THR A 480 -20.89 32.73 5.44
C THR A 480 -22.22 32.24 6.01
N ALA A 481 -22.70 31.06 5.59
CA ALA A 481 -23.87 30.47 6.22
C ALA A 481 -23.59 30.14 7.69
N GLY A 482 -22.42 29.55 7.96
CA GLY A 482 -22.08 29.20 9.33
C GLY A 482 -21.84 30.40 10.22
N LEU A 483 -21.19 31.44 9.70
CA LEU A 483 -20.93 32.63 10.50
C LEU A 483 -22.20 33.44 10.70
N THR A 484 -23.13 33.47 9.74
CA THR A 484 -24.41 34.12 10.00
C THR A 484 -25.27 33.33 10.97
N GLY A 485 -25.14 32.00 10.99
CA GLY A 485 -25.80 31.23 12.04
C GLY A 485 -25.22 31.50 13.42
N ILE A 486 -23.91 31.71 13.50
CA ILE A 486 -23.28 32.09 14.76
C ILE A 486 -23.74 33.48 15.21
N LEU A 487 -23.90 34.41 14.26
CA LEU A 487 -24.45 35.72 14.59
C LEU A 487 -25.92 35.62 15.04
N GLY A 488 -26.68 34.70 14.44
CA GLY A 488 -28.05 34.49 14.87
C GLY A 488 -28.15 33.90 16.27
N LEU A 489 -27.23 32.99 16.61
CA LEU A 489 -27.15 32.51 17.99
C LEU A 489 -26.70 33.62 18.94
N GLY A 490 -25.91 34.58 18.47
CA GLY A 490 -25.48 35.66 19.33
C GLY A 490 -26.58 36.66 19.62
N ILE A 491 -27.43 36.92 18.62
CA ILE A 491 -28.52 37.88 18.81
C ILE A 491 -29.57 37.33 19.76
N ALA A 492 -29.94 36.07 19.61
CA ALA A 492 -30.98 35.44 20.43
C ALA A 492 -30.49 35.00 21.80
N ALA A 493 -29.29 35.35 22.20
CA ALA A 493 -28.77 34.91 23.49
C ALA A 493 -29.40 35.73 24.61
N PRO A 494 -30.03 35.10 25.60
CA PRO A 494 -30.62 35.85 26.70
C PRO A 494 -29.61 36.32 27.74
N ASN A 495 -28.57 35.53 28.00
CA ASN A 495 -27.63 35.85 29.07
C ASN A 495 -26.26 35.25 28.75
N LEU A 496 -25.39 35.24 29.76
CA LEU A 496 -24.01 34.78 29.59
C LEU A 496 -23.90 33.26 29.60
N ALA A 497 -24.74 32.59 30.39
CA ALA A 497 -24.67 31.14 30.52
C ALA A 497 -25.01 30.44 29.21
N PHE A 498 -25.89 31.03 28.41
CA PHE A 498 -26.20 30.48 27.10
C PHE A 498 -25.01 30.58 26.16
N SER A 499 -24.28 31.70 26.21
CA SER A 499 -23.10 31.87 25.37
C SER A 499 -21.99 30.91 25.78
N GLN A 500 -21.78 30.73 27.08
CA GLN A 500 -20.79 29.78 27.57
C GLN A 500 -21.15 28.36 27.18
N MET A 501 -22.45 28.02 27.20
CA MET A 501 -22.85 26.68 26.84
C MET A 501 -22.72 26.44 25.34
N VAL A 502 -22.92 27.48 24.53
CA VAL A 502 -22.70 27.35 23.08
C VAL A 502 -21.22 27.16 22.77
N THR A 503 -20.33 27.85 23.52
CA THR A 503 -18.89 27.67 23.30
C THR A 503 -18.42 26.26 23.67
N THR A 504 -18.84 25.76 24.84
CA THR A 504 -18.44 24.41 25.22
C THR A 504 -19.12 23.35 24.35
N PHE A 505 -20.30 23.66 23.79
CA PHE A 505 -20.93 22.76 22.83
C PHE A 505 -20.13 22.65 21.54
N GLY A 506 -19.67 23.78 21.00
CA GLY A 506 -18.91 23.74 19.76
C GLY A 506 -17.56 23.08 19.93
N LEU A 507 -16.88 23.36 21.05
CA LEU A 507 -15.59 22.72 21.30
C LEU A 507 -15.72 21.22 21.54
N ALA A 508 -16.75 20.79 22.30
CA ALA A 508 -16.97 19.37 22.51
C ALA A 508 -17.42 18.68 21.23
N GLY A 509 -18.09 19.40 20.32
CA GLY A 509 -18.44 18.80 19.05
C GLY A 509 -17.25 18.57 18.15
N ILE A 510 -16.27 19.50 18.17
CA ILE A 510 -15.06 19.28 17.40
C ILE A 510 -14.21 18.16 18.00
N VAL A 511 -14.17 18.07 19.34
CA VAL A 511 -13.49 16.96 20.02
C VAL A 511 -14.14 15.63 19.65
N GLY A 512 -15.48 15.58 19.67
CA GLY A 512 -16.20 14.40 19.26
C GLY A 512 -16.09 14.08 17.78
N TYR A 513 -15.82 15.08 16.95
CA TYR A 513 -15.54 14.80 15.54
C TYR A 513 -14.21 14.07 15.40
N HIS A 514 -13.16 14.62 16.02
CA HIS A 514 -11.84 14.04 15.81
C HIS A 514 -11.66 12.72 16.53
N THR A 515 -12.35 12.49 17.64
CA THR A 515 -12.11 11.25 18.38
C THR A 515 -12.85 10.05 17.81
N VAL A 516 -13.85 10.26 16.96
CA VAL A 516 -14.61 9.16 16.38
C VAL A 516 -14.00 8.69 15.07
N TRP A 517 -13.36 9.58 14.30
CA TRP A 517 -12.60 9.12 13.15
C TRP A 517 -11.35 8.36 13.54
N GLY A 518 -10.88 8.49 14.78
CA GLY A 518 -9.69 7.80 15.22
C GLY A 518 -9.89 6.37 15.67
N VAL A 519 -11.13 5.89 15.83
CA VAL A 519 -11.34 4.54 16.31
C VAL A 519 -10.99 3.54 15.21
N THR A 520 -10.65 2.33 15.62
CA THR A 520 -10.40 1.27 14.66
C THR A 520 -11.71 0.85 14.02
N PRO A 521 -11.73 0.63 12.69
CA PRO A 521 -12.94 0.10 12.04
C PRO A 521 -13.36 -1.29 12.50
N ALA A 522 -12.49 -2.04 13.16
CA ALA A 522 -12.89 -3.33 13.71
C ALA A 522 -13.68 -3.21 15.00
N LEU A 523 -13.80 -2.02 15.57
CA LEU A 523 -14.44 -1.81 16.86
C LEU A 523 -15.59 -0.82 16.77
N HIS A 524 -16.36 -0.84 15.67
CA HIS A 524 -17.48 0.08 15.58
C HIS A 524 -18.67 -0.35 16.41
N SER A 525 -18.85 -1.63 16.65
CA SER A 525 -19.94 -2.06 17.53
C SER A 525 -19.67 -1.92 19.03
N PRO A 526 -18.44 -2.13 19.56
CA PRO A 526 -18.19 -1.65 20.93
C PRO A 526 -18.28 -0.15 21.06
N LEU A 527 -18.04 0.60 19.97
CA LEU A 527 -18.28 2.04 19.96
C LEU A 527 -19.75 2.36 20.20
N MET A 528 -20.65 1.64 19.53
CA MET A 528 -22.07 1.91 19.70
C MET A 528 -22.56 1.46 21.07
N SER A 529 -22.05 0.32 21.57
CA SER A 529 -22.47 -0.13 22.88
C SER A 529 -21.97 0.80 23.98
N VAL A 530 -20.75 1.34 23.84
CA VAL A 530 -20.27 2.24 24.88
C VAL A 530 -20.90 3.62 24.77
N THR A 531 -21.36 4.03 23.58
CA THR A 531 -22.11 5.28 23.53
C THR A 531 -23.52 5.11 24.08
N ASN A 532 -24.12 3.93 23.95
CA ASN A 532 -25.36 3.68 24.67
C ASN A 532 -25.13 3.60 26.17
N ALA A 533 -23.95 3.17 26.60
CA ALA A 533 -23.64 3.20 28.03
C ALA A 533 -23.48 4.62 28.55
N ILE A 534 -22.75 5.45 27.81
CA ILE A 534 -22.50 6.83 28.24
C ILE A 534 -23.76 7.69 28.09
N SER A 535 -24.65 7.34 27.16
CA SER A 535 -25.92 8.07 27.03
C SER A 535 -26.91 7.76 28.15
N GLY A 536 -26.57 6.86 29.07
CA GLY A 536 -27.33 6.65 30.28
C GLY A 536 -27.11 7.70 31.34
N LEU A 537 -26.37 8.76 31.00
CA LEU A 537 -26.26 9.96 31.82
C LEU A 537 -27.47 10.88 31.70
N THR A 538 -28.57 10.43 31.08
CA THR A 538 -29.86 11.08 31.25
C THR A 538 -30.43 10.86 32.65
N ALA A 539 -29.82 9.99 33.46
CA ALA A 539 -30.17 9.90 34.88
C ALA A 539 -29.73 11.13 35.64
N VAL A 540 -28.70 11.82 35.16
CA VAL A 540 -28.26 13.07 35.76
C VAL A 540 -29.34 14.12 35.65
N GLY A 541 -30.01 14.18 34.50
CA GLY A 541 -31.17 15.04 34.35
C GLY A 541 -32.38 14.56 35.12
N GLY A 542 -32.44 13.27 35.43
CA GLY A 542 -33.56 12.77 36.21
C GLY A 542 -33.43 13.05 37.69
N LEU A 543 -32.19 13.07 38.19
CA LEU A 543 -31.98 13.26 39.63
C LEU A 543 -32.26 14.69 40.07
N VAL A 544 -32.00 15.66 39.20
CA VAL A 544 -32.14 17.06 39.59
C VAL A 544 -33.61 17.43 39.72
N LEU A 545 -34.47 16.85 38.88
CA LEU A 545 -35.90 17.07 38.92
C LEU A 545 -36.61 16.09 39.85
N MET A 546 -35.89 15.46 40.77
CA MET A 546 -36.42 14.40 41.61
C MET A 546 -36.41 14.87 43.05
N GLY A 547 -37.56 14.78 43.70
CA GLY A 547 -37.68 15.31 45.04
C GLY A 547 -38.70 14.55 45.86
N GLY A 548 -38.82 14.94 47.13
CA GLY A 548 -39.82 14.36 48.01
C GLY A 548 -39.27 13.57 49.17
N HIS A 549 -39.61 12.28 49.20
CA HIS A 549 -39.37 11.38 50.32
C HIS A 549 -39.15 9.99 49.77
N LEU A 550 -39.47 8.94 50.56
CA LEU A 550 -39.47 7.56 50.05
C LEU A 550 -40.24 7.38 48.74
N TYR A 551 -41.31 8.15 48.54
CA TYR A 551 -42.14 8.06 47.35
C TYR A 551 -42.32 9.45 46.76
N PRO A 552 -42.58 9.55 45.44
CA PRO A 552 -42.80 10.86 44.85
C PRO A 552 -44.09 11.50 45.32
N SER A 553 -44.07 12.83 45.42
CA SER A 553 -45.23 13.59 45.86
C SER A 553 -46.06 14.10 44.70
N THR A 554 -45.47 14.88 43.81
CA THR A 554 -46.18 15.45 42.66
C THR A 554 -45.90 14.62 41.42
N THR A 555 -46.65 14.94 40.35
CA THR A 555 -46.46 14.20 39.09
C THR A 555 -45.17 14.59 38.39
N SER A 556 -44.71 15.83 38.58
CA SER A 556 -43.44 16.25 37.98
C SER A 556 -42.27 15.54 38.65
N GLN A 557 -42.36 15.34 39.96
CA GLN A 557 -41.35 14.57 40.67
C GLN A 557 -41.48 13.07 40.40
N GLY A 558 -42.66 12.61 39.97
CA GLY A 558 -42.83 11.22 39.63
C GLY A 558 -42.39 10.86 38.24
N LEU A 559 -42.37 11.82 37.31
CA LEU A 559 -41.82 11.56 35.99
C LEU A 559 -40.31 11.39 36.05
N ALA A 560 -39.63 12.21 36.86
CA ALA A 560 -38.19 12.07 37.02
C ALA A 560 -37.82 11.13 38.14
N ALA A 561 -38.46 10.00 38.20
CA ALA A 561 -38.08 8.78 38.86
C ALA A 561 -38.20 7.60 37.91
N LEU A 562 -39.25 7.62 37.08
CA LEU A 562 -39.31 6.73 35.92
C LEU A 562 -38.19 7.03 34.94
N ALA A 563 -37.81 8.30 34.81
CA ALA A 563 -36.70 8.65 33.93
C ALA A 563 -35.36 8.14 34.49
N THR A 564 -35.15 8.29 35.79
CA THR A 564 -33.94 7.79 36.42
C THR A 564 -33.89 6.26 36.38
N PHE A 565 -35.04 5.62 36.55
CA PHE A 565 -35.17 4.17 36.44
C PHE A 565 -34.78 3.67 35.05
N ILE A 566 -35.47 4.15 34.01
CA ILE A 566 -35.22 3.63 32.67
C ILE A 566 -33.92 4.16 32.07
N SER A 567 -33.30 5.15 32.69
CA SER A 567 -31.99 5.59 32.23
C SER A 567 -30.85 4.88 32.94
N SER A 568 -31.08 4.32 34.13
CA SER A 568 -30.04 3.50 34.73
C SER A 568 -29.94 2.12 34.11
N VAL A 569 -30.88 1.74 33.25
CA VAL A 569 -30.78 0.47 32.54
C VAL A 569 -29.66 0.52 31.50
N ASN A 570 -29.54 1.68 30.82
CA ASN A 570 -28.56 1.86 29.75
C ASN A 570 -27.14 1.70 30.25
N ILE A 571 -26.87 2.19 31.46
CA ILE A 571 -25.51 2.21 32.00
C ILE A 571 -25.00 0.79 32.20
N ALA A 572 -25.71 0.01 33.02
CA ALA A 572 -25.32 -1.36 33.32
C ALA A 572 -25.37 -2.22 32.07
N GLY A 573 -26.37 -2.02 31.21
CA GLY A 573 -26.48 -2.81 30.00
C GLY A 573 -25.34 -2.57 29.03
N GLY A 574 -25.05 -1.30 28.75
CA GLY A 574 -23.99 -0.99 27.81
C GLY A 574 -22.61 -1.34 28.32
N PHE A 575 -22.35 -1.13 29.62
CA PHE A 575 -21.02 -1.48 30.11
C PHE A 575 -20.81 -2.99 30.22
N LEU A 576 -21.85 -3.77 30.56
CA LEU A 576 -21.68 -5.22 30.49
C LEU A 576 -21.54 -5.73 29.07
N VAL A 577 -22.30 -5.19 28.12
CA VAL A 577 -22.18 -5.77 26.78
C VAL A 577 -20.87 -5.34 26.13
N THR A 578 -20.35 -4.15 26.48
CA THR A 578 -19.04 -3.75 26.01
C THR A 578 -17.94 -4.60 26.65
N GLN A 579 -18.08 -4.92 27.94
CA GLN A 579 -17.10 -5.76 28.60
C GLN A 579 -17.13 -7.19 28.06
N ARG A 580 -18.31 -7.70 27.72
CA ARG A 580 -18.41 -9.04 27.14
C ARG A 580 -17.95 -9.08 25.69
N MET A 581 -17.94 -7.95 25.00
CA MET A 581 -17.39 -7.95 23.65
C MET A 581 -15.89 -7.73 23.61
N LEU A 582 -15.34 -6.89 24.49
CA LEU A 582 -13.92 -6.59 24.43
C LEU A 582 -13.04 -7.74 24.93
N ASP A 583 -13.57 -8.65 25.73
CA ASP A 583 -12.76 -9.78 26.16
C ASP A 583 -12.88 -10.97 25.22
N MET A 584 -13.69 -10.86 24.16
CA MET A 584 -13.63 -11.84 23.08
C MET A 584 -12.56 -11.51 22.07
N PHE A 585 -12.04 -10.29 22.07
CA PHE A 585 -10.93 -9.91 21.21
C PHE A 585 -9.57 -10.24 21.82
N LYS A 586 -9.53 -10.70 23.06
CA LYS A 586 -8.28 -11.08 23.70
C LYS A 586 -7.83 -12.41 23.14
N ARG A 587 -6.70 -12.41 22.44
CA ARG A 587 -6.14 -13.65 21.91
C ARG A 587 -5.57 -14.48 23.07
N PRO A 588 -5.61 -15.82 22.96
CA PRO A 588 -5.14 -16.65 24.07
C PRO A 588 -3.64 -16.61 24.29
N THR A 589 -2.86 -16.08 23.35
CA THR A 589 -1.43 -15.91 23.53
C THR A 589 -1.06 -14.51 24.03
N ASP A 590 -2.05 -13.66 24.31
CA ASP A 590 -1.78 -12.33 24.81
C ASP A 590 -1.25 -12.38 26.24
N PRO A 591 -0.46 -11.38 26.66
CA PRO A 591 -0.01 -11.34 28.05
C PRO A 591 -1.17 -11.08 28.99
N PRO A 592 -1.06 -11.49 30.26
CA PRO A 592 -2.15 -11.26 31.20
C PRO A 592 -2.34 -9.78 31.50
N GLU A 593 -3.59 -9.38 31.64
CA GLU A 593 -3.94 -7.97 31.81
C GLU A 593 -4.59 -7.79 33.17
N TYR A 594 -4.00 -6.94 34.00
CA TYR A 594 -4.44 -6.71 35.37
C TYR A 594 -5.25 -5.41 35.38
N ASN A 595 -6.50 -5.50 34.93
CA ASN A 595 -7.33 -4.31 34.78
C ASN A 595 -7.84 -3.76 36.10
N TYR A 596 -7.80 -4.57 37.17
CA TYR A 596 -8.29 -4.15 38.48
C TYR A 596 -7.48 -2.99 39.06
N LEU A 597 -6.26 -2.76 38.56
CA LEU A 597 -5.48 -1.59 38.93
C LEU A 597 -6.17 -0.27 38.58
N TYR A 598 -7.09 -0.28 37.61
CA TYR A 598 -7.85 0.93 37.33
C TYR A 598 -8.93 1.22 38.37
N LEU A 599 -9.04 0.41 39.43
CA LEU A 599 -9.75 0.85 40.63
C LEU A 599 -8.97 1.88 41.42
N LEU A 600 -7.69 2.07 41.14
CA LEU A 600 -6.90 3.09 41.82
C LEU A 600 -7.23 4.53 41.38
N PRO A 601 -7.43 4.86 40.09
CA PRO A 601 -7.92 6.23 39.80
C PRO A 601 -9.33 6.50 40.29
N ALA A 602 -10.24 5.53 40.16
CA ALA A 602 -11.64 5.75 40.50
C ALA A 602 -11.82 6.06 41.98
N GLY A 603 -11.20 5.25 42.86
CA GLY A 603 -11.17 5.54 44.27
C GLY A 603 -10.44 6.83 44.62
N THR A 604 -9.52 7.26 43.77
CA THR A 604 -8.92 8.57 43.99
C THR A 604 -9.81 9.68 43.47
N PHE A 605 -10.61 9.40 42.44
CA PHE A 605 -11.42 10.44 41.85
C PHE A 605 -12.73 10.62 42.63
N VAL A 606 -13.57 9.57 42.63
CA VAL A 606 -14.85 9.61 43.33
C VAL A 606 -14.63 9.76 44.84
N GLY A 607 -13.72 8.95 45.39
CA GLY A 607 -13.33 9.09 46.78
C GLY A 607 -12.62 10.39 47.08
N GLY A 608 -12.03 11.04 46.07
CA GLY A 608 -11.51 12.36 46.30
C GLY A 608 -12.56 13.44 46.29
N TYR A 609 -13.71 13.17 45.67
CA TYR A 609 -14.80 14.13 45.71
C TYR A 609 -15.44 14.15 47.09
N LEU A 610 -15.72 12.95 47.64
CA LEU A 610 -16.43 12.83 48.91
C LEU A 610 -15.62 13.41 50.06
N ALA A 611 -14.31 13.15 50.07
CA ALA A 611 -13.44 13.76 51.06
C ALA A 611 -13.35 15.27 50.88
N SER A 612 -13.51 15.75 49.65
CA SER A 612 -13.60 17.18 49.41
C SER A 612 -15.00 17.70 49.64
N LEU A 613 -15.99 16.82 49.76
CA LEU A 613 -17.35 17.23 50.08
C LEU A 613 -17.57 17.22 51.58
N TYR A 614 -16.88 16.34 52.30
CA TYR A 614 -16.93 16.36 53.76
C TYR A 614 -16.22 17.58 54.32
N SER A 615 -15.18 18.06 53.63
CA SER A 615 -14.40 19.19 54.12
C SER A 615 -15.01 20.54 53.78
N GLY A 616 -16.15 20.57 53.11
CA GLY A 616 -16.84 21.82 52.86
C GLY A 616 -16.37 22.58 51.64
N TYR A 617 -16.40 21.94 50.47
CA TYR A 617 -16.07 22.59 49.22
C TYR A 617 -17.19 22.31 48.21
N ASN A 618 -17.00 22.80 46.99
CA ASN A 618 -17.99 22.67 45.91
C ASN A 618 -17.22 22.47 44.62
N ILE A 619 -17.06 21.20 44.22
CA ILE A 619 -16.16 20.84 43.13
C ILE A 619 -16.96 20.31 41.94
N GLU A 620 -18.25 20.67 41.84
CA GLU A 620 -19.12 20.02 40.87
C GLU A 620 -18.82 20.45 39.44
N GLN A 621 -18.45 21.73 39.23
CA GLN A 621 -18.16 22.21 37.90
C GLN A 621 -16.81 21.73 37.37
N ILE A 622 -15.99 21.11 38.22
CA ILE A 622 -14.70 20.58 37.81
C ILE A 622 -14.82 19.06 37.74
N MET A 623 -15.68 18.48 38.60
CA MET A 623 -16.02 17.08 38.47
C MET A 623 -16.76 16.80 37.17
N TYR A 624 -17.56 17.76 36.69
CA TYR A 624 -18.20 17.61 35.40
C TYR A 624 -17.19 17.61 34.26
N LEU A 625 -16.14 18.44 34.37
CA LEU A 625 -15.07 18.42 33.39
C LEU A 625 -14.30 17.11 33.41
N GLY A 626 -13.99 16.60 34.61
CA GLY A 626 -13.28 15.34 34.72
C GLY A 626 -14.07 14.17 34.19
N SER A 627 -15.37 14.15 34.45
CA SER A 627 -16.25 13.11 33.91
C SER A 627 -16.36 13.18 32.39
N GLY A 628 -16.44 14.39 31.84
CA GLY A 628 -16.49 14.53 30.40
C GLY A 628 -15.19 14.13 29.72
N LEU A 629 -14.06 14.44 30.35
CA LEU A 629 -12.77 14.04 29.78
C LEU A 629 -12.58 12.53 29.86
N CYS A 630 -13.08 11.89 30.92
CA CYS A 630 -13.05 10.44 30.99
C CYS A 630 -13.96 9.81 29.94
N CYS A 631 -15.10 10.43 29.64
CA CYS A 631 -15.95 9.92 28.57
C CYS A 631 -15.32 10.12 27.19
N VAL A 632 -14.54 11.19 26.99
CA VAL A 632 -13.82 11.35 25.73
C VAL A 632 -12.71 10.31 25.62
N GLY A 633 -11.97 10.08 26.70
CA GLY A 633 -10.92 9.08 26.69
C GLY A 633 -11.42 7.65 26.65
N ALA A 634 -12.71 7.43 26.94
CA ALA A 634 -13.29 6.12 26.70
C ALA A 634 -13.42 5.81 25.22
N LEU A 635 -13.71 6.81 24.39
CA LEU A 635 -13.75 6.59 22.96
C LEU A 635 -12.34 6.67 22.36
N ALA A 636 -11.49 7.54 22.90
CA ALA A 636 -10.15 7.70 22.37
C ALA A 636 -9.29 6.48 22.65
N GLY A 637 -9.58 5.75 23.72
CA GLY A 637 -8.88 4.51 24.01
C GLY A 637 -9.31 3.35 23.14
N LEU A 638 -10.44 3.47 22.47
CA LEU A 638 -10.98 2.43 21.61
C LEU A 638 -10.48 2.61 20.18
N SER A 639 -9.17 2.71 20.03
CA SER A 639 -8.57 3.14 18.77
C SER A 639 -7.39 2.32 18.32
N THR A 640 -6.79 1.49 19.18
CA THR A 640 -5.60 0.75 18.79
C THR A 640 -5.58 -0.68 19.28
N GLN A 641 -6.69 -1.19 19.82
CA GLN A 641 -6.99 -2.60 20.14
C GLN A 641 -6.19 -3.10 21.36
N GLY A 642 -5.23 -2.33 21.83
CA GLY A 642 -4.47 -2.71 23.00
C GLY A 642 -4.91 -1.89 24.19
N THR A 643 -5.50 -0.73 23.91
CA THR A 643 -6.04 0.15 24.95
C THR A 643 -7.55 0.10 25.02
N ALA A 644 -8.16 -0.96 24.48
CA ALA A 644 -9.62 -1.04 24.42
C ALA A 644 -10.22 -1.25 25.80
N ARG A 645 -9.58 -2.06 26.64
CA ARG A 645 -10.07 -2.27 27.99
C ARG A 645 -9.83 -1.06 28.89
N LEU A 646 -8.87 -0.20 28.53
CA LEU A 646 -8.75 1.10 29.20
C LEU A 646 -9.93 2.00 28.88
N GLY A 647 -10.38 1.99 27.63
CA GLY A 647 -11.46 2.84 27.17
C GLY A 647 -12.84 2.34 27.53
N ASN A 648 -12.94 1.36 28.40
CA ASN A 648 -14.18 1.02 29.07
C ASN A 648 -14.15 1.43 30.53
N ALA A 649 -13.01 1.23 31.19
CA ALA A 649 -12.84 1.64 32.58
C ALA A 649 -12.87 3.16 32.72
N LEU A 650 -12.35 3.89 31.74
CA LEU A 650 -12.43 5.35 31.80
C LEU A 650 -13.87 5.84 31.67
N GLY A 651 -14.67 5.17 30.84
CA GLY A 651 -16.08 5.51 30.76
C GLY A 651 -16.84 5.19 32.03
N MET A 652 -16.48 4.08 32.69
CA MET A 652 -17.06 3.76 33.99
C MET A 652 -16.71 4.82 35.04
N ILE A 653 -15.45 5.28 35.05
CA ILE A 653 -15.03 6.31 36.01
C ILE A 653 -15.74 7.62 35.74
N GLY A 654 -15.94 7.96 34.47
CA GLY A 654 -16.65 9.19 34.14
C GLY A 654 -18.12 9.15 34.53
N VAL A 655 -18.79 8.01 34.30
CA VAL A 655 -20.19 7.89 34.69
C VAL A 655 -20.33 7.91 36.21
N ALA A 656 -19.45 7.23 36.94
CA ALA A 656 -19.51 7.22 38.40
C ALA A 656 -19.21 8.60 38.98
N GLY A 657 -18.26 9.33 38.37
CA GLY A 657 -17.96 10.66 38.86
C GLY A 657 -19.08 11.65 38.59
N GLY A 658 -19.74 11.52 37.44
CA GLY A 658 -20.88 12.39 37.16
C GLY A 658 -22.06 12.14 38.07
N LEU A 659 -22.38 10.85 38.33
CA LEU A 659 -23.46 10.54 39.25
C LEU A 659 -23.15 10.98 40.68
N ALA A 660 -21.90 10.77 41.12
CA ALA A 660 -21.50 11.16 42.47
C ALA A 660 -21.51 12.68 42.62
N ALA A 661 -21.09 13.41 41.61
CA ALA A 661 -21.10 14.87 41.68
C ALA A 661 -22.51 15.42 41.65
N THR A 662 -23.42 14.80 40.90
CA THR A 662 -24.82 15.23 40.90
C THR A 662 -25.47 14.99 42.26
N LEU A 663 -25.24 13.81 42.85
CA LEU A 663 -25.80 13.49 44.16
C LEU A 663 -25.20 14.35 45.25
N GLY A 664 -23.91 14.69 45.15
CA GLY A 664 -23.30 15.55 46.14
C GLY A 664 -23.69 17.01 45.98
N GLY A 665 -24.03 17.43 44.76
CA GLY A 665 -24.50 18.78 44.56
C GLY A 665 -25.93 18.99 45.03
N LEU A 666 -26.77 17.95 44.93
CA LEU A 666 -28.15 18.11 45.35
C LEU A 666 -28.29 18.21 46.86
N LYS A 667 -27.49 17.42 47.61
CA LYS A 667 -27.51 17.24 49.06
C LYS A 667 -28.91 16.90 49.57
N PRO A 668 -29.41 15.69 49.32
CA PRO A 668 -30.79 15.38 49.67
C PRO A 668 -30.92 14.94 51.13
N CYS A 669 -32.17 14.85 51.57
CA CYS A 669 -32.47 14.22 52.85
C CYS A 669 -32.22 12.72 52.73
N PRO A 670 -31.97 12.02 53.85
CA PRO A 670 -31.69 10.58 53.76
C PRO A 670 -32.86 9.72 53.28
N GLU A 671 -34.07 10.26 53.20
CA GLU A 671 -35.18 9.51 52.64
C GLU A 671 -35.33 9.72 51.14
N LEU A 672 -34.84 10.84 50.60
CA LEU A 672 -34.82 11.03 49.16
C LEU A 672 -33.65 10.29 48.52
N LEU A 673 -32.51 10.21 49.22
CA LEU A 673 -31.38 9.44 48.74
C LEU A 673 -31.71 7.95 48.68
N ALA A 674 -32.60 7.48 49.57
CA ALA A 674 -33.05 6.10 49.50
C ALA A 674 -33.90 5.85 48.27
N GLN A 675 -34.72 6.83 47.88
CA GLN A 675 -35.50 6.72 46.66
C GLN A 675 -34.60 6.70 45.43
N MET A 676 -33.60 7.59 45.40
CA MET A 676 -32.69 7.67 44.26
C MET A 676 -31.84 6.41 44.14
N SER A 677 -31.33 5.90 45.26
CA SER A 677 -30.54 4.67 45.22
C SER A 677 -31.40 3.47 44.87
N GLY A 678 -32.66 3.43 45.31
CA GLY A 678 -33.53 2.34 44.93
C GLY A 678 -33.87 2.33 43.46
N ALA A 679 -34.14 3.51 42.89
CA ALA A 679 -34.44 3.61 41.46
C ALA A 679 -33.24 3.21 40.61
N MET A 680 -32.06 3.75 40.92
CA MET A 680 -30.88 3.39 40.15
C MET A 680 -30.47 1.95 40.35
N ALA A 681 -30.67 1.39 41.55
CA ALA A 681 -30.31 0.01 41.80
C ALA A 681 -31.23 -0.95 41.07
N LEU A 682 -32.53 -0.66 41.03
CA LEU A 682 -33.46 -1.54 40.33
C LEU A 682 -33.26 -1.47 38.81
N GLY A 683 -33.04 -0.26 38.27
CA GLY A 683 -32.73 -0.14 36.86
C GLY A 683 -31.43 -0.81 36.47
N GLY A 684 -30.40 -0.68 37.32
CA GLY A 684 -29.14 -1.33 37.06
C GLY A 684 -29.21 -2.84 37.16
N THR A 685 -30.04 -3.35 38.07
CA THR A 685 -30.24 -4.80 38.18
C THR A 685 -30.90 -5.34 36.92
N ILE A 686 -31.90 -4.64 36.38
CA ILE A 686 -32.52 -5.05 35.13
C ILE A 686 -31.53 -4.98 33.96
N GLY A 687 -30.69 -3.96 33.94
CA GLY A 687 -29.69 -3.84 32.89
C GLY A 687 -28.63 -4.95 32.94
N LEU A 688 -28.16 -5.28 34.15
CA LEU A 688 -27.19 -6.35 34.30
C LEU A 688 -27.80 -7.72 33.99
N THR A 689 -29.09 -7.90 34.25
CA THR A 689 -29.68 -9.21 33.98
C THR A 689 -30.22 -9.34 32.56
N ILE A 690 -30.32 -8.27 31.78
CA ILE A 690 -30.60 -8.43 30.36
C ILE A 690 -29.37 -8.23 29.50
N ALA A 691 -28.25 -7.85 30.09
CA ALA A 691 -27.02 -7.64 29.34
C ALA A 691 -26.10 -8.86 29.33
N LYS A 692 -26.44 -9.93 30.05
CA LYS A 692 -25.60 -11.11 30.07
C LYS A 692 -26.35 -12.38 29.72
N ARG A 693 -27.63 -12.29 29.36
CA ARG A 693 -28.39 -13.44 28.92
C ARG A 693 -28.57 -13.49 27.41
N ILE A 694 -28.09 -12.48 26.68
CA ILE A 694 -28.31 -12.42 25.25
C ILE A 694 -27.09 -12.99 24.52
N GLN A 695 -27.30 -13.34 23.26
CA GLN A 695 -26.19 -13.66 22.36
C GLN A 695 -25.75 -12.40 21.64
N ILE A 696 -24.49 -12.42 21.18
CA ILE A 696 -23.91 -11.26 20.54
C ILE A 696 -24.53 -11.01 19.17
N SER A 697 -25.00 -12.07 18.51
CA SER A 697 -25.70 -11.92 17.24
C SER A 697 -27.07 -11.25 17.40
N ASP A 698 -27.60 -11.21 18.63
CA ASP A 698 -28.79 -10.43 18.95
C ASP A 698 -28.44 -9.04 19.45
N LEU A 699 -27.24 -8.57 19.18
CA LEU A 699 -26.82 -7.24 19.63
C LEU A 699 -27.56 -6.05 18.99
N PRO A 700 -27.89 -6.01 17.67
CA PRO A 700 -28.60 -4.82 17.15
C PRO A 700 -29.93 -4.51 17.80
N GLN A 701 -30.74 -5.54 18.12
CA GLN A 701 -32.04 -5.35 18.75
C GLN A 701 -31.88 -4.66 20.10
N LEU A 702 -30.93 -5.13 20.92
CA LEU A 702 -30.62 -4.49 22.20
C LEU A 702 -30.18 -3.06 22.00
N VAL A 703 -29.41 -2.78 20.94
CA VAL A 703 -29.01 -1.40 20.66
C VAL A 703 -30.22 -0.58 20.30
N ALA A 704 -31.16 -1.16 19.54
CA ALA A 704 -32.41 -0.48 19.27
C ALA A 704 -33.31 -0.42 20.49
N ALA A 705 -33.06 -1.27 21.49
CA ALA A 705 -33.76 -1.14 22.75
C ALA A 705 -33.11 -0.11 23.67
N PHE A 706 -31.86 0.27 23.39
CA PHE A 706 -31.21 1.26 24.24
C PHE A 706 -31.53 2.69 23.86
N HIS A 707 -31.83 2.96 22.58
CA HIS A 707 -32.13 4.33 22.20
C HIS A 707 -33.51 4.75 22.65
N SER A 708 -34.48 3.82 22.64
CA SER A 708 -35.84 4.16 23.03
C SER A 708 -35.93 4.52 24.51
N LEU A 709 -35.17 3.81 25.35
CA LEU A 709 -35.04 4.17 26.76
C LEU A 709 -34.38 5.52 26.96
N VAL A 710 -33.57 5.97 26.00
CA VAL A 710 -33.12 7.35 26.05
C VAL A 710 -34.20 8.28 25.54
N GLY A 711 -34.88 7.87 24.46
CA GLY A 711 -35.83 8.75 23.80
C GLY A 711 -37.07 9.01 24.63
N LEU A 712 -37.50 8.04 25.42
CA LEU A 712 -38.56 8.28 26.38
C LEU A 712 -38.08 9.22 27.47
N ALA A 713 -36.84 9.02 27.94
CA ALA A 713 -36.33 9.70 29.12
C ALA A 713 -36.23 11.21 28.91
N ALA A 714 -35.74 11.61 27.74
CA ALA A 714 -35.70 13.02 27.36
C ALA A 714 -37.09 13.63 27.35
N VAL A 715 -38.08 12.90 26.81
CA VAL A 715 -39.45 13.38 26.81
C VAL A 715 -39.98 13.45 28.25
N LEU A 716 -39.50 12.56 29.12
CA LEU A 716 -39.91 12.67 30.52
C LEU A 716 -39.20 13.79 31.25
N THR A 717 -38.05 14.26 30.77
CA THR A 717 -37.35 15.29 31.53
C THR A 717 -37.62 16.69 31.02
N CYS A 718 -38.06 16.83 29.77
CA CYS A 718 -38.44 18.15 29.29
C CYS A 718 -39.81 18.56 29.82
N ILE A 719 -40.79 17.65 29.72
CA ILE A 719 -42.15 17.92 30.20
C ILE A 719 -42.14 18.19 31.70
N ALA A 720 -41.41 17.36 32.46
CA ALA A 720 -41.29 17.56 33.90
C ALA A 720 -40.54 18.83 34.27
N GLU A 721 -39.82 19.45 33.34
CA GLU A 721 -39.24 20.76 33.64
C GLU A 721 -40.12 21.90 33.17
N TYR A 722 -41.06 21.65 32.24
CA TYR A 722 -42.05 22.67 31.96
C TYR A 722 -43.00 22.86 33.14
N ILE A 723 -43.25 21.80 33.90
CA ILE A 723 -44.17 21.89 35.02
C ILE A 723 -43.49 22.55 36.21
N ILE A 724 -42.25 22.18 36.50
CA ILE A 724 -41.60 22.65 37.73
C ILE A 724 -41.06 24.08 37.56
N GLU A 725 -40.86 24.55 36.34
CA GLU A 725 -40.38 25.90 36.09
C GLU A 725 -41.46 26.84 35.61
N TYR A 726 -42.73 26.48 35.80
CA TYR A 726 -43.81 27.30 35.25
C TYR A 726 -44.10 28.59 36.02
N PRO A 727 -44.16 28.63 37.39
CA PRO A 727 -44.38 29.94 38.02
C PRO A 727 -43.17 30.87 38.04
N HIS A 728 -42.08 30.47 37.38
CA HIS A 728 -40.89 31.29 37.28
C HIS A 728 -40.79 32.05 35.95
N PHE A 729 -41.65 31.74 34.97
CA PHE A 729 -41.47 32.35 33.65
C PHE A 729 -41.86 33.82 33.60
N ALA A 730 -42.72 34.28 34.50
CA ALA A 730 -43.11 35.68 34.49
C ALA A 730 -41.95 36.57 34.97
N THR A 731 -41.28 36.17 36.03
CA THR A 731 -40.11 36.91 36.53
C THR A 731 -38.79 36.38 35.98
N ASP A 732 -38.71 36.25 34.65
CA ASP A 732 -37.50 35.72 34.05
C ASP A 732 -37.33 36.32 32.65
N ALA A 733 -36.07 36.53 32.27
CA ALA A 733 -35.74 36.94 30.92
C ALA A 733 -35.38 35.76 30.04
N ALA A 734 -34.88 34.67 30.64
CA ALA A 734 -34.54 33.45 29.93
C ALA A 734 -35.73 32.52 29.76
N ALA A 735 -36.95 33.01 30.06
CA ALA A 735 -38.15 32.20 29.96
C ALA A 735 -38.45 31.77 28.53
N ASN A 736 -38.12 32.61 27.56
CA ASN A 736 -38.25 32.23 26.16
C ASN A 736 -37.15 31.30 25.70
N LEU A 737 -36.09 31.12 26.48
CA LEU A 737 -35.05 30.15 26.10
C LEU A 737 -35.45 28.75 26.51
N THR A 738 -35.66 28.54 27.81
CA THR A 738 -35.93 27.24 28.39
C THR A 738 -37.27 26.65 27.99
N LYS A 739 -38.13 27.41 27.31
CA LYS A 739 -39.29 26.79 26.69
C LYS A 739 -38.95 26.19 25.33
N ILE A 740 -38.20 26.93 24.51
CA ILE A 740 -37.87 26.51 23.14
C ILE A 740 -37.15 25.18 23.15
N VAL A 741 -36.11 25.08 23.98
CA VAL A 741 -35.34 23.85 24.12
C VAL A 741 -36.23 22.72 24.66
N ALA A 742 -37.13 23.05 25.59
CA ALA A 742 -38.03 22.04 26.13
C ALA A 742 -39.05 21.60 25.09
N TYR A 743 -39.29 22.42 24.07
CA TYR A 743 -40.05 21.94 22.93
C TYR A 743 -39.20 20.98 22.10
N LEU A 744 -37.98 21.40 21.77
CA LEU A 744 -37.17 20.70 20.77
C LEU A 744 -36.73 19.33 21.24
N GLY A 745 -36.29 19.23 22.50
CA GLY A 745 -35.98 17.94 23.09
C GLY A 745 -37.18 17.01 23.11
N THR A 746 -38.37 17.56 23.37
CA THR A 746 -39.59 16.77 23.34
C THR A 746 -39.89 16.27 21.94
N TYR A 747 -39.44 17.01 20.92
CA TYR A 747 -39.49 16.47 19.57
C TYR A 747 -38.50 15.34 19.40
N ILE A 748 -37.24 15.57 19.81
CA ILE A 748 -36.13 14.70 19.41
C ILE A 748 -36.27 13.32 20.04
N GLY A 749 -36.50 13.28 21.36
CA GLY A 749 -36.80 12.04 22.03
C GLY A 749 -38.03 11.34 21.48
N GLY A 750 -39.03 12.11 21.06
CA GLY A 750 -40.21 11.52 20.45
C GLY A 750 -39.92 10.84 19.12
N VAL A 751 -38.89 11.29 18.41
CA VAL A 751 -38.51 10.59 17.20
C VAL A 751 -37.59 9.43 17.56
N THR A 752 -36.85 9.54 18.66
CA THR A 752 -35.88 8.52 19.02
C THR A 752 -36.57 7.28 19.58
N PHE A 753 -37.63 7.48 20.36
CA PHE A 753 -38.38 6.39 20.97
C PHE A 753 -39.06 5.49 19.95
N SER A 754 -40.07 6.04 19.26
CA SER A 754 -40.98 5.22 18.46
C SER A 754 -40.28 4.62 17.26
N GLY A 755 -39.41 5.40 16.62
CA GLY A 755 -38.60 4.90 15.51
C GLY A 755 -37.77 3.70 15.90
N SER A 756 -37.16 3.74 17.10
CA SER A 756 -36.37 2.61 17.56
C SER A 756 -37.26 1.41 17.83
N LEU A 757 -38.50 1.65 18.28
CA LEU A 757 -39.42 0.54 18.49
C LEU A 757 -39.84 -0.07 17.16
N VAL A 758 -39.82 0.70 16.08
CA VAL A 758 -40.01 0.06 14.78
C VAL A 758 -38.73 -0.67 14.41
N ALA A 759 -37.57 -0.06 14.68
CA ALA A 759 -36.29 -0.65 14.30
C ALA A 759 -35.99 -1.90 15.12
N TYR A 760 -36.51 -1.98 16.33
CA TYR A 760 -36.48 -3.24 17.07
C TYR A 760 -37.36 -4.28 16.37
N GLY A 761 -38.61 -3.92 16.09
CA GLY A 761 -39.59 -4.89 15.64
C GLY A 761 -39.32 -5.44 14.26
N LYS A 762 -38.61 -4.69 13.43
CA LYS A 762 -38.26 -5.15 12.11
C LYS A 762 -36.96 -5.94 12.12
N LEU A 763 -36.22 -5.94 13.23
CA LEU A 763 -35.03 -6.79 13.35
C LEU A 763 -35.32 -8.11 14.04
N GLN A 764 -36.22 -8.11 15.03
CA GLN A 764 -36.54 -9.34 15.74
C GLN A 764 -37.34 -10.29 14.87
N GLY A 765 -38.21 -9.75 14.01
CA GLY A 765 -39.12 -10.56 13.24
C GLY A 765 -40.56 -10.39 13.64
N ILE A 766 -40.86 -9.45 14.52
CA ILE A 766 -42.25 -9.15 14.86
C ILE A 766 -42.95 -8.48 13.70
N LEU A 767 -42.36 -7.40 13.18
CA LEU A 767 -42.87 -6.74 11.99
C LEU A 767 -42.34 -7.42 10.74
N LYS A 768 -42.78 -6.93 9.59
CA LYS A 768 -42.44 -7.53 8.31
C LYS A 768 -41.28 -6.78 7.68
N SER A 769 -40.44 -7.52 6.96
CA SER A 769 -39.21 -6.99 6.38
C SER A 769 -39.43 -6.17 5.12
N ALA A 770 -40.67 -6.03 4.65
CA ALA A 770 -40.93 -5.25 3.45
C ALA A 770 -41.28 -3.81 3.81
N PRO A 771 -40.84 -2.84 3.01
CA PRO A 771 -41.17 -1.43 3.30
C PRO A 771 -42.64 -1.13 3.08
N LEU A 772 -43.33 -0.77 4.18
CA LEU A 772 -44.75 -0.45 4.16
C LEU A 772 -44.92 0.95 3.57
N LEU A 773 -45.39 1.03 2.34
CA LEU A 773 -45.58 2.30 1.68
C LEU A 773 -47.04 2.72 1.75
N LEU A 774 -47.27 3.97 2.11
CA LEU A 774 -48.58 4.59 2.19
C LEU A 774 -48.92 5.26 0.85
N PRO A 775 -50.20 5.65 0.62
CA PRO A 775 -50.51 6.44 -0.58
C PRO A 775 -49.78 7.77 -0.67
N GLY A 776 -49.87 8.60 0.37
CA GLY A 776 -49.27 9.92 0.29
C GLY A 776 -47.75 9.90 0.43
N ARG A 777 -47.28 9.58 1.64
CA ARG A 777 -45.87 9.36 2.02
C ARG A 777 -44.94 10.56 1.95
N HIS A 778 -45.37 11.66 1.35
CA HIS A 778 -44.55 12.86 1.36
C HIS A 778 -45.36 14.06 1.78
N LEU A 779 -46.62 14.11 1.35
CA LEU A 779 -47.53 15.14 1.84
C LEU A 779 -47.85 14.92 3.32
N LEU A 780 -47.97 13.64 3.73
CA LEU A 780 -48.21 13.33 5.13
C LEU A 780 -47.04 13.71 6.02
N ASN A 781 -45.83 13.33 5.64
CA ASN A 781 -44.65 13.66 6.44
C ASN A 781 -44.33 15.15 6.40
N ALA A 782 -44.56 15.80 5.27
CA ALA A 782 -44.35 17.24 5.18
C ALA A 782 -45.38 17.99 6.02
N GLY A 783 -46.62 17.49 6.07
CA GLY A 783 -47.63 18.11 6.92
C GLY A 783 -47.37 17.89 8.39
N LEU A 784 -46.87 16.71 8.76
CA LEU A 784 -46.47 16.47 10.16
C LEU A 784 -45.32 17.37 10.57
N LEU A 785 -44.33 17.56 9.69
CA LEU A 785 -43.21 18.43 10.02
C LEU A 785 -43.62 19.89 10.08
N ALA A 786 -44.49 20.33 9.17
CA ALA A 786 -44.98 21.70 9.19
C ALA A 786 -45.85 21.95 10.42
N ALA A 787 -46.64 20.95 10.83
CA ALA A 787 -47.44 21.08 12.05
C ALA A 787 -46.55 21.14 13.29
N SER A 788 -45.46 20.36 13.30
CA SER A 788 -44.57 20.36 14.46
C SER A 788 -43.80 21.66 14.57
N VAL A 789 -43.38 22.25 13.44
CA VAL A 789 -42.66 23.52 13.50
C VAL A 789 -43.59 24.72 13.52
N GLY A 790 -44.89 24.53 13.28
CA GLY A 790 -45.83 25.62 13.35
C GLY A 790 -46.62 25.61 14.65
N GLY A 791 -46.50 24.52 15.42
CA GLY A 791 -47.02 24.48 16.76
C GLY A 791 -46.16 25.12 17.81
N ILE A 792 -45.00 25.64 17.40
CA ILE A 792 -44.16 26.43 18.30
C ILE A 792 -44.69 27.85 18.42
N ILE A 793 -45.57 28.27 17.50
CA ILE A 793 -46.17 29.59 17.48
C ILE A 793 -47.34 29.69 18.47
N PRO A 794 -48.26 28.72 18.61
CA PRO A 794 -49.18 28.80 19.76
C PRO A 794 -48.51 28.54 21.08
N PHE A 795 -47.36 27.86 21.08
CA PHE A 795 -46.64 27.57 22.31
C PHE A 795 -46.04 28.84 22.91
N MET A 796 -45.51 29.72 22.05
CA MET A 796 -45.23 31.08 22.45
C MET A 796 -46.50 31.91 22.28
N MET A 797 -46.41 33.21 22.59
CA MET A 797 -47.49 34.20 22.47
C MET A 797 -48.75 33.85 23.28
N ASP A 798 -48.65 32.91 24.23
CA ASP A 798 -49.79 32.43 24.99
C ASP A 798 -49.27 31.80 26.28
N PRO A 799 -49.19 32.56 27.37
CA PRO A 799 -48.46 32.09 28.56
C PRO A 799 -49.24 31.18 29.50
N SER A 800 -50.39 30.64 29.11
CA SER A 800 -51.15 29.79 30.00
C SER A 800 -50.51 28.41 30.16
N PHE A 801 -50.81 27.76 31.28
CA PHE A 801 -50.32 26.40 31.49
C PHE A 801 -51.14 25.37 30.73
N THR A 802 -52.42 25.64 30.53
CA THR A 802 -53.29 24.70 29.83
C THR A 802 -52.91 24.61 28.36
N THR A 803 -52.54 25.73 27.76
CA THR A 803 -52.16 25.73 26.35
C THR A 803 -50.71 25.31 26.13
N GLY A 804 -49.92 25.15 27.18
CA GLY A 804 -48.53 24.77 27.01
C GLY A 804 -48.34 23.28 27.08
N ILE A 805 -49.01 22.65 28.05
CA ILE A 805 -48.87 21.21 28.23
C ILE A 805 -49.54 20.47 27.07
N THR A 806 -50.55 21.09 26.44
CA THR A 806 -51.13 20.47 25.25
C THR A 806 -50.22 20.62 24.04
N CYS A 807 -49.38 21.66 23.99
CA CYS A 807 -48.41 21.76 22.90
C CYS A 807 -47.27 20.78 23.09
N LEU A 808 -46.86 20.54 24.34
CA LEU A 808 -45.84 19.52 24.59
C LEU A 808 -46.37 18.12 24.27
N GLY A 809 -47.60 17.81 24.69
CA GLY A 809 -48.19 16.54 24.33
C GLY A 809 -48.44 16.38 22.84
N SER A 810 -48.79 17.48 22.17
CA SER A 810 -49.01 17.45 20.73
C SER A 810 -47.70 17.22 19.97
N VAL A 811 -46.61 17.85 20.39
CA VAL A 811 -45.37 17.64 19.66
C VAL A 811 -44.79 16.26 19.98
N SER A 812 -45.05 15.72 21.17
CA SER A 812 -44.63 14.35 21.45
C SER A 812 -45.43 13.34 20.62
N ALA A 813 -46.74 13.57 20.46
CA ALA A 813 -47.56 12.67 19.66
C ALA A 813 -47.22 12.76 18.18
N LEU A 814 -47.03 13.97 17.66
CA LEU A 814 -46.68 14.14 16.25
C LEU A 814 -45.29 13.60 15.95
N SER A 815 -44.35 13.73 16.90
CA SER A 815 -43.02 13.16 16.70
C SER A 815 -43.05 11.63 16.75
N ALA A 816 -43.90 11.06 17.60
CA ALA A 816 -44.04 9.60 17.65
C ALA A 816 -44.66 9.06 16.35
N VAL A 817 -45.70 9.73 15.86
CA VAL A 817 -46.32 9.33 14.59
C VAL A 817 -45.34 9.51 13.43
N MET A 818 -44.52 10.57 13.49
CA MET A 818 -43.52 10.79 12.44
C MET A 818 -42.44 9.72 12.45
N GLY A 819 -42.01 9.29 13.64
CA GLY A 819 -41.04 8.21 13.71
C GLY A 819 -41.58 6.89 13.21
N VAL A 820 -42.84 6.60 13.53
CA VAL A 820 -43.50 5.38 13.04
C VAL A 820 -43.63 5.43 11.51
N THR A 821 -44.01 6.58 10.97
CA THR A 821 -44.26 6.67 9.52
C THR A 821 -42.96 6.67 8.73
N LEU A 822 -41.91 7.35 9.22
CA LEU A 822 -40.66 7.39 8.49
C LEU A 822 -39.89 6.08 8.61
N THR A 823 -39.97 5.41 9.75
CA THR A 823 -39.15 4.21 9.92
C THR A 823 -39.76 3.01 9.20
N ALA A 824 -41.08 2.93 9.11
CA ALA A 824 -41.72 1.76 8.53
C ALA A 824 -41.63 1.71 7.00
N ALA A 825 -41.17 2.78 6.35
CA ALA A 825 -41.03 2.78 4.90
C ALA A 825 -39.63 2.45 4.44
N ILE A 826 -38.75 2.02 5.34
CA ILE A 826 -37.35 1.82 5.02
C ILE A 826 -37.08 0.43 4.47
N GLY A 827 -37.59 -0.59 5.11
CA GLY A 827 -37.24 -1.93 4.70
C GLY A 827 -36.16 -2.53 5.57
N GLY A 828 -36.19 -3.86 5.71
CA GLY A 828 -35.33 -4.55 6.64
C GLY A 828 -33.86 -4.58 6.27
N ALA A 829 -33.50 -4.19 5.05
CA ALA A 829 -32.10 -4.18 4.66
C ALA A 829 -31.39 -2.89 5.04
N ASP A 830 -32.03 -1.74 4.84
CA ASP A 830 -31.45 -0.44 5.13
C ASP A 830 -31.64 -0.03 6.59
N MET A 831 -32.08 -0.93 7.44
CA MET A 831 -32.32 -0.77 8.87
C MET A 831 -31.12 -0.47 9.78
N PRO A 832 -29.87 -0.89 9.48
CA PRO A 832 -28.75 -0.37 10.29
C PRO A 832 -28.55 1.14 10.26
N VAL A 833 -28.93 1.81 9.16
CA VAL A 833 -28.85 3.26 9.09
C VAL A 833 -29.77 3.90 10.13
N VAL A 834 -30.96 3.33 10.30
CA VAL A 834 -31.89 3.76 11.34
C VAL A 834 -31.31 3.54 12.72
N ILE A 835 -30.43 2.55 12.89
CA ILE A 835 -29.81 2.35 14.19
C ILE A 835 -28.77 3.43 14.46
N THR A 836 -28.12 3.96 13.42
CA THR A 836 -27.05 4.90 13.67
C THR A 836 -27.52 6.35 13.65
N VAL A 837 -28.43 6.69 12.74
CA VAL A 837 -29.00 8.05 12.69
C VAL A 837 -29.73 8.37 13.98
N LEU A 838 -30.52 7.41 14.50
CA LEU A 838 -31.14 7.59 15.81
C LEU A 838 -30.11 7.58 16.92
N ASN A 839 -28.97 6.90 16.71
CA ASN A 839 -27.85 6.99 17.65
C ASN A 839 -27.31 8.40 17.72
N SER A 840 -27.44 9.17 16.63
CA SER A 840 -27.11 10.57 16.67
C SER A 840 -28.14 11.37 17.48
N TYR A 841 -29.43 11.02 17.34
CA TYR A 841 -30.48 11.84 17.93
C TYR A 841 -30.47 11.77 19.45
N SER A 842 -30.26 10.57 19.99
CA SER A 842 -30.06 10.39 21.42
C SER A 842 -28.79 11.07 21.93
N GLY A 843 -27.85 11.37 21.03
CA GLY A 843 -26.79 12.28 21.36
C GLY A 843 -27.35 13.66 21.57
N TRP A 844 -28.03 14.21 20.55
CA TRP A 844 -28.39 15.61 20.58
C TRP A 844 -29.52 15.89 21.56
N ALA A 845 -30.35 14.88 21.85
CA ALA A 845 -31.33 14.98 22.92
C ALA A 845 -30.67 15.30 24.25
N LEU A 846 -29.53 14.65 24.53
CA LEU A 846 -28.71 15.01 25.68
C LEU A 846 -28.31 16.47 25.66
N CYS A 847 -27.86 16.97 24.50
CA CYS A 847 -27.50 18.38 24.38
C CYS A 847 -28.68 19.28 24.65
N ALA A 848 -29.90 18.81 24.29
CA ALA A 848 -31.13 19.52 24.62
C ALA A 848 -31.22 19.76 26.12
N GLU A 849 -31.11 18.69 26.92
CA GLU A 849 -31.21 18.95 28.34
C GLU A 849 -29.91 19.52 28.90
N GLY A 850 -28.81 19.44 28.14
CA GLY A 850 -27.62 20.16 28.54
C GLY A 850 -27.81 21.66 28.43
N PHE A 851 -28.58 22.12 27.46
CA PHE A 851 -28.96 23.53 27.44
C PHE A 851 -30.12 23.83 28.36
N LEU A 852 -30.82 22.81 28.85
CA LEU A 852 -32.07 23.06 29.56
C LEU A 852 -31.88 23.12 31.06
N LEU A 853 -31.03 22.26 31.62
CA LEU A 853 -30.72 22.24 33.03
C LEU A 853 -29.45 23.01 33.35
N ASN A 854 -28.89 23.71 32.35
CA ASN A 854 -27.63 24.45 32.44
C ASN A 854 -26.50 23.55 32.95
N ASN A 855 -26.49 22.32 32.44
CA ASN A 855 -25.59 21.28 32.90
C ASN A 855 -24.48 21.10 31.88
N ASN A 856 -23.25 21.06 32.35
CA ASN A 856 -22.11 21.15 31.47
C ASN A 856 -21.59 19.79 31.04
N LEU A 857 -21.94 18.74 31.78
CA LEU A 857 -21.57 17.38 31.41
C LEU A 857 -22.43 16.86 30.26
N LEU A 858 -23.71 17.23 30.26
CA LEU A 858 -24.65 16.70 29.28
C LEU A 858 -24.38 17.23 27.88
N THR A 859 -23.93 18.48 27.75
CA THR A 859 -23.58 18.99 26.42
C THR A 859 -22.33 18.33 25.86
N ILE A 860 -21.32 18.11 26.71
CA ILE A 860 -20.09 17.46 26.23
C ILE A 860 -20.36 16.03 25.83
N VAL A 861 -21.13 15.30 26.65
CA VAL A 861 -21.47 13.92 26.35
C VAL A 861 -22.37 13.82 25.12
N GLY A 862 -23.33 14.74 24.98
CA GLY A 862 -24.22 14.70 23.83
C GLY A 862 -23.53 15.06 22.53
N ALA A 863 -22.60 16.03 22.57
CA ALA A 863 -21.80 16.33 21.39
C ALA A 863 -20.83 15.20 21.08
N LEU A 864 -20.45 14.42 22.08
CA LEU A 864 -19.62 13.24 21.84
C LEU A 864 -20.41 12.12 21.17
N ILE A 865 -21.69 11.99 21.50
CA ILE A 865 -22.49 10.87 20.98
C ILE A 865 -23.14 11.20 19.64
N GLY A 866 -23.60 12.44 19.45
CA GLY A 866 -24.23 12.80 18.19
C GLY A 866 -23.27 12.79 17.02
N SER A 867 -22.04 13.23 17.24
CA SER A 867 -21.01 13.14 16.22
C SER A 867 -20.64 11.69 15.93
N SER A 868 -20.68 10.83 16.94
CA SER A 868 -20.39 9.40 16.75
C SER A 868 -21.43 8.76 15.84
N GLY A 869 -22.71 8.97 16.13
CA GLY A 869 -23.76 8.44 15.28
C GLY A 869 -23.77 9.04 13.89
N ALA A 870 -23.42 10.33 13.77
CA ALA A 870 -23.39 10.97 12.47
C ALA A 870 -22.26 10.44 11.61
N ILE A 871 -21.07 10.25 12.19
CA ILE A 871 -19.93 9.71 11.44
C ILE A 871 -20.18 8.25 11.06
N LEU A 872 -20.84 7.47 11.92
CA LEU A 872 -21.15 6.09 11.55
C LEU A 872 -22.16 6.01 10.42
N SER A 873 -23.18 6.87 10.44
CA SER A 873 -24.13 6.92 9.33
C SER A 873 -23.47 7.40 8.04
N TYR A 874 -22.49 8.30 8.15
CA TYR A 874 -21.73 8.73 6.97
C TYR A 874 -20.90 7.60 6.38
N ILE A 875 -20.15 6.88 7.23
CA ILE A 875 -19.32 5.76 6.78
C ILE A 875 -20.17 4.70 6.09
N MET A 876 -21.34 4.43 6.65
CA MET A 876 -22.19 3.40 6.08
C MET A 876 -22.96 3.86 4.84
N CYS A 877 -23.22 5.16 4.71
CA CYS A 877 -23.80 5.69 3.47
C CYS A 877 -22.75 6.05 2.43
N VAL A 878 -21.47 5.90 2.73
CA VAL A 878 -20.41 6.03 1.73
C VAL A 878 -19.99 4.64 1.26
N ALA A 879 -20.07 3.65 2.17
CA ALA A 879 -19.71 2.27 1.82
C ALA A 879 -20.64 1.68 0.76
N MET A 880 -21.87 2.13 0.72
CA MET A 880 -22.70 2.05 -0.47
C MET A 880 -22.75 3.44 -1.08
N ASN A 881 -23.01 3.52 -2.38
CA ASN A 881 -22.85 4.80 -3.07
C ASN A 881 -24.12 5.66 -2.97
N ARG A 882 -24.94 5.46 -1.95
CA ARG A 882 -26.22 6.14 -1.82
C ARG A 882 -26.05 7.40 -0.98
N SER A 883 -27.14 8.16 -0.84
CA SER A 883 -27.17 9.33 0.03
C SER A 883 -28.18 9.09 1.13
N LEU A 884 -28.24 10.04 2.07
CA LEU A 884 -29.11 9.85 3.23
C LEU A 884 -30.58 10.02 2.84
N ALA A 885 -30.87 10.98 1.96
CA ALA A 885 -32.22 11.13 1.45
C ALA A 885 -32.61 9.97 0.53
N ASN A 886 -31.62 9.37 -0.13
CA ASN A 886 -31.87 8.19 -0.94
C ASN A 886 -32.26 7.00 -0.07
N VAL A 887 -31.69 6.90 1.13
CA VAL A 887 -32.01 5.79 2.02
C VAL A 887 -33.34 6.03 2.73
N ILE A 888 -33.54 7.24 3.26
CA ILE A 888 -34.74 7.51 4.06
C ILE A 888 -35.98 7.61 3.16
N LEU A 889 -35.93 8.49 2.16
CA LEU A 889 -37.10 8.72 1.32
C LEU A 889 -37.31 7.63 0.28
N GLY A 890 -36.37 6.71 0.12
CA GLY A 890 -36.57 5.58 -0.75
C GLY A 890 -36.49 5.89 -2.22
N GLY A 891 -35.31 6.30 -2.68
CA GLY A 891 -35.07 6.47 -4.09
C GLY A 891 -34.76 5.14 -4.76
N TYR A 892 -34.49 5.23 -6.07
CA TYR A 892 -34.22 4.06 -6.88
C TYR A 892 -32.72 3.94 -7.11
N GLY A 893 -32.14 2.83 -6.67
CA GLY A 893 -30.74 2.55 -6.99
C GLY A 893 -29.80 3.38 -6.17
N THR A 894 -28.85 4.02 -6.86
CA THR A 894 -27.86 4.86 -6.21
C THR A 894 -27.65 6.18 -6.93
N THR A 895 -26.64 6.95 -6.52
CA THR A 895 -26.40 8.26 -7.12
C THR A 895 -25.72 8.17 -8.47
N SER A 896 -25.09 7.04 -8.78
CA SER A 896 -24.39 6.88 -10.04
C SER A 896 -25.18 6.06 -11.05
N THR A 897 -26.46 5.79 -10.79
CA THR A 897 -27.28 5.05 -11.72
C THR A 897 -27.82 5.97 -12.81
N ALA A 898 -27.54 5.60 -14.06
CA ALA A 898 -28.08 6.24 -15.26
C ALA A 898 -29.49 5.72 -15.54
N GLY A 899 -29.96 5.88 -16.78
CA GLY A 899 -31.30 5.42 -17.12
C GLY A 899 -31.46 3.91 -17.23
N GLY A 900 -32.31 3.47 -18.15
CA GLY A 900 -32.78 2.10 -18.14
C GLY A 900 -31.83 1.12 -18.80
N LYS A 901 -32.30 -0.13 -18.90
CA LYS A 901 -31.66 -1.30 -19.48
C LYS A 901 -30.27 -1.55 -18.90
N PRO A 902 -30.17 -2.14 -17.71
CA PRO A 902 -28.87 -2.66 -17.26
C PRO A 902 -28.44 -3.86 -18.11
N MET A 903 -27.16 -4.17 -18.03
CA MET A 903 -26.57 -5.20 -18.87
C MET A 903 -27.04 -6.59 -18.44
N GLU A 904 -27.15 -7.48 -19.42
CA GLU A 904 -27.52 -8.86 -19.20
C GLU A 904 -26.27 -9.72 -19.12
N ILE A 905 -26.41 -10.90 -18.51
CA ILE A 905 -25.27 -11.76 -18.21
C ILE A 905 -24.74 -12.46 -19.45
N SER A 906 -23.55 -13.05 -19.32
CA SER A 906 -22.89 -13.72 -20.44
C SER A 906 -22.15 -14.93 -19.92
N GLY A 907 -22.39 -16.08 -20.54
CA GLY A 907 -21.71 -17.31 -20.18
C GLY A 907 -22.54 -18.17 -19.25
N THR A 908 -22.03 -19.37 -18.99
CA THR A 908 -22.64 -20.34 -18.11
C THR A 908 -21.81 -20.49 -16.84
N HIS A 909 -22.39 -21.09 -15.83
CA HIS A 909 -21.78 -21.18 -14.51
C HIS A 909 -21.25 -22.58 -14.26
N THR A 910 -20.09 -22.65 -13.62
CA THR A 910 -19.47 -23.90 -13.23
C THR A 910 -20.02 -24.31 -11.87
N GLU A 911 -20.24 -25.61 -11.67
CA GLU A 911 -20.70 -26.13 -10.40
C GLU A 911 -19.84 -27.32 -10.00
N ILE A 912 -19.38 -27.34 -8.74
CA ILE A 912 -18.54 -28.41 -8.23
C ILE A 912 -19.18 -29.04 -7.01
N ASN A 913 -18.56 -30.07 -6.47
CA ASN A 913 -19.01 -30.75 -5.26
C ASN A 913 -17.95 -30.57 -4.16
N LEU A 914 -18.15 -31.28 -3.04
CA LEU A 914 -17.25 -31.17 -1.91
C LEU A 914 -15.85 -31.70 -2.22
N ASP A 915 -15.75 -32.69 -3.12
CA ASP A 915 -14.46 -33.30 -3.39
C ASP A 915 -13.58 -32.40 -4.25
N ASN A 916 -14.16 -31.75 -5.27
CA ASN A 916 -13.40 -30.76 -6.04
C ASN A 916 -13.02 -29.56 -5.18
N ALA A 917 -13.92 -29.16 -4.27
CA ALA A 917 -13.62 -28.04 -3.38
C ALA A 917 -12.50 -28.38 -2.41
N ILE A 918 -12.45 -29.60 -1.89
CA ILE A 918 -11.37 -29.93 -0.97
C ILE A 918 -10.05 -30.18 -1.72
N ASP A 919 -10.12 -30.70 -2.95
CA ASP A 919 -8.92 -30.86 -3.76
C ASP A 919 -8.37 -29.52 -4.22
N MET A 920 -9.20 -28.49 -4.28
CA MET A 920 -8.76 -27.17 -4.70
C MET A 920 -8.43 -26.26 -3.52
N ILE A 921 -8.94 -26.56 -2.32
CA ILE A 921 -8.42 -25.94 -1.10
C ILE A 921 -7.03 -26.48 -0.79
N ARG A 922 -6.83 -27.79 -0.95
CA ARG A 922 -5.54 -28.42 -0.68
C ARG A 922 -4.42 -27.88 -1.57
N GLU A 923 -4.74 -27.55 -2.83
CA GLU A 923 -3.72 -27.10 -3.76
C GLU A 923 -3.26 -25.67 -3.47
N ALA A 924 -4.14 -24.82 -2.95
CA ALA A 924 -3.83 -23.41 -2.79
C ALA A 924 -2.89 -23.17 -1.61
N ASN A 925 -2.24 -22.01 -1.63
CA ASN A 925 -1.30 -21.61 -0.59
C ASN A 925 -1.73 -20.37 0.19
N SER A 926 -2.43 -19.44 -0.44
CA SER A 926 -2.92 -18.23 0.22
C SER A 926 -4.40 -18.09 -0.06
N ILE A 927 -5.21 -18.06 0.99
CA ILE A 927 -6.66 -18.14 0.89
C ILE A 927 -7.26 -16.90 1.55
N ILE A 928 -8.23 -16.27 0.89
CA ILE A 928 -8.99 -15.16 1.45
C ILE A 928 -10.46 -15.56 1.52
N ILE A 929 -11.05 -15.41 2.70
CA ILE A 929 -12.47 -15.69 2.92
C ILE A 929 -13.20 -14.36 3.01
N THR A 930 -14.22 -14.18 2.17
CA THR A 930 -15.09 -13.00 2.28
C THR A 930 -16.43 -13.44 2.82
N PRO A 931 -16.74 -13.18 4.09
CA PRO A 931 -18.03 -13.56 4.64
C PRO A 931 -19.06 -12.45 4.53
N GLY A 932 -20.32 -12.85 4.57
CA GLY A 932 -21.43 -11.93 4.60
C GLY A 932 -22.32 -12.23 5.79
N TYR A 933 -23.57 -11.77 5.77
CA TYR A 933 -24.45 -12.09 6.88
C TYR A 933 -25.00 -13.52 6.79
N GLY A 934 -24.93 -14.14 5.60
CA GLY A 934 -25.36 -15.52 5.47
C GLY A 934 -24.51 -16.52 6.23
N LEU A 935 -23.26 -16.17 6.54
CA LEU A 935 -22.43 -17.02 7.37
C LEU A 935 -22.96 -17.08 8.80
N CYS A 936 -23.33 -15.93 9.36
CA CYS A 936 -23.73 -15.85 10.75
C CYS A 936 -25.22 -16.02 10.97
N ALA A 937 -26.03 -15.95 9.92
CA ALA A 937 -27.44 -16.28 10.07
C ALA A 937 -27.66 -17.78 10.16
N ALA A 938 -26.75 -18.56 9.56
CA ALA A 938 -26.80 -20.01 9.62
C ALA A 938 -25.98 -20.58 10.77
N LYS A 939 -25.40 -19.71 11.61
CA LYS A 939 -24.51 -20.07 12.73
C LYS A 939 -23.33 -20.91 12.25
N ALA A 940 -22.74 -20.51 11.13
CA ALA A 940 -21.73 -21.30 10.44
C ALA A 940 -20.33 -20.75 10.59
N GLN A 941 -20.11 -19.78 11.48
CA GLN A 941 -18.76 -19.26 11.65
C GLN A 941 -17.92 -20.12 12.58
N TYR A 942 -18.55 -20.97 13.38
CA TYR A 942 -17.84 -21.89 14.27
C TYR A 942 -17.11 -23.02 13.51
N PRO A 943 -17.65 -23.63 12.45
CA PRO A 943 -16.76 -24.48 11.63
C PRO A 943 -15.72 -23.72 10.85
N ILE A 944 -16.00 -22.46 10.49
CA ILE A 944 -15.05 -21.68 9.70
C ILE A 944 -13.81 -21.31 10.52
N ALA A 945 -14.00 -20.96 11.80
CA ALA A 945 -12.87 -20.63 12.65
C ALA A 945 -11.96 -21.85 12.87
N ASP A 946 -12.55 -23.02 13.04
CA ASP A 946 -11.74 -24.23 13.20
C ASP A 946 -11.10 -24.66 11.89
N LEU A 947 -11.76 -24.38 10.76
CA LEU A 947 -11.15 -24.61 9.46
C LEU A 947 -9.91 -23.74 9.25
N VAL A 948 -9.99 -22.47 9.66
CA VAL A 948 -8.84 -21.58 9.55
C VAL A 948 -7.74 -22.01 10.51
N LYS A 949 -8.11 -22.48 11.70
CA LYS A 949 -7.14 -22.97 12.67
C LYS A 949 -6.42 -24.23 12.17
N MET A 950 -7.12 -25.10 11.44
CA MET A 950 -6.46 -26.27 10.88
C MET A 950 -5.58 -25.91 9.69
N LEU A 951 -6.09 -25.06 8.78
CA LEU A 951 -5.31 -24.74 7.59
C LEU A 951 -4.15 -23.79 7.86
N SER A 952 -4.14 -23.10 9.00
CA SER A 952 -3.01 -22.25 9.32
C SER A 952 -1.83 -23.06 9.87
N GLU A 953 -2.12 -24.20 10.48
CA GLU A 953 -1.05 -25.05 11.02
C GLU A 953 -0.31 -25.79 9.91
N GLN A 954 -0.98 -26.02 8.78
CA GLN A 954 -0.37 -26.75 7.68
C GLN A 954 0.57 -25.89 6.85
N GLY A 955 0.63 -24.59 7.10
CA GLY A 955 1.54 -23.72 6.41
C GLY A 955 0.94 -22.82 5.34
N LYS A 956 -0.36 -22.58 5.37
CA LYS A 956 -1.00 -21.70 4.41
C LYS A 956 -1.05 -20.29 4.98
N LYS A 957 -1.71 -19.38 4.26
CA LYS A 957 -1.88 -18.00 4.68
C LYS A 957 -3.36 -17.66 4.51
N VAL A 958 -4.16 -17.91 5.54
CA VAL A 958 -5.61 -17.77 5.46
C VAL A 958 -6.00 -16.47 6.15
N ARG A 959 -6.74 -15.62 5.44
CA ARG A 959 -7.16 -14.34 5.96
C ARG A 959 -8.64 -14.11 5.66
N PHE A 960 -9.19 -13.07 6.28
CA PHE A 960 -10.58 -12.66 6.09
C PHE A 960 -10.64 -11.25 5.54
N GLY A 961 -11.60 -11.02 4.64
CA GLY A 961 -11.84 -9.69 4.12
C GLY A 961 -13.25 -9.21 4.44
N ILE A 962 -13.36 -8.16 5.24
CA ILE A 962 -14.65 -7.70 5.75
C ILE A 962 -15.04 -6.44 5.00
N HIS A 963 -16.22 -6.44 4.38
CA HIS A 963 -16.81 -5.25 3.79
C HIS A 963 -17.47 -4.44 4.89
N PRO A 964 -17.53 -3.11 4.75
CA PRO A 964 -18.12 -2.29 5.83
C PRO A 964 -19.61 -2.49 6.06
N VAL A 965 -20.38 -2.93 5.08
CA VAL A 965 -21.82 -3.07 5.27
C VAL A 965 -22.25 -4.52 5.19
N ALA A 966 -21.39 -5.43 5.62
CA ALA A 966 -21.79 -6.81 5.83
C ALA A 966 -22.32 -6.94 7.26
N GLY A 967 -23.57 -7.37 7.40
CA GLY A 967 -24.17 -7.57 8.70
C GLY A 967 -25.30 -6.60 8.97
N ARG A 968 -25.84 -6.69 10.18
CA ARG A 968 -26.99 -5.91 10.59
C ARG A 968 -26.61 -4.69 11.42
N MET A 969 -25.33 -4.35 11.47
CA MET A 969 -24.78 -3.36 12.39
C MET A 969 -23.36 -3.03 11.96
N PRO A 970 -22.87 -1.81 12.18
CA PRO A 970 -21.46 -1.51 11.91
C PRO A 970 -20.51 -2.33 12.78
N GLY A 971 -19.69 -3.14 12.13
CA GLY A 971 -18.71 -3.96 12.83
C GLY A 971 -19.24 -5.21 13.47
N GLN A 972 -20.38 -5.73 13.01
CA GLN A 972 -20.97 -6.92 13.61
C GLN A 972 -20.16 -8.16 13.29
N LEU A 973 -19.73 -8.29 12.04
CA LEU A 973 -19.09 -9.52 11.58
C LEU A 973 -17.69 -9.66 12.17
N ASN A 974 -17.04 -8.54 12.51
CA ASN A 974 -15.78 -8.57 13.24
C ASN A 974 -15.94 -9.21 14.62
N VAL A 975 -16.98 -8.82 15.34
CA VAL A 975 -17.18 -9.35 16.69
C VAL A 975 -17.69 -10.79 16.63
N LEU A 976 -18.45 -11.15 15.61
CA LEU A 976 -18.88 -12.55 15.49
C LEU A 976 -17.71 -13.46 15.14
N LEU A 977 -16.78 -12.99 14.30
CA LEU A 977 -15.56 -13.75 14.05
C LEU A 977 -14.66 -13.80 15.27
N ALA A 978 -14.66 -12.75 16.10
CA ALA A 978 -13.91 -12.81 17.34
C ALA A 978 -14.54 -13.79 18.33
N GLU A 979 -15.86 -13.91 18.31
CA GLU A 979 -16.54 -14.87 19.17
C GLU A 979 -16.27 -16.30 18.72
N ALA A 980 -16.16 -16.52 17.42
CA ALA A 980 -15.82 -17.85 16.92
C ALA A 980 -14.39 -18.27 17.24
N GLY A 981 -13.52 -17.32 17.58
CA GLY A 981 -12.16 -17.64 17.98
C GLY A 981 -11.07 -17.18 17.03
N VAL A 982 -11.41 -16.40 16.02
CA VAL A 982 -10.42 -15.95 15.03
C VAL A 982 -9.59 -14.82 15.65
N PRO A 983 -8.26 -14.87 15.56
CA PRO A 983 -7.46 -13.73 16.02
C PRO A 983 -7.66 -12.54 15.10
N TYR A 984 -7.62 -11.34 15.69
CA TYR A 984 -7.96 -10.14 14.93
C TYR A 984 -6.89 -9.73 13.92
N ASP A 985 -5.71 -10.33 13.97
CA ASP A 985 -4.63 -9.91 13.09
C ASP A 985 -4.71 -10.51 11.69
N ILE A 986 -5.64 -11.43 11.45
CA ILE A 986 -5.85 -11.99 10.12
C ILE A 986 -7.21 -11.59 9.56
N VAL A 987 -7.90 -10.67 10.22
CA VAL A 987 -9.18 -10.14 9.78
C VAL A 987 -8.91 -8.73 9.27
N LEU A 988 -8.89 -8.55 7.96
CA LEU A 988 -8.59 -7.25 7.36
C LEU A 988 -9.85 -6.65 6.76
N GLU A 989 -9.82 -5.34 6.59
CA GLU A 989 -10.96 -4.60 6.06
C GLU A 989 -10.97 -4.67 4.54
N MET A 990 -11.92 -3.96 3.93
CA MET A 990 -11.97 -3.90 2.47
C MET A 990 -10.80 -3.11 1.91
N ASP A 991 -10.55 -1.92 2.45
CA ASP A 991 -9.51 -1.04 1.91
C ASP A 991 -8.09 -1.56 2.15
N GLU A 992 -7.91 -2.53 3.04
CA GLU A 992 -6.59 -3.06 3.31
C GLU A 992 -6.29 -4.34 2.54
N ILE A 993 -7.30 -5.03 2.03
CA ILE A 993 -7.09 -6.32 1.36
C ILE A 993 -7.43 -6.27 -0.13
N ASN A 994 -7.99 -5.16 -0.62
CA ASN A 994 -8.53 -5.11 -1.97
C ASN A 994 -7.45 -5.04 -3.03
N HIS A 995 -6.19 -4.82 -2.66
CA HIS A 995 -5.08 -4.87 -3.59
C HIS A 995 -4.29 -6.17 -3.51
N ASP A 996 -4.67 -7.09 -2.62
CA ASP A 996 -3.99 -8.36 -2.47
C ASP A 996 -4.71 -9.51 -3.17
N PHE A 997 -5.80 -9.23 -3.87
CA PHE A 997 -6.51 -10.25 -4.62
C PHE A 997 -5.81 -10.80 -5.88
N PRO A 998 -5.00 -10.04 -6.64
CA PRO A 998 -4.22 -10.71 -7.71
C PRO A 998 -3.18 -11.70 -7.19
N ASP A 999 -2.57 -11.43 -6.03
CA ASP A 999 -1.63 -12.38 -5.44
C ASP A 999 -2.33 -13.31 -4.45
N THR A 1000 -3.40 -13.96 -4.90
CA THR A 1000 -4.23 -14.79 -4.03
C THR A 1000 -4.67 -16.01 -4.81
N ASP A 1001 -4.46 -17.19 -4.22
CA ASP A 1001 -4.73 -18.43 -4.95
C ASP A 1001 -6.19 -18.86 -4.89
N LEU A 1002 -6.88 -18.57 -3.78
CA LEU A 1002 -8.25 -19.04 -3.62
C LEU A 1002 -9.03 -18.08 -2.74
N VAL A 1003 -10.27 -17.81 -3.12
CA VAL A 1003 -11.18 -16.96 -2.36
C VAL A 1003 -12.45 -17.75 -2.10
N LEU A 1004 -12.83 -17.84 -0.83
CA LEU A 1004 -14.09 -18.45 -0.42
C LEU A 1004 -15.09 -17.35 -0.12
N VAL A 1005 -16.11 -17.21 -0.97
CA VAL A 1005 -17.17 -16.23 -0.76
C VAL A 1005 -18.32 -16.94 -0.04
N ILE A 1006 -18.58 -16.55 1.20
CA ILE A 1006 -19.55 -17.27 2.03
C ILE A 1006 -20.65 -16.30 2.44
N GLY A 1007 -21.84 -16.49 1.87
CA GLY A 1007 -22.98 -15.70 2.27
C GLY A 1007 -22.94 -14.25 1.84
N ALA A 1008 -22.23 -13.92 0.78
CA ALA A 1008 -22.11 -12.56 0.29
C ALA A 1008 -22.55 -12.49 -1.16
N ASN A 1009 -23.38 -11.51 -1.49
CA ASN A 1009 -23.83 -11.33 -2.87
C ASN A 1009 -23.45 -9.96 -3.44
N ASP A 1010 -23.83 -8.87 -2.76
CA ASP A 1010 -23.66 -7.55 -3.36
C ASP A 1010 -22.28 -6.96 -3.13
N THR A 1011 -21.59 -7.37 -2.06
CA THR A 1011 -20.28 -6.81 -1.77
C THR A 1011 -19.17 -7.44 -2.59
N VAL A 1012 -19.47 -8.49 -3.35
CA VAL A 1012 -18.53 -9.13 -4.25
C VAL A 1012 -19.00 -9.04 -5.70
N ASN A 1013 -19.90 -8.11 -5.99
CA ASN A 1013 -20.51 -7.97 -7.30
C ASN A 1013 -19.66 -7.04 -8.15
N SER A 1014 -19.41 -7.45 -9.39
CA SER A 1014 -18.56 -6.69 -10.30
C SER A 1014 -19.33 -5.65 -11.10
N ALA A 1015 -20.66 -5.75 -11.14
CA ALA A 1015 -21.52 -4.78 -11.82
C ALA A 1015 -21.44 -3.38 -11.21
N ALA A 1016 -20.86 -3.23 -10.03
CA ALA A 1016 -20.61 -1.91 -9.46
C ALA A 1016 -19.51 -1.17 -10.21
N GLN A 1017 -18.55 -1.90 -10.80
CA GLN A 1017 -17.42 -1.25 -11.45
C GLN A 1017 -17.50 -1.26 -12.97
N GLU A 1018 -18.51 -1.90 -13.55
CA GLU A 1018 -18.58 -2.06 -14.99
C GLU A 1018 -19.85 -1.49 -15.60
N ASP A 1019 -20.99 -1.69 -14.95
CA ASP A 1019 -22.27 -1.35 -15.54
C ASP A 1019 -22.76 -0.04 -14.93
N PRO A 1020 -22.84 1.06 -15.68
CA PRO A 1020 -23.35 2.32 -15.13
C PRO A 1020 -24.87 2.37 -15.02
N ASN A 1021 -25.57 1.35 -15.51
CA ASN A 1021 -27.03 1.29 -15.43
C ASN A 1021 -27.52 0.39 -14.31
N SER A 1022 -26.60 -0.26 -13.61
CA SER A 1022 -26.97 -1.26 -12.60
C SER A 1022 -27.53 -0.60 -11.35
N ILE A 1023 -28.01 -1.44 -10.44
CA ILE A 1023 -28.65 -0.95 -9.22
C ILE A 1023 -27.65 -0.60 -8.14
N ILE A 1024 -26.40 -1.01 -8.30
CA ILE A 1024 -25.36 -0.77 -7.29
C ILE A 1024 -24.14 -0.12 -7.92
N ALA A 1025 -24.35 0.69 -8.96
CA ALA A 1025 -23.23 1.25 -9.72
C ALA A 1025 -22.41 2.24 -8.90
N GLY A 1026 -21.10 2.03 -8.88
CA GLY A 1026 -20.21 2.89 -8.13
C GLY A 1026 -20.00 2.48 -6.69
N MET A 1027 -20.68 1.44 -6.23
CA MET A 1027 -20.48 0.93 -4.89
C MET A 1027 -19.08 0.32 -4.74
N PRO A 1028 -18.35 0.63 -3.69
CA PRO A 1028 -17.06 -0.05 -3.48
C PRO A 1028 -17.28 -1.48 -3.03
N VAL A 1029 -16.68 -2.42 -3.77
CA VAL A 1029 -16.90 -3.85 -3.58
C VAL A 1029 -15.57 -4.55 -3.40
N LEU A 1030 -15.64 -5.77 -2.87
CA LEU A 1030 -14.46 -6.63 -2.78
C LEU A 1030 -14.20 -7.26 -4.15
N GLU A 1031 -12.97 -7.10 -4.64
CA GLU A 1031 -12.63 -7.49 -6.01
C GLU A 1031 -12.14 -8.94 -6.01
N VAL A 1032 -13.06 -9.85 -5.73
CA VAL A 1032 -12.70 -11.25 -5.61
C VAL A 1032 -12.46 -11.91 -6.96
N TRP A 1033 -12.99 -11.33 -8.06
CA TRP A 1033 -12.86 -11.94 -9.38
C TRP A 1033 -11.46 -11.79 -9.96
N LYS A 1034 -10.60 -10.99 -9.34
CA LYS A 1034 -9.24 -10.77 -9.82
C LYS A 1034 -8.25 -11.81 -9.30
N SER A 1035 -8.73 -12.96 -8.83
CA SER A 1035 -7.89 -14.00 -8.28
C SER A 1035 -7.87 -15.21 -9.21
N LYS A 1036 -7.21 -16.28 -8.75
CA LYS A 1036 -7.09 -17.48 -9.57
C LYS A 1036 -8.40 -18.26 -9.60
N GLN A 1037 -9.07 -18.37 -8.46
CA GLN A 1037 -10.23 -19.23 -8.37
C GLN A 1037 -11.10 -18.78 -7.21
N VAL A 1038 -12.42 -18.79 -7.41
CA VAL A 1038 -13.39 -18.36 -6.41
C VAL A 1038 -14.40 -19.48 -6.21
N ILE A 1039 -14.62 -19.87 -4.95
CA ILE A 1039 -15.67 -20.82 -4.60
C ILE A 1039 -16.77 -20.04 -3.88
N VAL A 1040 -17.98 -20.08 -4.42
CA VAL A 1040 -19.13 -19.38 -3.85
C VAL A 1040 -20.03 -20.43 -3.20
N MET A 1041 -20.41 -20.19 -1.94
CA MET A 1041 -21.25 -21.10 -1.18
C MET A 1041 -22.55 -20.39 -0.81
N LYS A 1042 -23.65 -20.86 -1.37
CA LYS A 1042 -24.96 -20.28 -1.15
C LYS A 1042 -26.00 -21.36 -1.45
N ARG A 1043 -27.26 -21.08 -1.15
CA ARG A 1043 -28.31 -22.08 -1.33
C ARG A 1043 -28.56 -22.35 -2.81
N SER A 1044 -29.01 -21.34 -3.54
CA SER A 1044 -29.36 -21.49 -4.95
C SER A 1044 -28.92 -20.25 -5.70
N LEU A 1045 -29.00 -20.32 -7.03
CA LEU A 1045 -28.66 -19.18 -7.88
C LEU A 1045 -29.82 -18.18 -7.81
N GLY A 1046 -29.80 -17.35 -6.78
CA GLY A 1046 -30.78 -16.31 -6.59
C GLY A 1046 -30.14 -15.00 -6.18
N VAL A 1047 -30.92 -14.08 -5.61
CA VAL A 1047 -30.42 -12.78 -5.19
C VAL A 1047 -30.78 -12.55 -3.72
N GLY A 1048 -29.98 -11.73 -3.05
CA GLY A 1048 -30.24 -11.38 -1.68
C GLY A 1048 -31.24 -10.24 -1.55
N TYR A 1049 -30.90 -9.08 -2.11
CA TYR A 1049 -31.78 -7.91 -2.04
C TYR A 1049 -32.07 -7.29 -3.39
N ALA A 1050 -31.09 -7.25 -4.28
CA ALA A 1050 -31.20 -6.59 -5.58
C ALA A 1050 -30.16 -7.22 -6.50
N ALA A 1051 -29.87 -6.55 -7.62
CA ALA A 1051 -28.86 -6.95 -8.61
C ALA A 1051 -29.17 -8.33 -9.17
N VAL A 1052 -30.23 -8.36 -10.00
CA VAL A 1052 -30.99 -9.53 -10.46
C VAL A 1052 -30.16 -10.75 -10.90
N ASP A 1053 -28.92 -10.53 -11.34
CA ASP A 1053 -28.00 -11.63 -11.57
C ASP A 1053 -26.58 -11.11 -11.38
N ASN A 1054 -25.78 -11.85 -10.61
CA ASN A 1054 -24.42 -11.44 -10.30
C ASN A 1054 -23.48 -11.95 -11.38
N PRO A 1055 -22.80 -11.08 -12.13
CA PRO A 1055 -21.98 -11.54 -13.25
C PRO A 1055 -20.64 -12.17 -12.87
N ILE A 1056 -20.29 -12.24 -11.58
CA ILE A 1056 -19.09 -13.01 -11.23
C ILE A 1056 -19.37 -14.50 -11.17
N PHE A 1057 -20.64 -14.90 -11.19
CA PHE A 1057 -21.00 -16.30 -11.11
C PHE A 1057 -20.84 -17.00 -12.44
N TYR A 1058 -20.72 -16.25 -13.53
CA TYR A 1058 -20.60 -16.79 -14.88
C TYR A 1058 -19.23 -16.49 -15.49
N LYS A 1059 -18.25 -16.22 -14.66
CA LYS A 1059 -16.86 -16.07 -15.07
C LYS A 1059 -16.20 -17.45 -15.14
N PRO A 1060 -15.16 -17.62 -15.97
CA PRO A 1060 -14.53 -18.94 -16.09
C PRO A 1060 -13.72 -19.38 -14.89
N ASN A 1061 -13.50 -18.52 -13.89
CA ASN A 1061 -12.72 -18.88 -12.71
C ASN A 1061 -13.56 -18.79 -11.44
N THR A 1062 -14.82 -19.21 -11.51
CA THR A 1062 -15.70 -19.21 -10.34
C THR A 1062 -16.49 -20.51 -10.33
N ALA A 1063 -16.39 -21.26 -9.24
CA ALA A 1063 -17.09 -22.52 -9.07
C ALA A 1063 -18.15 -22.39 -7.99
N MET A 1064 -19.33 -22.91 -8.26
CA MET A 1064 -20.44 -22.84 -7.32
C MET A 1064 -20.46 -24.09 -6.46
N LEU A 1065 -20.84 -23.92 -5.19
CA LEU A 1065 -20.79 -25.00 -4.20
C LEU A 1065 -22.12 -24.99 -3.43
N LEU A 1066 -23.21 -25.14 -4.20
CA LEU A 1066 -24.57 -24.95 -3.72
C LEU A 1066 -24.91 -25.85 -2.53
N GLY A 1067 -25.64 -25.29 -1.59
CA GLY A 1067 -25.98 -25.96 -0.35
C GLY A 1067 -26.06 -24.95 0.78
N ASP A 1068 -26.61 -25.40 1.90
CA ASP A 1068 -26.61 -24.58 3.11
C ASP A 1068 -25.19 -24.41 3.60
N ALA A 1069 -24.93 -23.24 4.20
CA ALA A 1069 -23.56 -22.90 4.59
C ALA A 1069 -23.09 -23.68 5.80
N LYS A 1070 -23.99 -24.00 6.73
CA LYS A 1070 -23.63 -24.74 7.93
C LYS A 1070 -23.12 -26.14 7.59
N LYS A 1071 -23.90 -26.88 6.80
CA LYS A 1071 -23.54 -28.25 6.49
C LYS A 1071 -22.33 -28.32 5.55
N THR A 1072 -22.19 -27.35 4.64
CA THR A 1072 -21.04 -27.37 3.73
C THR A 1072 -19.77 -26.99 4.46
N CYS A 1073 -19.84 -26.02 5.37
CA CYS A 1073 -18.65 -25.60 6.10
C CYS A 1073 -18.20 -26.65 7.10
N ASP A 1074 -19.12 -27.30 7.82
CA ASP A 1074 -18.61 -28.31 8.73
C ASP A 1074 -18.31 -29.64 8.04
N ALA A 1075 -18.84 -29.87 6.82
CA ALA A 1075 -18.35 -30.99 6.03
C ALA A 1075 -16.93 -30.73 5.54
N LEU A 1076 -16.61 -29.49 5.15
CA LEU A 1076 -15.24 -29.14 4.81
C LEU A 1076 -14.32 -29.28 6.03
N GLN A 1077 -14.81 -28.91 7.20
CA GLN A 1077 -14.08 -29.12 8.45
C GLN A 1077 -13.79 -30.60 8.68
N ALA A 1078 -14.79 -31.45 8.43
CA ALA A 1078 -14.62 -32.90 8.61
C ALA A 1078 -13.61 -33.48 7.62
N LYS A 1079 -13.63 -33.00 6.38
CA LYS A 1079 -12.67 -33.50 5.38
C LYS A 1079 -11.24 -33.06 5.73
N VAL A 1080 -11.06 -31.80 6.14
CA VAL A 1080 -9.74 -31.31 6.52
C VAL A 1080 -9.23 -32.04 7.75
N ARG A 1081 -10.12 -32.36 8.70
CA ARG A 1081 -9.71 -33.12 9.88
C ARG A 1081 -9.31 -34.56 9.50
N GLU A 1082 -10.21 -35.29 8.83
CA GLU A 1082 -9.96 -36.71 8.58
C GLU A 1082 -8.88 -36.94 7.54
N SER A 1083 -8.50 -35.92 6.76
CA SER A 1083 -7.48 -36.09 5.75
C SER A 1083 -6.08 -35.71 6.24
N TYR A 1084 -5.98 -34.76 7.17
CA TYR A 1084 -4.69 -34.32 7.68
C TYR A 1084 -4.21 -35.12 8.88
N GLN A 1085 -5.11 -35.77 9.62
CA GLN A 1085 -4.69 -36.59 10.74
C GLN A 1085 -4.14 -37.92 10.24
N VAL B 48 63.95 0.17 -8.88
CA VAL B 48 63.17 -0.16 -10.07
C VAL B 48 61.95 -0.99 -9.66
N LYS B 49 60.84 -0.77 -10.34
CA LYS B 49 59.64 -1.56 -10.08
C LYS B 49 59.84 -2.95 -10.67
N PRO B 50 59.58 -4.02 -9.91
CA PRO B 50 60.13 -5.33 -10.23
C PRO B 50 59.42 -6.10 -11.35
N GLY B 51 58.56 -5.44 -12.13
CA GLY B 51 57.86 -6.09 -13.21
C GLY B 51 58.35 -5.66 -14.58
N ILE B 52 57.95 -6.43 -15.59
CA ILE B 52 58.19 -6.12 -16.99
C ILE B 52 56.98 -5.35 -17.51
N PRO B 53 57.17 -4.25 -18.25
CA PRO B 53 56.04 -3.35 -18.55
C PRO B 53 55.04 -3.95 -19.52
N TYR B 54 53.90 -3.27 -19.60
CA TYR B 54 52.76 -3.75 -20.39
C TYR B 54 53.02 -3.66 -21.88
N LYS B 55 53.87 -2.74 -22.32
CA LYS B 55 54.06 -2.53 -23.76
C LYS B 55 54.84 -3.66 -24.39
N GLN B 56 55.75 -4.29 -23.65
CA GLN B 56 56.55 -5.37 -24.18
C GLN B 56 55.85 -6.73 -24.14
N LEU B 57 54.67 -6.82 -23.53
CA LEU B 57 53.95 -8.08 -23.43
C LEU B 57 52.84 -8.16 -24.46
N THR B 58 52.34 -9.38 -24.65
CA THR B 58 51.36 -9.67 -25.69
C THR B 58 50.50 -10.84 -25.23
N VAL B 59 49.19 -10.63 -25.16
CA VAL B 59 48.28 -11.72 -24.84
C VAL B 59 47.89 -12.42 -26.14
N GLY B 60 47.34 -13.62 -26.02
CA GLY B 60 46.97 -14.39 -27.19
C GLY B 60 45.67 -15.14 -27.02
N VAL B 61 44.82 -15.11 -28.04
CA VAL B 61 43.55 -15.81 -28.03
C VAL B 61 43.58 -16.86 -29.15
N PRO B 62 43.89 -18.10 -28.81
CA PRO B 62 43.81 -19.17 -29.81
C PRO B 62 42.37 -19.68 -29.95
N LYS B 63 42.15 -20.46 -31.00
CA LYS B 63 40.91 -21.21 -31.11
C LYS B 63 41.11 -22.58 -30.47
N GLU B 64 40.02 -23.32 -30.34
CA GLU B 64 40.02 -24.60 -29.63
C GLU B 64 39.82 -25.75 -30.61
N ILE B 65 40.71 -26.74 -30.54
CA ILE B 65 40.62 -27.91 -31.41
C ILE B 65 39.84 -29.03 -30.72
N PHE B 66 39.40 -28.79 -29.48
CA PHE B 66 38.55 -29.74 -28.78
C PHE B 66 37.21 -29.88 -29.49
N GLN B 67 36.62 -31.08 -29.39
CA GLN B 67 35.42 -31.40 -30.15
C GLN B 67 34.24 -30.55 -29.71
N ASN B 68 33.44 -30.13 -30.71
CA ASN B 68 32.28 -29.23 -30.69
C ASN B 68 32.36 -28.12 -29.64
N GLU B 69 33.50 -27.45 -29.60
CA GLU B 69 33.77 -26.37 -28.66
C GLU B 69 33.45 -25.04 -29.33
N LYS B 70 32.70 -24.18 -28.65
CA LYS B 70 32.17 -22.99 -29.28
C LYS B 70 32.55 -21.68 -28.61
N ARG B 71 32.69 -21.65 -27.27
CA ARG B 71 32.96 -20.39 -26.61
C ARG B 71 34.42 -20.00 -26.76
N VAL B 72 34.66 -18.69 -26.74
CA VAL B 72 35.99 -18.12 -26.96
C VAL B 72 36.48 -17.54 -25.65
N ALA B 73 37.79 -17.34 -25.56
CA ALA B 73 38.40 -16.92 -24.30
C ALA B 73 38.15 -15.44 -24.01
N LEU B 74 38.14 -14.59 -25.04
CA LEU B 74 37.96 -13.16 -24.84
C LEU B 74 36.96 -12.61 -25.85
N SER B 75 35.90 -11.99 -25.35
CA SER B 75 35.00 -11.17 -26.15
C SER B 75 35.70 -9.86 -26.50
N PRO B 76 35.22 -9.15 -27.53
CA PRO B 76 35.83 -7.83 -27.85
C PRO B 76 35.69 -6.79 -26.76
N ALA B 77 34.72 -6.93 -25.84
CA ALA B 77 34.68 -6.08 -24.67
C ALA B 77 35.85 -6.33 -23.74
N GLY B 78 36.40 -7.55 -23.75
CA GLY B 78 37.64 -7.87 -23.09
C GLY B 78 38.87 -7.68 -23.93
N VAL B 79 38.73 -7.10 -25.13
CA VAL B 79 39.86 -6.76 -25.98
C VAL B 79 40.01 -5.24 -25.96
N GLN B 80 38.90 -4.54 -25.72
CA GLN B 80 38.98 -3.11 -25.42
C GLN B 80 39.72 -2.88 -24.11
N ALA B 81 39.26 -3.53 -23.04
CA ALA B 81 40.10 -3.71 -21.87
C ALA B 81 41.26 -4.64 -22.24
N LEU B 82 42.37 -4.48 -21.50
CA LEU B 82 43.73 -5.01 -21.70
C LEU B 82 44.46 -4.29 -22.84
N VAL B 83 43.78 -3.43 -23.59
CA VAL B 83 44.43 -2.49 -24.48
C VAL B 83 44.31 -1.13 -23.82
N LYS B 84 43.20 -0.93 -23.09
CA LYS B 84 43.15 0.17 -22.14
C LYS B 84 44.18 0.00 -21.04
N GLN B 85 44.44 -1.24 -20.63
CA GLN B 85 45.44 -1.48 -19.60
C GLN B 85 46.86 -1.39 -20.15
N GLY B 86 47.11 -1.96 -21.33
CA GLY B 86 48.41 -1.78 -21.95
C GLY B 86 48.99 -2.95 -22.73
N PHE B 87 48.35 -4.11 -22.68
CA PHE B 87 48.85 -5.25 -23.44
C PHE B 87 48.59 -5.04 -24.94
N ASN B 88 49.27 -5.86 -25.74
CA ASN B 88 48.98 -5.97 -27.16
C ASN B 88 48.25 -7.29 -27.38
N VAL B 89 47.15 -7.25 -28.11
CA VAL B 89 46.29 -8.40 -28.29
C VAL B 89 46.45 -8.92 -29.71
N VAL B 90 46.73 -10.21 -29.85
CA VAL B 90 46.69 -10.89 -31.14
C VAL B 90 45.69 -12.03 -31.04
N VAL B 91 44.87 -12.18 -32.08
CA VAL B 91 43.76 -13.13 -32.09
C VAL B 91 43.93 -14.01 -33.32
N GLU B 92 43.73 -15.32 -33.13
CA GLU B 92 43.71 -16.25 -34.25
C GLU B 92 42.53 -15.93 -35.17
N SER B 93 42.69 -16.24 -36.46
CA SER B 93 41.77 -15.80 -37.50
C SER B 93 40.36 -16.35 -37.28
N GLY B 94 40.21 -17.67 -37.30
CA GLY B 94 38.92 -18.21 -36.97
C GLY B 94 38.82 -18.50 -35.49
N ALA B 95 38.27 -17.56 -34.72
CA ALA B 95 38.27 -17.74 -33.27
C ALA B 95 36.91 -17.55 -32.62
N GLY B 96 36.12 -16.61 -33.09
CA GLY B 96 34.86 -16.32 -32.44
C GLY B 96 33.65 -16.47 -33.31
N GLU B 97 33.78 -17.21 -34.42
CA GLU B 97 32.63 -17.43 -35.30
C GLU B 97 31.61 -18.36 -34.65
N ALA B 98 32.09 -19.37 -33.92
CA ALA B 98 31.17 -20.25 -33.20
C ALA B 98 30.50 -19.54 -32.05
N SER B 99 31.22 -18.62 -31.41
CA SER B 99 30.66 -17.75 -30.38
C SER B 99 30.05 -16.49 -30.97
N LYS B 100 30.00 -16.39 -32.30
CA LYS B 100 29.32 -15.32 -33.05
C LYS B 100 29.92 -13.95 -32.76
N PHE B 101 31.25 -13.89 -32.81
CA PHE B 101 32.05 -12.67 -32.75
C PHE B 101 32.90 -12.61 -34.02
N SER B 102 32.60 -11.68 -34.91
CA SER B 102 33.34 -11.58 -36.15
C SER B 102 34.73 -10.99 -35.92
N ASP B 103 35.59 -11.12 -36.92
CA ASP B 103 36.95 -10.58 -36.82
C ASP B 103 36.97 -9.06 -36.93
N ASP B 104 35.91 -8.46 -37.46
CA ASP B 104 35.85 -7.01 -37.58
C ASP B 104 35.75 -6.35 -36.21
N HIS B 105 35.10 -6.99 -35.24
CA HIS B 105 35.02 -6.44 -33.90
C HIS B 105 36.36 -6.52 -33.19
N TYR B 106 37.12 -7.59 -33.43
CA TYR B 106 38.48 -7.67 -32.89
C TYR B 106 39.42 -6.67 -33.56
N ARG B 107 39.22 -6.38 -34.84
CA ARG B 107 40.03 -5.34 -35.47
C ARG B 107 39.64 -3.95 -34.99
N ALA B 108 38.36 -3.72 -34.71
CA ALA B 108 37.89 -2.44 -34.23
C ALA B 108 38.05 -2.27 -32.72
N ALA B 109 38.47 -3.32 -32.01
CA ALA B 109 38.76 -3.20 -30.59
C ALA B 109 40.24 -2.93 -30.31
N GLY B 110 41.10 -3.01 -31.32
CA GLY B 110 42.51 -2.70 -31.17
C GLY B 110 43.44 -3.89 -31.33
N ALA B 111 42.91 -5.08 -31.54
CA ALA B 111 43.75 -6.27 -31.66
C ALA B 111 44.32 -6.38 -33.07
N GLN B 112 44.90 -7.53 -33.37
CA GLN B 112 45.48 -7.76 -34.69
C GLN B 112 45.26 -9.22 -35.05
N ILE B 113 44.45 -9.46 -36.08
CA ILE B 113 44.17 -10.82 -36.52
C ILE B 113 45.42 -11.43 -37.13
N GLN B 114 45.80 -12.61 -36.67
CA GLN B 114 47.05 -13.23 -37.09
C GLN B 114 46.79 -14.73 -37.21
N GLY B 115 47.84 -15.51 -37.43
CA GLY B 115 47.69 -16.93 -37.72
C GLY B 115 47.42 -17.82 -36.53
N ALA B 116 48.02 -19.00 -36.50
CA ALA B 116 47.76 -19.97 -35.46
C ALA B 116 49.00 -20.40 -34.69
N LYS B 117 50.18 -20.38 -35.32
CA LYS B 117 51.40 -20.76 -34.62
C LYS B 117 51.95 -19.61 -33.79
N GLU B 118 51.80 -18.38 -34.26
CA GLU B 118 52.35 -17.20 -33.60
C GLU B 118 51.35 -16.53 -32.66
N VAL B 119 50.24 -17.19 -32.36
CA VAL B 119 49.36 -16.76 -31.28
C VAL B 119 49.70 -17.48 -29.99
N LEU B 120 49.94 -18.79 -30.06
CA LEU B 120 50.36 -19.56 -28.90
C LEU B 120 51.78 -19.21 -28.46
N ALA B 121 52.58 -18.63 -29.34
CA ALA B 121 53.92 -18.17 -28.98
C ALA B 121 53.90 -16.73 -28.47
N SER B 122 53.08 -16.47 -27.46
CA SER B 122 52.92 -15.15 -26.88
C SER B 122 53.33 -15.19 -25.41
N ASP B 123 53.45 -14.00 -24.82
CA ASP B 123 53.84 -13.91 -23.42
C ASP B 123 52.69 -14.34 -22.50
N LEU B 124 51.46 -14.00 -22.86
CA LEU B 124 50.27 -14.49 -22.20
C LEU B 124 49.48 -15.32 -23.20
N VAL B 125 49.07 -16.51 -22.79
CA VAL B 125 48.22 -17.37 -23.60
C VAL B 125 46.93 -17.58 -22.82
N VAL B 126 45.80 -17.22 -23.43
CA VAL B 126 44.51 -17.21 -22.76
C VAL B 126 43.60 -18.18 -23.49
N LYS B 127 43.32 -19.31 -22.86
CA LYS B 127 42.47 -20.35 -23.41
C LYS B 127 41.19 -20.46 -22.62
N VAL B 128 40.27 -21.29 -23.11
CA VAL B 128 39.06 -21.62 -22.36
C VAL B 128 39.16 -23.02 -21.74
N ARG B 129 40.05 -23.86 -22.24
CA ARG B 129 40.29 -25.16 -21.62
C ARG B 129 41.74 -25.55 -21.87
N ALA B 130 42.10 -26.74 -21.40
CA ALA B 130 43.49 -27.16 -21.36
C ALA B 130 44.02 -27.46 -22.76
N PRO B 131 45.33 -27.28 -22.98
CA PRO B 131 45.91 -27.68 -24.26
C PRO B 131 45.89 -29.20 -24.43
N MET B 132 45.79 -29.63 -25.68
CA MET B 132 45.63 -31.03 -26.00
C MET B 132 46.34 -31.31 -27.33
N LEU B 133 46.14 -32.50 -27.86
CA LEU B 133 46.77 -32.88 -29.12
C LEU B 133 46.04 -32.18 -30.27
N ASN B 134 46.81 -31.55 -31.15
CA ASN B 134 46.27 -30.86 -32.30
C ASN B 134 46.46 -31.74 -33.53
N PRO B 135 45.42 -32.39 -34.05
CA PRO B 135 45.59 -33.26 -35.22
C PRO B 135 45.80 -32.50 -36.52
N THR B 136 45.54 -31.19 -36.54
CA THR B 136 45.79 -30.42 -37.76
C THR B 136 47.28 -30.18 -37.95
N LEU B 137 47.95 -29.68 -36.91
CA LEU B 137 49.38 -29.44 -36.97
C LEU B 137 50.21 -30.68 -36.61
N GLY B 138 49.58 -31.70 -36.02
CA GLY B 138 50.30 -32.90 -35.67
C GLY B 138 51.24 -32.78 -34.48
N ILE B 139 51.17 -31.69 -33.74
CA ILE B 139 52.02 -31.47 -32.58
C ILE B 139 51.12 -31.04 -31.42
N HIS B 140 51.54 -31.36 -30.20
CA HIS B 140 50.81 -30.94 -29.03
C HIS B 140 50.98 -29.44 -28.82
N GLU B 141 49.97 -28.81 -28.24
CA GLU B 141 49.95 -27.35 -28.15
C GLU B 141 50.96 -26.82 -27.14
N ALA B 142 51.31 -27.62 -26.13
CA ALA B 142 52.29 -27.21 -25.13
C ALA B 142 53.70 -27.09 -25.72
N ASP B 143 53.97 -27.75 -26.84
CA ASP B 143 55.22 -27.56 -27.53
C ASP B 143 55.22 -26.30 -28.40
N LEU B 144 54.06 -25.68 -28.61
CA LEU B 144 53.99 -24.45 -29.39
C LEU B 144 54.10 -23.20 -28.54
N LEU B 145 54.05 -23.34 -27.22
CA LEU B 145 54.22 -22.20 -26.32
C LEU B 145 55.68 -21.75 -26.34
N LYS B 146 55.92 -20.52 -25.88
CA LYS B 146 57.28 -20.04 -25.76
C LYS B 146 57.86 -20.52 -24.43
N THR B 147 59.08 -20.08 -24.12
CA THR B 147 59.79 -20.59 -22.96
C THR B 147 59.20 -20.08 -21.66
N SER B 148 59.28 -18.78 -21.41
CA SER B 148 58.72 -18.20 -20.19
C SER B 148 57.37 -17.55 -20.47
N GLY B 149 56.40 -18.37 -20.85
CA GLY B 149 55.06 -17.90 -21.14
C GLY B 149 54.20 -17.83 -19.89
N THR B 150 52.90 -17.62 -20.12
CA THR B 150 51.92 -17.66 -19.04
C THR B 150 50.60 -18.15 -19.61
N LEU B 151 50.03 -19.17 -18.98
CA LEU B 151 48.82 -19.82 -19.46
C LEU B 151 47.67 -19.56 -18.49
N ILE B 152 46.50 -19.23 -19.03
CA ILE B 152 45.29 -18.99 -18.25
C ILE B 152 44.24 -19.96 -18.77
N SER B 153 43.96 -21.02 -18.01
CA SER B 153 43.07 -22.07 -18.51
C SER B 153 42.41 -22.79 -17.35
N PHE B 154 41.37 -23.56 -17.68
CA PHE B 154 40.96 -24.66 -16.82
C PHE B 154 41.98 -25.78 -16.97
N ILE B 155 42.74 -26.03 -15.91
CA ILE B 155 43.80 -27.03 -15.95
C ILE B 155 43.33 -28.36 -15.38
N TYR B 156 42.62 -28.33 -14.25
CA TYR B 156 42.26 -29.46 -13.40
C TYR B 156 43.51 -30.26 -13.06
N PRO B 157 44.39 -29.77 -12.19
CA PRO B 157 45.70 -30.41 -12.01
C PRO B 157 45.66 -31.73 -11.29
N ALA B 158 44.61 -32.00 -10.51
CA ALA B 158 44.49 -33.28 -9.84
C ALA B 158 44.11 -34.40 -10.80
N GLN B 159 43.65 -34.08 -11.99
CA GLN B 159 43.23 -35.08 -12.97
C GLN B 159 44.15 -35.16 -14.17
N ASN B 160 45.06 -34.20 -14.37
CA ASN B 160 45.92 -34.16 -15.54
C ASN B 160 47.38 -34.08 -15.11
N PRO B 161 48.03 -35.23 -14.89
CA PRO B 161 49.46 -35.19 -14.53
C PRO B 161 50.39 -35.07 -15.73
N ASP B 162 49.96 -35.63 -16.88
CA ASP B 162 50.80 -35.58 -18.07
C ASP B 162 50.83 -34.18 -18.67
N LEU B 163 49.72 -33.44 -18.55
CA LEU B 163 49.70 -32.05 -18.97
C LEU B 163 50.67 -31.21 -18.15
N LEU B 164 50.70 -31.43 -16.83
CA LEU B 164 51.65 -30.72 -15.98
C LEU B 164 53.09 -31.15 -16.26
N ASN B 165 53.29 -32.41 -16.66
CA ASN B 165 54.63 -32.86 -17.07
C ASN B 165 55.08 -32.13 -18.34
N LYS B 166 54.19 -32.06 -19.34
CA LYS B 166 54.54 -31.44 -20.60
C LYS B 166 54.70 -29.92 -20.47
N LEU B 167 53.99 -29.31 -19.53
CA LEU B 167 54.19 -27.89 -19.26
C LEU B 167 55.42 -27.62 -18.42
N SER B 168 55.79 -28.55 -17.53
CA SER B 168 57.00 -28.38 -16.74
C SER B 168 58.25 -28.57 -17.58
N LYS B 169 58.16 -29.38 -18.65
CA LYS B 169 59.30 -29.51 -19.56
C LYS B 169 59.52 -28.27 -20.42
N ARG B 170 58.55 -27.35 -20.47
CA ARG B 170 58.67 -26.12 -21.24
C ARG B 170 59.01 -24.91 -20.37
N ASN B 171 59.04 -25.11 -19.04
CA ASN B 171 59.51 -24.13 -18.04
C ASN B 171 58.64 -22.87 -18.05
N THR B 172 57.35 -23.07 -17.85
CA THR B 172 56.37 -21.99 -17.92
C THR B 172 55.65 -21.82 -16.58
N THR B 173 54.88 -20.73 -16.50
CA THR B 173 54.09 -20.40 -15.32
C THR B 173 52.61 -20.51 -15.69
N VAL B 174 51.87 -21.34 -14.98
CA VAL B 174 50.49 -21.68 -15.35
C VAL B 174 49.56 -21.28 -14.22
N LEU B 175 48.63 -20.38 -14.53
CA LEU B 175 47.53 -20.07 -13.62
C LEU B 175 46.31 -20.90 -14.00
N ALA B 176 45.48 -21.19 -13.01
CA ALA B 176 44.32 -22.05 -13.20
C ALA B 176 43.06 -21.28 -12.78
N MET B 177 42.12 -21.14 -13.71
CA MET B 177 40.82 -20.56 -13.38
C MET B 177 39.98 -21.48 -12.51
N ASP B 178 40.30 -22.77 -12.48
CA ASP B 178 39.64 -23.72 -11.60
C ASP B 178 39.92 -23.40 -10.14
N GLN B 179 41.21 -23.30 -9.79
CA GLN B 179 41.66 -23.37 -8.41
C GLN B 179 41.56 -22.03 -7.67
N VAL B 180 40.80 -21.08 -8.16
CA VAL B 180 40.55 -19.85 -7.39
C VAL B 180 39.63 -20.18 -6.23
N PRO B 181 39.99 -19.90 -4.98
CA PRO B 181 39.13 -20.26 -3.85
C PRO B 181 37.90 -19.37 -3.77
N ARG B 182 36.83 -19.93 -3.21
CA ARG B 182 35.54 -19.25 -3.11
C ARG B 182 35.54 -18.41 -1.84
N VAL B 183 36.04 -17.19 -1.96
CA VAL B 183 36.07 -16.25 -0.84
C VAL B 183 35.30 -14.99 -1.23
N THR B 184 35.30 -13.99 -0.36
CA THR B 184 34.48 -12.81 -0.57
C THR B 184 35.06 -11.89 -1.64
N ILE B 185 36.38 -11.66 -1.62
CA ILE B 185 36.97 -10.69 -2.54
C ILE B 185 37.27 -11.28 -3.92
N ALA B 186 37.01 -12.56 -4.12
CA ALA B 186 37.32 -13.22 -5.39
C ALA B 186 36.06 -13.77 -6.05
N GLN B 187 34.91 -13.14 -5.83
CA GLN B 187 33.67 -13.57 -6.43
C GLN B 187 33.35 -12.83 -7.71
N GLY B 188 34.11 -11.78 -8.04
CA GLY B 188 34.00 -11.17 -9.35
C GLY B 188 34.67 -11.96 -10.44
N TYR B 189 35.58 -12.85 -10.08
CA TYR B 189 36.27 -13.75 -11.01
C TYR B 189 36.15 -15.18 -10.47
N ASP B 190 35.03 -15.81 -10.79
CA ASP B 190 34.76 -17.19 -10.41
C ASP B 190 34.13 -17.85 -11.64
N ALA B 191 34.95 -18.53 -12.43
CA ALA B 191 34.49 -19.05 -13.72
C ALA B 191 33.53 -20.21 -13.55
N LEU B 192 33.72 -21.03 -12.51
CA LEU B 192 32.85 -22.17 -12.27
C LEU B 192 31.44 -21.73 -11.89
N SER B 193 31.31 -20.63 -11.15
CA SER B 193 29.99 -20.11 -10.81
C SER B 193 29.28 -19.56 -12.04
N SER B 194 30.03 -18.92 -12.94
CA SER B 194 29.44 -18.40 -14.18
C SER B 194 28.95 -19.53 -15.07
N MET B 195 29.77 -20.59 -15.21
CA MET B 195 29.36 -21.72 -16.04
C MET B 195 28.22 -22.50 -15.39
N ALA B 196 28.15 -22.51 -14.05
CA ALA B 196 27.03 -23.16 -13.38
C ALA B 196 25.74 -22.38 -13.56
N ASN B 197 25.82 -21.04 -13.55
CA ASN B 197 24.65 -20.20 -13.80
C ASN B 197 24.12 -20.40 -15.22
N ILE B 198 25.03 -20.45 -16.19
CA ILE B 198 24.63 -20.64 -17.58
C ILE B 198 24.10 -22.05 -17.80
N ALA B 199 24.67 -23.04 -17.10
CA ALA B 199 24.17 -24.40 -17.21
C ALA B 199 22.79 -24.55 -16.59
N GLY B 200 22.51 -23.82 -15.51
CA GLY B 200 21.18 -23.86 -14.93
C GLY B 200 20.12 -23.25 -15.83
N TYR B 201 20.42 -22.08 -16.40
CA TYR B 201 19.48 -21.46 -17.33
C TYR B 201 19.28 -22.29 -18.58
N LYS B 202 20.36 -22.94 -19.07
CA LYS B 202 20.23 -23.75 -20.27
C LYS B 202 19.51 -25.06 -19.99
N ALA B 203 19.64 -25.59 -18.77
CA ALA B 203 18.87 -26.77 -18.39
C ALA B 203 17.37 -26.46 -18.31
N VAL B 204 17.03 -25.26 -17.84
CA VAL B 204 15.61 -24.87 -17.84
C VAL B 204 15.10 -24.68 -19.26
N VAL B 205 15.85 -23.96 -20.10
CA VAL B 205 15.35 -23.68 -21.45
C VAL B 205 15.48 -24.89 -22.37
N LEU B 206 16.19 -25.94 -21.96
CA LEU B 206 16.15 -27.23 -22.64
C LEU B 206 15.12 -28.18 -22.04
N ALA B 207 14.64 -27.92 -20.81
CA ALA B 207 13.54 -28.70 -20.28
C ALA B 207 12.26 -28.43 -21.07
N ALA B 208 11.85 -27.17 -21.15
CA ALA B 208 10.93 -26.77 -22.20
C ALA B 208 11.64 -26.86 -23.55
N ASN B 209 10.83 -26.97 -24.62
CA ASN B 209 11.11 -27.33 -26.01
C ASN B 209 11.34 -28.85 -26.15
N HIS B 210 11.40 -29.59 -25.03
CA HIS B 210 11.25 -31.04 -25.05
C HIS B 210 10.10 -31.51 -24.17
N PHE B 211 9.54 -30.63 -23.36
CA PHE B 211 8.35 -30.91 -22.58
C PHE B 211 7.14 -30.34 -23.32
N GLY B 212 6.19 -31.19 -23.64
CA GLY B 212 5.14 -30.80 -24.55
C GLY B 212 3.89 -30.20 -23.94
N ARG B 213 4.04 -29.50 -22.82
CA ARG B 213 2.93 -28.75 -22.24
C ARG B 213 3.43 -27.38 -21.76
N PHE B 214 2.49 -26.55 -21.36
CA PHE B 214 2.80 -25.24 -20.81
C PHE B 214 3.49 -25.36 -19.45
N PHE B 215 4.23 -24.33 -19.07
CA PHE B 215 4.65 -24.18 -17.68
C PHE B 215 3.71 -23.31 -16.89
N THR B 216 3.13 -22.29 -17.53
CA THR B 216 2.38 -21.27 -16.80
C THR B 216 1.01 -21.81 -16.37
N GLY B 217 0.16 -22.14 -17.33
CA GLY B 217 -1.18 -22.55 -17.01
C GLY B 217 -2.09 -21.34 -16.90
N GLN B 218 -3.10 -21.27 -17.74
CA GLN B 218 -4.02 -20.14 -17.73
C GLN B 218 -5.42 -20.64 -17.44
N ILE B 219 -6.26 -19.72 -16.97
CA ILE B 219 -7.69 -19.97 -16.94
C ILE B 219 -8.31 -19.16 -18.06
N THR B 220 -8.41 -19.75 -19.23
CA THR B 220 -9.18 -19.16 -20.31
C THR B 220 -10.60 -19.73 -20.26
N ALA B 221 -11.44 -19.31 -21.19
CA ALA B 221 -12.77 -19.90 -21.30
C ALA B 221 -12.76 -21.07 -22.28
N ALA B 222 -11.81 -21.98 -22.10
CA ALA B 222 -11.71 -23.18 -22.91
C ALA B 222 -11.21 -24.38 -22.13
N GLY B 223 -10.95 -24.24 -20.83
CA GLY B 223 -10.45 -25.35 -20.03
C GLY B 223 -9.34 -24.96 -19.08
N LYS B 224 -9.41 -25.47 -17.85
CA LYS B 224 -8.33 -25.30 -16.90
C LYS B 224 -7.14 -26.14 -17.30
N VAL B 225 -5.97 -25.51 -17.40
CA VAL B 225 -4.72 -26.20 -17.64
C VAL B 225 -3.82 -26.00 -16.43
N PRO B 226 -3.30 -27.06 -15.81
CA PRO B 226 -2.53 -26.91 -14.59
C PRO B 226 -1.10 -26.51 -14.89
N PRO B 227 -0.41 -25.85 -13.96
CA PRO B 227 1.00 -25.54 -14.16
C PRO B 227 1.86 -26.79 -14.08
N ALA B 228 3.04 -26.71 -14.69
CA ALA B 228 4.00 -27.79 -14.60
C ALA B 228 4.65 -27.80 -13.22
N LYS B 229 5.14 -28.97 -12.83
CA LYS B 229 5.75 -29.17 -11.51
C LYS B 229 7.17 -29.65 -11.69
N ILE B 230 8.13 -28.89 -11.17
CA ILE B 230 9.55 -29.09 -11.40
C ILE B 230 10.24 -29.30 -10.06
N LEU B 231 11.11 -30.31 -9.99
CA LEU B 231 11.85 -30.63 -8.77
C LEU B 231 13.34 -30.47 -9.04
N ILE B 232 14.04 -29.80 -8.13
CA ILE B 232 15.44 -29.43 -8.30
C ILE B 232 16.24 -30.09 -7.19
N VAL B 233 17.01 -31.12 -7.51
CA VAL B 233 17.84 -31.78 -6.50
C VAL B 233 19.15 -31.01 -6.38
N GLY B 234 19.32 -30.28 -5.29
CA GLY B 234 20.61 -29.67 -4.99
C GLY B 234 20.73 -28.24 -5.46
N GLY B 235 20.64 -27.29 -4.53
CA GLY B 235 20.75 -25.90 -4.90
C GLY B 235 22.10 -25.27 -4.62
N GLY B 236 22.94 -25.18 -5.65
CA GLY B 236 24.21 -24.47 -5.51
C GLY B 236 24.13 -23.16 -6.24
N VAL B 237 24.79 -23.08 -7.39
CA VAL B 237 24.60 -21.99 -8.32
C VAL B 237 23.66 -22.39 -9.45
N ALA B 238 23.87 -23.59 -9.99
CA ALA B 238 23.00 -24.11 -11.05
C ALA B 238 21.60 -24.41 -10.55
N GLY B 239 21.48 -24.90 -9.31
CA GLY B 239 20.16 -25.19 -8.76
C GLY B 239 19.33 -23.95 -8.52
N LEU B 240 19.95 -22.90 -8.00
CA LEU B 240 19.22 -21.66 -7.80
C LEU B 240 18.97 -20.92 -9.10
N ALA B 241 19.88 -21.04 -10.07
CA ALA B 241 19.61 -20.49 -11.40
C ALA B 241 18.44 -21.19 -12.06
N SER B 242 18.34 -22.51 -11.89
CA SER B 242 17.22 -23.25 -12.44
C SER B 242 15.93 -22.92 -11.71
N ALA B 243 16.00 -22.72 -10.39
CA ALA B 243 14.81 -22.37 -9.64
C ALA B 243 14.29 -20.99 -10.02
N GLY B 244 15.19 -20.03 -10.22
CA GLY B 244 14.76 -18.71 -10.66
C GLY B 244 14.20 -18.72 -12.07
N ALA B 245 14.86 -19.44 -12.99
CA ALA B 245 14.39 -19.48 -14.37
C ALA B 245 13.10 -20.27 -14.52
N ALA B 246 12.84 -21.23 -13.64
CA ALA B 246 11.60 -21.98 -13.70
C ALA B 246 10.48 -21.31 -12.93
N LYS B 247 10.79 -20.53 -11.89
CA LYS B 247 9.77 -19.84 -11.14
C LYS B 247 9.29 -18.60 -11.86
N SER B 248 10.19 -17.86 -12.51
CA SER B 248 9.79 -16.67 -13.25
C SER B 248 9.01 -17.03 -14.52
N MET B 249 9.20 -18.24 -15.04
CA MET B 249 8.52 -18.61 -16.28
C MET B 249 7.08 -19.06 -16.03
N GLY B 250 6.80 -19.61 -14.85
CA GLY B 250 5.42 -19.89 -14.50
C GLY B 250 5.17 -21.15 -13.69
N ALA B 251 6.13 -22.07 -13.68
CA ALA B 251 5.94 -23.34 -12.98
C ALA B 251 6.14 -23.16 -11.48
N ILE B 252 5.88 -24.23 -10.74
CA ILE B 252 6.10 -24.26 -9.30
C ILE B 252 7.25 -25.22 -9.00
N VAL B 253 8.11 -24.83 -8.07
CA VAL B 253 9.37 -25.52 -7.79
C VAL B 253 9.31 -26.07 -6.38
N ARG B 254 9.79 -27.29 -6.20
CA ARG B 254 9.79 -27.98 -4.91
C ARG B 254 11.16 -28.61 -4.64
N GLY B 255 12.21 -27.81 -4.78
CA GLY B 255 13.58 -28.30 -4.69
C GLY B 255 14.00 -28.75 -3.30
N PHE B 256 15.20 -29.32 -3.24
CA PHE B 256 15.74 -29.92 -2.02
C PHE B 256 17.26 -29.92 -2.04
N ASP B 257 17.86 -29.70 -0.87
CA ASP B 257 19.30 -29.80 -0.69
C ASP B 257 19.58 -30.24 0.75
N THR B 258 20.76 -30.83 0.96
CA THR B 258 21.13 -31.37 2.26
C THR B 258 21.66 -30.29 3.20
N ARG B 259 22.24 -29.22 2.67
CA ARG B 259 22.69 -28.15 3.53
C ARG B 259 21.50 -27.35 4.07
N ALA B 260 21.72 -26.68 5.19
CA ALA B 260 20.67 -25.93 5.84
C ALA B 260 20.51 -24.52 5.31
N ALA B 261 21.53 -23.98 4.63
CA ALA B 261 21.41 -22.63 4.08
C ALA B 261 20.73 -22.63 2.72
N ALA B 262 20.93 -23.70 1.94
CA ALA B 262 20.36 -23.76 0.61
C ALA B 262 18.85 -23.89 0.64
N LEU B 263 18.29 -24.47 1.71
CA LEU B 263 16.84 -24.47 1.85
C LEU B 263 16.28 -23.08 2.12
N GLU B 264 17.03 -22.26 2.85
CA GLU B 264 16.61 -20.87 3.03
C GLU B 264 16.76 -20.07 1.75
N GLN B 265 17.76 -20.40 0.93
CA GLN B 265 17.88 -19.76 -0.39
C GLN B 265 16.74 -20.20 -1.31
N PHE B 266 16.31 -21.46 -1.21
CA PHE B 266 15.13 -21.93 -1.93
C PHE B 266 13.87 -21.19 -1.49
N LYS B 267 13.70 -20.99 -0.18
CA LYS B 267 12.51 -20.30 0.31
C LYS B 267 12.53 -18.83 -0.07
N SER B 268 13.72 -18.23 -0.13
CA SER B 268 13.83 -16.86 -0.61
C SER B 268 13.54 -16.73 -2.10
N LEU B 269 13.91 -17.74 -2.90
CA LEU B 269 13.59 -17.70 -4.32
C LEU B 269 12.12 -18.02 -4.60
N GLY B 270 11.43 -18.65 -3.67
CA GLY B 270 10.02 -18.94 -3.81
C GLY B 270 9.65 -20.40 -4.06
N ALA B 271 10.55 -21.34 -3.81
CA ALA B 271 10.28 -22.75 -4.04
C ALA B 271 9.65 -23.37 -2.80
N GLU B 272 9.56 -24.69 -2.78
CA GLU B 272 9.04 -25.42 -1.63
C GLU B 272 10.17 -26.26 -1.06
N PRO B 273 10.73 -25.89 0.09
CA PRO B 273 11.82 -26.69 0.69
C PRO B 273 11.28 -28.01 1.23
N LEU B 274 11.84 -29.11 0.76
CA LEU B 274 11.44 -30.42 1.21
C LEU B 274 12.25 -30.84 2.43
N GLU B 275 11.65 -31.67 3.27
CA GLU B 275 12.28 -32.14 4.48
C GLU B 275 12.28 -33.67 4.49
N VAL B 276 13.28 -34.24 5.15
CA VAL B 276 13.40 -35.68 5.30
C VAL B 276 13.35 -36.00 6.79
N ASP B 277 12.92 -37.22 7.12
CA ASP B 277 12.67 -37.56 8.52
C ASP B 277 13.97 -37.81 9.29
N LEU B 278 14.92 -38.53 8.69
CA LEU B 278 16.18 -38.81 9.36
C LEU B 278 16.99 -37.52 9.41
N LYS B 279 16.95 -36.84 10.55
CA LYS B 279 17.43 -35.47 10.67
C LYS B 279 18.84 -35.46 11.24
N GLU B 280 19.82 -35.64 10.36
CA GLU B 280 21.21 -35.53 10.76
C GLU B 280 21.84 -34.32 10.08
N SER B 281 23.08 -34.04 10.47
CA SER B 281 23.72 -32.77 10.15
C SER B 281 24.15 -32.72 8.68
N GLY B 282 24.03 -31.54 8.09
CA GLY B 282 24.58 -31.30 6.78
C GLY B 282 26.07 -31.05 6.86
N GLU B 283 26.85 -32.02 6.39
CA GLU B 283 28.30 -32.02 6.57
C GLU B 283 28.98 -31.10 5.55
N GLY B 284 30.29 -31.22 5.39
CA GLY B 284 30.93 -30.39 4.39
C GLY B 284 31.52 -29.11 4.93
N GLN B 285 32.46 -29.24 5.87
CA GLN B 285 33.16 -28.10 6.45
C GLN B 285 33.81 -27.23 5.39
N GLY B 286 33.78 -25.93 5.61
CA GLY B 286 34.11 -24.96 4.59
C GLY B 286 32.92 -24.48 3.78
N GLY B 287 31.73 -24.99 4.06
CA GLY B 287 30.54 -24.61 3.33
C GLY B 287 30.35 -25.43 2.07
N TYR B 288 30.33 -26.75 2.22
CA TYR B 288 30.27 -27.68 1.10
C TYR B 288 29.45 -28.88 1.53
N ALA B 289 29.55 -29.99 0.81
CA ALA B 289 28.82 -31.20 1.14
C ALA B 289 29.75 -32.40 1.14
N LYS B 290 29.66 -33.23 2.17
CA LYS B 290 30.38 -34.49 2.21
C LYS B 290 29.49 -35.61 1.67
N GLU B 291 29.93 -36.85 1.86
CA GLU B 291 29.14 -38.02 1.51
C GLU B 291 28.34 -38.46 2.73
N MET B 292 27.02 -38.43 2.61
CA MET B 292 26.14 -38.71 3.74
C MET B 292 26.10 -40.21 4.03
N SER B 293 25.46 -40.56 5.14
CA SER B 293 25.35 -41.94 5.57
C SER B 293 24.39 -42.71 4.67
N LYS B 294 24.43 -44.04 4.78
CA LYS B 294 23.64 -44.90 3.90
C LYS B 294 22.15 -44.83 4.24
N GLU B 295 21.82 -44.68 5.53
CA GLU B 295 20.42 -44.57 5.93
C GLU B 295 19.82 -43.23 5.48
N PHE B 296 20.62 -42.17 5.48
CA PHE B 296 20.16 -40.89 4.93
C PHE B 296 19.90 -40.99 3.43
N ILE B 297 20.74 -41.75 2.72
CA ILE B 297 20.54 -41.90 1.28
C ILE B 297 19.29 -42.75 0.99
N GLU B 298 19.08 -43.82 1.76
CA GLU B 298 17.88 -44.62 1.50
C GLU B 298 16.61 -43.97 2.06
N ALA B 299 16.73 -42.93 2.89
CA ALA B 299 15.55 -42.14 3.22
C ALA B 299 15.29 -41.05 2.18
N GLU B 300 16.36 -40.45 1.65
CA GLU B 300 16.23 -39.45 0.60
C GLU B 300 15.69 -40.05 -0.68
N MET B 301 16.07 -41.30 -0.99
CA MET B 301 15.53 -41.96 -2.17
C MET B 301 14.07 -42.36 -1.97
N LYS B 302 13.65 -42.61 -0.72
CA LYS B 302 12.24 -42.79 -0.43
C LYS B 302 11.46 -41.51 -0.65
N LEU B 303 12.01 -40.37 -0.20
CA LEU B 303 11.38 -39.08 -0.44
C LEU B 303 11.30 -38.75 -1.93
N PHE B 304 12.38 -39.03 -2.67
CA PHE B 304 12.38 -38.75 -4.09
C PHE B 304 11.51 -39.72 -4.87
N ALA B 305 11.31 -40.94 -4.37
CA ALA B 305 10.40 -41.86 -5.01
C ALA B 305 8.95 -41.49 -4.76
N GLN B 306 8.67 -40.88 -3.60
CA GLN B 306 7.31 -40.41 -3.36
C GLN B 306 7.03 -39.16 -4.18
N GLN B 307 8.01 -38.27 -4.30
CA GLN B 307 7.85 -37.05 -5.09
C GLN B 307 8.02 -37.27 -6.58
N CYS B 308 8.52 -38.42 -7.00
CA CYS B 308 8.84 -38.67 -8.40
C CYS B 308 7.62 -39.09 -9.20
N LYS B 309 6.55 -39.53 -8.54
CA LYS B 309 5.33 -39.94 -9.21
C LYS B 309 4.48 -38.77 -9.65
N GLU B 310 4.74 -37.55 -9.17
CA GLU B 310 3.86 -36.43 -9.41
C GLU B 310 4.51 -35.23 -10.07
N VAL B 311 5.83 -35.10 -10.05
CA VAL B 311 6.49 -33.99 -10.73
C VAL B 311 6.59 -34.31 -12.21
N ASP B 312 6.90 -33.30 -13.02
CA ASP B 312 6.99 -33.47 -14.47
C ASP B 312 8.38 -33.29 -15.02
N ILE B 313 9.20 -32.41 -14.45
CA ILE B 313 10.57 -32.18 -14.88
C ILE B 313 11.49 -32.31 -13.69
N LEU B 314 12.52 -33.13 -13.83
CA LEU B 314 13.42 -33.44 -12.72
C LEU B 314 14.83 -33.02 -13.12
N ILE B 315 15.31 -31.93 -12.54
CA ILE B 315 16.65 -31.42 -12.80
C ILE B 315 17.52 -31.78 -11.61
N SER B 316 18.53 -32.62 -11.81
CA SER B 316 19.38 -33.08 -10.72
C SER B 316 20.74 -32.41 -10.80
N THR B 317 21.20 -31.86 -9.67
CA THR B 317 22.46 -31.11 -9.63
C THR B 317 23.28 -31.53 -8.41
N ALA B 318 23.09 -32.75 -7.91
CA ALA B 318 23.81 -33.19 -6.72
C ALA B 318 25.25 -33.52 -7.08
N LEU B 319 26.19 -32.96 -6.33
CA LEU B 319 27.62 -33.07 -6.67
C LEU B 319 28.44 -32.80 -5.42
N ILE B 320 29.29 -33.76 -5.05
CA ILE B 320 30.15 -33.59 -3.88
C ILE B 320 31.60 -33.49 -4.35
N PRO B 321 32.44 -32.70 -3.68
CA PRO B 321 33.80 -32.47 -4.18
C PRO B 321 34.71 -33.67 -3.95
N GLY B 322 35.57 -33.92 -4.94
CA GLY B 322 36.57 -34.96 -4.86
C GLY B 322 36.04 -36.38 -5.03
N LYS B 323 34.75 -36.55 -5.29
CA LYS B 323 34.15 -37.86 -5.47
C LYS B 323 33.23 -37.80 -6.69
N LYS B 324 32.55 -38.91 -6.96
CA LYS B 324 31.53 -38.91 -7.98
C LYS B 324 30.24 -38.28 -7.46
N ALA B 325 29.33 -38.00 -8.38
CA ALA B 325 28.00 -37.57 -7.97
C ALA B 325 27.23 -38.77 -7.44
N PRO B 326 26.44 -38.59 -6.37
CA PRO B 326 25.75 -39.73 -5.78
C PRO B 326 24.55 -40.18 -6.61
N ILE B 327 24.42 -41.50 -6.75
CA ILE B 327 23.28 -42.11 -7.42
C ILE B 327 22.06 -41.92 -6.51
N LEU B 328 21.11 -41.11 -6.96
CA LEU B 328 19.93 -40.80 -6.16
C LEU B 328 18.63 -41.30 -6.77
N PHE B 329 18.67 -41.93 -7.93
CA PHE B 329 17.45 -42.34 -8.62
C PHE B 329 17.70 -43.67 -9.33
N ASN B 330 16.87 -44.66 -9.04
CA ASN B 330 17.01 -45.98 -9.64
C ASN B 330 16.31 -46.02 -11.00
N LYS B 331 16.31 -47.20 -11.62
CA LYS B 331 15.57 -47.38 -12.86
C LYS B 331 14.07 -47.49 -12.59
N GLU B 332 13.68 -48.27 -11.60
CA GLU B 332 12.27 -48.40 -11.25
C GLU B 332 11.73 -47.13 -10.60
N MET B 333 12.60 -46.30 -10.05
CA MET B 333 12.17 -45.02 -9.48
C MET B 333 11.85 -44.01 -10.57
N ILE B 334 12.52 -44.11 -11.71
CA ILE B 334 12.37 -43.12 -12.77
C ILE B 334 11.45 -43.61 -13.89
N GLU B 335 11.20 -44.92 -13.99
CA GLU B 335 10.20 -45.41 -14.93
C GLU B 335 8.78 -45.24 -14.42
N SER B 336 8.59 -44.81 -13.18
CA SER B 336 7.27 -44.60 -12.61
C SER B 336 6.75 -43.19 -12.82
N MET B 337 7.42 -42.39 -13.64
CA MET B 337 6.95 -41.04 -13.90
C MET B 337 5.86 -41.05 -14.96
N LYS B 338 5.25 -39.88 -15.16
CA LYS B 338 4.26 -39.72 -16.22
C LYS B 338 4.95 -39.77 -17.58
N GLU B 339 4.24 -40.30 -18.57
CA GLU B 339 4.82 -40.44 -19.91
C GLU B 339 4.93 -39.07 -20.57
N GLY B 340 6.11 -38.77 -21.10
CA GLY B 340 6.39 -37.47 -21.65
C GLY B 340 7.16 -36.55 -20.74
N SER B 341 7.64 -37.05 -19.60
CA SER B 341 8.38 -36.24 -18.65
C SER B 341 9.79 -35.96 -19.17
N VAL B 342 10.42 -34.95 -18.57
CA VAL B 342 11.76 -34.52 -18.94
C VAL B 342 12.66 -34.60 -17.72
N VAL B 343 13.78 -35.29 -17.86
CA VAL B 343 14.70 -35.54 -16.75
C VAL B 343 16.07 -35.06 -17.19
N VAL B 344 16.55 -33.98 -16.55
CA VAL B 344 17.79 -33.30 -16.92
C VAL B 344 18.85 -33.62 -15.88
N ASP B 345 20.04 -34.04 -16.34
CA ASP B 345 21.13 -34.43 -15.46
C ASP B 345 22.28 -33.45 -15.64
N LEU B 346 22.52 -32.62 -14.63
CA LEU B 346 23.58 -31.63 -14.68
C LEU B 346 24.91 -32.15 -14.15
N ALA B 347 24.97 -33.36 -13.64
CA ALA B 347 26.19 -33.95 -13.12
C ALA B 347 26.66 -35.12 -13.97
N ALA B 348 26.45 -35.04 -15.29
CA ALA B 348 26.80 -36.15 -16.17
C ALA B 348 28.28 -36.24 -16.45
N GLU B 349 29.05 -35.17 -16.19
CA GLU B 349 30.49 -35.23 -16.37
C GLU B 349 31.14 -36.06 -15.28
N ALA B 350 30.84 -35.76 -14.03
CA ALA B 350 31.38 -36.49 -12.89
C ALA B 350 30.38 -37.56 -12.45
N GLY B 351 30.28 -38.61 -13.28
CA GLY B 351 29.43 -39.73 -12.95
C GLY B 351 28.00 -39.57 -13.42
N GLY B 352 27.14 -39.13 -12.52
CA GLY B 352 25.73 -38.96 -12.81
C GLY B 352 24.95 -39.29 -11.56
N ASN B 353 23.76 -38.71 -11.45
CA ASN B 353 22.87 -38.98 -10.34
C ASN B 353 21.84 -40.07 -10.64
N PHE B 354 21.91 -40.66 -11.83
CA PHE B 354 20.89 -41.59 -12.30
C PHE B 354 21.55 -42.91 -12.66
N GLU B 355 20.79 -43.99 -12.57
CA GLU B 355 21.28 -45.24 -13.12
C GLU B 355 21.08 -45.33 -14.61
N THR B 356 20.37 -44.38 -15.22
CA THR B 356 20.12 -44.36 -16.65
C THR B 356 20.46 -42.98 -17.23
N THR B 357 21.73 -42.80 -17.58
CA THR B 357 22.19 -41.56 -18.21
C THR B 357 23.32 -41.90 -19.16
N LYS B 358 23.07 -41.74 -20.46
CA LYS B 358 24.13 -41.78 -21.45
C LYS B 358 24.65 -40.37 -21.60
N PRO B 359 25.90 -40.09 -21.22
CA PRO B 359 26.36 -38.69 -21.12
C PRO B 359 26.56 -37.99 -22.45
N GLY B 360 25.48 -37.50 -23.04
CA GLY B 360 25.58 -36.77 -24.29
C GLY B 360 24.45 -37.04 -25.25
N GLU B 361 23.51 -37.90 -24.88
CA GLU B 361 22.44 -38.32 -25.76
C GLU B 361 21.08 -37.96 -25.18
N LEU B 362 20.05 -38.08 -26.02
CA LEU B 362 18.65 -37.80 -25.68
C LEU B 362 17.76 -38.96 -26.08
N TYR B 363 18.14 -40.18 -25.68
CA TYR B 363 17.32 -41.35 -25.95
C TYR B 363 16.01 -41.25 -25.18
N VAL B 364 14.95 -41.78 -25.80
CA VAL B 364 13.59 -41.51 -25.31
C VAL B 364 13.31 -42.30 -24.05
N HIS B 365 13.65 -43.60 -24.04
CA HIS B 365 13.51 -44.53 -22.91
C HIS B 365 12.10 -44.57 -22.34
N LYS B 366 11.17 -45.14 -23.11
CA LYS B 366 9.73 -45.29 -22.85
C LYS B 366 9.07 -44.01 -22.34
N GLY B 367 9.17 -42.94 -23.13
CA GLY B 367 8.50 -41.69 -22.83
C GLY B 367 9.35 -40.68 -22.10
N ILE B 368 9.92 -41.07 -20.95
CA ILE B 368 10.59 -40.12 -20.08
C ILE B 368 11.94 -39.75 -20.68
N THR B 369 12.00 -38.59 -21.33
CA THR B 369 13.17 -38.17 -22.10
C THR B 369 14.29 -37.72 -21.17
N HIS B 370 15.48 -38.27 -21.38
CA HIS B 370 16.65 -37.96 -20.58
C HIS B 370 17.55 -36.99 -21.33
N ILE B 371 17.87 -35.87 -20.70
CA ILE B 371 18.83 -34.90 -21.21
C ILE B 371 20.10 -35.03 -20.38
N GLY B 372 21.21 -35.34 -21.03
CA GLY B 372 22.44 -35.65 -20.34
C GLY B 372 23.69 -35.04 -20.96
N TYR B 373 23.58 -33.83 -21.49
CA TYR B 373 24.72 -33.18 -22.13
C TYR B 373 25.81 -32.86 -21.10
N THR B 374 27.06 -33.01 -21.52
CA THR B 374 28.20 -32.78 -20.64
C THR B 374 28.88 -31.44 -20.91
N ASP B 375 28.63 -30.81 -22.05
CA ASP B 375 29.12 -29.46 -22.34
C ASP B 375 27.92 -28.56 -22.57
N LEU B 376 27.31 -28.13 -21.48
CA LEU B 376 26.09 -27.33 -21.52
C LEU B 376 26.31 -25.81 -21.70
N PRO B 377 27.30 -25.15 -21.07
CA PRO B 377 27.52 -23.74 -21.42
C PRO B 377 28.04 -23.50 -22.84
N SER B 378 28.48 -24.54 -23.55
CA SER B 378 28.93 -24.35 -24.93
C SER B 378 27.78 -24.08 -25.89
N ARG B 379 26.54 -24.37 -25.50
CA ARG B 379 25.40 -24.09 -26.35
C ARG B 379 24.84 -22.69 -26.18
N MET B 380 25.39 -21.92 -25.24
CA MET B 380 25.10 -20.51 -25.08
C MET B 380 26.40 -19.73 -25.10
N ALA B 381 27.20 -19.99 -26.13
CA ALA B 381 28.61 -19.62 -26.17
C ALA B 381 28.85 -18.11 -26.18
N THR B 382 27.87 -17.31 -26.61
CA THR B 382 28.03 -15.87 -26.53
C THR B 382 28.04 -15.39 -25.09
N GLN B 383 27.06 -15.83 -24.30
CA GLN B 383 26.99 -15.47 -22.89
C GLN B 383 28.15 -16.06 -22.10
N ALA B 384 28.54 -17.30 -22.44
CA ALA B 384 29.66 -17.96 -21.77
C ALA B 384 30.97 -17.25 -22.08
N SER B 385 31.16 -16.84 -23.33
CA SER B 385 32.38 -16.12 -23.69
C SER B 385 32.44 -14.74 -23.08
N THR B 386 31.31 -14.03 -22.99
CA THR B 386 31.31 -12.72 -22.35
C THR B 386 31.59 -12.81 -20.86
N LEU B 387 30.97 -13.78 -20.17
CA LEU B 387 31.21 -13.90 -18.73
C LEU B 387 32.60 -14.43 -18.42
N TYR B 388 33.14 -15.33 -19.25
CA TYR B 388 34.49 -15.82 -19.02
C TYR B 388 35.54 -14.77 -19.35
N SER B 389 35.25 -13.91 -20.33
CA SER B 389 36.13 -12.77 -20.62
C SER B 389 36.09 -11.75 -19.49
N ASN B 390 34.92 -11.53 -18.89
CA ASN B 390 34.83 -10.64 -17.74
C ASN B 390 35.61 -11.20 -16.55
N ASN B 391 35.55 -12.51 -16.35
CA ASN B 391 36.29 -13.13 -15.25
C ASN B 391 37.80 -13.03 -15.45
N ILE B 392 38.28 -13.25 -16.67
CA ILE B 392 39.72 -13.15 -16.92
C ILE B 392 40.20 -11.71 -16.85
N THR B 393 39.40 -10.77 -17.36
CA THR B 393 39.77 -9.36 -17.30
C THR B 393 39.79 -8.85 -15.86
N LYS B 394 38.81 -9.25 -15.05
CA LYS B 394 38.83 -8.85 -13.65
C LYS B 394 39.84 -9.63 -12.82
N LEU B 395 40.35 -10.75 -13.33
CA LEU B 395 41.50 -11.38 -12.68
C LEU B 395 42.78 -10.62 -12.96
N LEU B 396 43.04 -10.31 -14.24
CA LEU B 396 44.27 -9.63 -14.61
C LEU B 396 44.28 -8.16 -14.20
N LYS B 397 43.11 -7.56 -13.96
CA LYS B 397 43.08 -6.23 -13.38
C LYS B 397 43.43 -6.28 -11.90
N ALA B 398 43.18 -7.40 -11.24
CA ALA B 398 43.35 -7.49 -9.80
C ALA B 398 44.71 -8.04 -9.37
N ILE B 399 45.30 -8.98 -10.12
CA ILE B 399 46.56 -9.57 -9.66
C ILE B 399 47.75 -8.65 -9.85
N SER B 400 47.62 -7.60 -10.66
CA SER B 400 48.64 -6.56 -10.77
C SER B 400 47.94 -5.22 -10.87
N PRO B 401 47.59 -4.61 -9.73
CA PRO B 401 46.87 -3.33 -9.75
C PRO B 401 47.79 -2.13 -9.92
N ASP B 402 48.60 -2.16 -10.97
CA ASP B 402 49.69 -1.22 -11.15
C ASP B 402 49.74 -0.80 -12.61
N LYS B 403 50.25 0.41 -12.85
CA LYS B 403 50.42 0.91 -14.20
C LYS B 403 51.76 0.50 -14.76
N ASP B 404 51.75 0.15 -16.05
CA ASP B 404 52.86 -0.28 -16.93
C ASP B 404 53.96 -1.11 -16.24
N ASN B 405 53.51 -2.07 -15.43
CA ASN B 405 54.29 -3.15 -14.85
C ASN B 405 53.35 -4.31 -14.59
N PHE B 406 53.90 -5.51 -14.48
CA PHE B 406 53.08 -6.72 -14.37
C PHE B 406 53.78 -7.77 -13.51
N TYR B 407 53.44 -7.85 -12.22
CA TYR B 407 54.30 -8.54 -11.26
C TYR B 407 53.68 -9.77 -10.61
N PHE B 408 52.55 -9.62 -9.90
CA PHE B 408 51.84 -10.65 -9.12
C PHE B 408 52.76 -11.55 -8.27
N GLU B 409 53.29 -11.00 -7.17
CA GLU B 409 54.16 -11.77 -6.27
C GLU B 409 53.44 -13.00 -5.71
N VAL B 410 54.09 -14.15 -5.84
CA VAL B 410 53.57 -15.42 -5.35
C VAL B 410 54.32 -15.75 -4.06
N LYS B 411 53.66 -15.59 -2.93
CA LYS B 411 54.23 -15.91 -1.63
C LYS B 411 53.25 -16.72 -0.82
N ASP B 412 53.75 -17.39 0.21
CA ASP B 412 52.95 -18.34 0.96
C ASP B 412 52.90 -18.03 2.46
N ASP B 413 52.66 -16.76 2.81
CA ASP B 413 52.45 -16.39 4.20
C ASP B 413 51.01 -16.58 4.66
N PHE B 414 50.05 -16.62 3.73
CA PHE B 414 48.72 -17.19 3.91
C PHE B 414 47.88 -16.48 4.97
N ASP B 415 47.63 -15.22 4.73
CA ASP B 415 46.56 -14.53 5.43
C ASP B 415 45.26 -14.84 4.70
N PHE B 416 44.33 -15.51 5.38
CA PHE B 416 43.05 -15.85 4.78
C PHE B 416 42.23 -14.59 4.54
N GLY B 417 41.52 -14.56 3.41
CA GLY B 417 40.73 -13.42 3.03
C GLY B 417 41.48 -12.40 2.21
N THR B 418 42.79 -12.29 2.40
CA THR B 418 43.60 -11.35 1.64
C THR B 418 43.85 -11.93 0.25
N MET B 419 44.67 -11.25 -0.54
CA MET B 419 44.80 -11.65 -1.93
C MET B 419 45.96 -12.60 -2.17
N GLY B 420 46.94 -12.67 -1.26
CA GLY B 420 48.01 -13.66 -1.39
C GLY B 420 47.50 -15.09 -1.33
N HIS B 421 46.41 -15.31 -0.58
CA HIS B 421 45.64 -16.55 -0.65
C HIS B 421 45.19 -16.86 -2.08
N VAL B 422 44.63 -15.85 -2.76
CA VAL B 422 44.12 -16.02 -4.12
C VAL B 422 45.26 -16.29 -5.09
N ILE B 423 46.39 -15.61 -4.90
CA ILE B 423 47.53 -15.74 -5.81
C ILE B 423 48.17 -17.12 -5.68
N ARG B 424 48.37 -17.58 -4.45
CA ARG B 424 49.00 -18.88 -4.29
C ARG B 424 48.04 -20.02 -4.59
N GLY B 425 46.74 -19.86 -4.33
CA GLY B 425 45.79 -20.90 -4.68
C GLY B 425 45.53 -21.00 -6.17
N THR B 426 45.65 -19.87 -6.90
CA THR B 426 45.41 -19.88 -8.34
C THR B 426 46.58 -20.49 -9.09
N VAL B 427 47.80 -20.08 -8.77
CA VAL B 427 48.98 -20.52 -9.51
C VAL B 427 49.29 -21.97 -9.15
N VAL B 428 49.26 -22.84 -10.16
CA VAL B 428 49.57 -24.25 -9.98
C VAL B 428 50.95 -24.63 -10.50
N MET B 429 51.64 -23.71 -11.16
CA MET B 429 52.98 -23.96 -11.69
C MET B 429 53.70 -22.63 -11.80
N LYS B 430 54.93 -22.58 -11.31
CA LYS B 430 55.74 -21.37 -11.42
C LYS B 430 57.15 -21.79 -11.83
N ASP B 431 57.54 -21.42 -13.05
CA ASP B 431 58.83 -21.75 -13.66
C ASP B 431 59.07 -23.26 -13.69
N GLY B 432 58.05 -24.02 -14.06
CA GLY B 432 58.17 -25.46 -14.19
C GLY B 432 58.01 -26.26 -12.90
N GLN B 433 58.46 -25.70 -11.78
CA GLN B 433 58.39 -26.39 -10.49
C GLN B 433 56.95 -26.32 -9.98
N VAL B 434 56.28 -27.47 -9.93
CA VAL B 434 54.86 -27.50 -9.63
C VAL B 434 54.61 -27.24 -8.15
N ILE B 435 53.61 -26.41 -7.87
CA ILE B 435 53.30 -25.99 -6.51
C ILE B 435 51.81 -26.19 -6.21
N PHE B 436 51.21 -27.22 -6.81
CA PHE B 436 49.75 -27.35 -6.79
C PHE B 436 49.12 -27.60 -5.41
N PRO B 437 49.65 -28.49 -4.51
CA PRO B 437 49.01 -28.57 -3.19
C PRO B 437 49.27 -27.34 -2.35
N ALA B 438 48.26 -26.48 -2.23
CA ALA B 438 48.42 -25.22 -1.53
C ALA B 438 48.27 -25.45 -0.02
N PRO B 439 49.23 -25.01 0.79
CA PRO B 439 49.12 -25.20 2.24
C PRO B 439 48.04 -24.30 2.83
N THR B 440 47.65 -24.63 4.06
CA THR B 440 46.47 -24.05 4.69
C THR B 440 46.69 -22.58 5.06
N PRO B 441 45.62 -21.78 5.00
CA PRO B 441 45.72 -20.39 5.50
C PRO B 441 45.86 -20.38 7.02
N LYS B 442 46.61 -19.38 7.50
CA LYS B 442 46.99 -19.30 8.91
C LYS B 442 45.80 -19.11 9.86
N ASN B 443 45.11 -17.98 9.77
CA ASN B 443 43.91 -17.75 10.56
C ASN B 443 42.68 -18.09 9.75
N ILE B 444 41.54 -18.24 10.44
CA ILE B 444 40.28 -18.46 9.75
C ILE B 444 39.29 -17.37 10.17
N PRO B 445 39.20 -16.27 9.43
CA PRO B 445 38.00 -15.42 9.48
C PRO B 445 36.92 -15.93 8.54
N GLN B 446 35.85 -15.15 8.37
CA GLN B 446 34.74 -15.27 7.43
C GLN B 446 33.75 -16.37 7.86
N GLY B 447 34.07 -17.18 8.87
CA GLY B 447 33.16 -18.19 9.35
C GLY B 447 33.09 -18.27 10.86
N ALA B 448 33.33 -17.15 11.53
CA ALA B 448 33.31 -17.08 12.98
C ALA B 448 32.15 -16.21 13.43
N PRO B 449 31.10 -16.76 14.05
CA PRO B 449 29.98 -15.93 14.50
C PRO B 449 30.33 -15.08 15.71
N VAL B 450 30.56 -13.78 15.48
CA VAL B 450 30.86 -12.83 16.54
C VAL B 450 30.01 -11.60 16.26
N LYS B 451 29.01 -11.77 15.39
CA LYS B 451 28.29 -10.67 14.75
C LYS B 451 27.46 -9.87 15.75
N GLN B 452 27.69 -8.56 15.77
CA GLN B 452 26.94 -7.64 16.61
C GLN B 452 25.51 -7.52 16.12
N LYS B 453 24.56 -7.46 17.06
CA LYS B 453 23.17 -7.23 16.71
C LYS B 453 22.98 -5.79 16.23
N THR B 454 21.91 -5.58 15.48
CA THR B 454 21.55 -4.23 15.10
C THR B 454 20.84 -3.53 16.26
N VAL B 455 20.59 -2.24 16.09
CA VAL B 455 20.18 -1.39 17.21
C VAL B 455 18.73 -1.69 17.62
N ALA B 456 17.87 -2.06 16.67
CA ALA B 456 16.53 -2.49 17.03
C ALA B 456 16.54 -3.81 17.79
N GLU B 457 17.51 -4.68 17.51
CA GLU B 457 17.64 -5.92 18.27
C GLU B 457 18.09 -5.67 19.71
N LEU B 458 18.85 -4.61 19.95
CA LEU B 458 19.13 -4.22 21.33
C LEU B 458 17.98 -3.47 21.98
N GLU B 459 17.13 -2.83 21.18
CA GLU B 459 15.93 -2.19 21.73
C GLU B 459 14.87 -3.23 22.10
N ALA B 460 14.93 -4.40 21.46
CA ALA B 460 13.96 -5.47 21.74
C ALA B 460 14.07 -6.00 23.17
N GLU B 461 15.29 -6.11 23.72
CA GLU B 461 15.40 -6.59 25.09
C GLU B 461 15.00 -5.53 26.12
N LYS B 462 14.99 -4.25 25.73
CA LYS B 462 14.38 -3.25 26.60
C LYS B 462 12.87 -3.24 26.49
N ALA B 463 12.32 -3.49 25.30
CA ALA B 463 10.88 -3.56 25.12
C ALA B 463 10.28 -4.86 25.65
N ALA B 464 11.09 -5.87 25.91
CA ALA B 464 10.59 -7.15 26.41
C ALA B 464 10.93 -7.42 27.87
N THR B 465 11.65 -6.52 28.54
CA THR B 465 11.95 -6.68 29.95
C THR B 465 10.97 -5.94 30.84
N ILE B 466 10.05 -5.17 30.26
CA ILE B 466 9.03 -4.46 31.02
C ILE B 466 7.88 -5.44 31.19
N THR B 467 7.62 -5.81 32.44
CA THR B 467 6.59 -6.79 32.75
C THR B 467 5.21 -6.22 32.42
N PRO B 468 4.21 -7.07 32.11
CA PRO B 468 2.86 -6.56 31.85
C PRO B 468 2.19 -5.91 33.05
N PHE B 469 2.68 -6.18 34.26
CA PHE B 469 2.15 -5.51 35.44
C PHE B 469 2.57 -4.04 35.50
N ARG B 470 3.82 -3.74 35.14
CA ARG B 470 4.32 -2.38 35.35
C ARG B 470 3.81 -1.40 34.30
N LYS B 471 3.48 -1.88 33.10
CA LYS B 471 2.83 -1.03 32.11
C LYS B 471 1.47 -0.55 32.59
N THR B 472 0.65 -1.47 33.08
CA THR B 472 -0.66 -1.12 33.62
C THR B 472 -0.53 -0.29 34.90
N MET B 473 0.49 -0.56 35.71
CA MET B 473 0.71 0.21 36.93
C MET B 473 1.07 1.66 36.62
N THR B 474 1.98 1.89 35.66
CA THR B 474 2.32 3.27 35.34
C THR B 474 1.23 3.98 34.56
N SER B 475 0.40 3.24 33.81
CA SER B 475 -0.73 3.87 33.13
C SER B 475 -1.78 4.33 34.14
N ALA B 476 -2.13 3.46 35.09
CA ALA B 476 -3.06 3.84 36.15
C ALA B 476 -2.49 4.94 37.03
N SER B 477 -1.15 4.99 37.19
CA SER B 477 -0.53 6.07 37.94
C SER B 477 -0.65 7.41 37.22
N VAL B 478 -0.47 7.42 35.90
CA VAL B 478 -0.63 8.64 35.12
C VAL B 478 -2.07 9.14 35.19
N TYR B 479 -3.04 8.22 35.07
CA TYR B 479 -4.43 8.66 35.14
C TYR B 479 -4.86 9.11 36.53
N THR B 480 -4.34 8.48 37.59
CA THR B 480 -4.72 8.94 38.92
C THR B 480 -4.04 10.27 39.26
N ALA B 481 -2.85 10.53 38.71
CA ALA B 481 -2.23 11.84 38.89
C ALA B 481 -2.99 12.93 38.15
N GLY B 482 -3.48 12.62 36.93
CA GLY B 482 -4.28 13.58 36.21
C GLY B 482 -5.61 13.89 36.89
N LEU B 483 -6.27 12.87 37.44
CA LEU B 483 -7.54 13.09 38.11
C LEU B 483 -7.36 13.83 39.43
N THR B 484 -6.29 13.55 40.18
CA THR B 484 -6.09 14.34 41.39
C THR B 484 -5.60 15.74 41.09
N GLY B 485 -4.97 15.98 39.93
CA GLY B 485 -4.68 17.34 39.54
C GLY B 485 -5.93 18.11 39.16
N ILE B 486 -6.88 17.42 38.53
CA ILE B 486 -8.19 18.03 38.26
C ILE B 486 -8.92 18.38 39.55
N LEU B 487 -8.85 17.50 40.55
CA LEU B 487 -9.43 17.82 41.86
C LEU B 487 -8.70 18.99 42.54
N GLY B 488 -7.39 19.07 42.37
CA GLY B 488 -6.64 20.18 42.94
C GLY B 488 -6.96 21.51 42.30
N LEU B 489 -7.19 21.52 40.98
CA LEU B 489 -7.69 22.73 40.33
C LEU B 489 -9.13 23.02 40.74
N GLY B 490 -9.88 22.00 41.14
CA GLY B 490 -11.23 22.24 41.60
C GLY B 490 -11.30 22.90 42.96
N ILE B 491 -10.40 22.50 43.87
CA ILE B 491 -10.41 23.05 45.23
C ILE B 491 -10.01 24.52 45.23
N ALA B 492 -9.00 24.88 44.43
CA ALA B 492 -8.45 26.22 44.40
C ALA B 492 -9.29 27.21 43.61
N ALA B 493 -10.49 26.87 43.16
CA ALA B 493 -11.28 27.77 42.33
C ALA B 493 -11.95 28.82 43.20
N PRO B 494 -11.74 30.11 42.94
CA PRO B 494 -12.43 31.14 43.73
C PRO B 494 -13.86 31.39 43.28
N ASN B 495 -14.17 31.17 42.01
CA ASN B 495 -15.47 31.53 41.47
C ASN B 495 -15.83 30.60 40.32
N LEU B 496 -16.93 30.90 39.65
CA LEU B 496 -17.46 30.06 38.57
C LEU B 496 -16.77 30.33 37.24
N ALA B 497 -16.30 31.57 37.03
CA ALA B 497 -15.63 31.94 35.79
C ALA B 497 -14.32 31.18 35.61
N PHE B 498 -13.63 30.88 36.73
CA PHE B 498 -12.43 30.06 36.66
C PHE B 498 -12.74 28.63 36.23
N SER B 499 -13.87 28.07 36.69
CA SER B 499 -14.23 26.71 36.31
C SER B 499 -14.65 26.64 34.85
N GLN B 500 -15.42 27.63 34.38
CA GLN B 500 -15.79 27.69 32.97
C GLN B 500 -14.56 27.88 32.09
N MET B 501 -13.58 28.65 32.55
CA MET B 501 -12.41 28.90 31.73
C MET B 501 -11.47 27.71 31.70
N VAL B 502 -11.40 26.94 32.79
CA VAL B 502 -10.65 25.68 32.76
C VAL B 502 -11.34 24.66 31.84
N THR B 503 -12.67 24.68 31.78
CA THR B 503 -13.40 23.78 30.88
C THR B 503 -13.10 24.10 29.41
N THR B 504 -13.24 25.38 29.03
CA THR B 504 -12.92 25.75 27.66
C THR B 504 -11.44 25.65 27.35
N PHE B 505 -10.56 25.73 28.36
CA PHE B 505 -9.14 25.52 28.16
C PHE B 505 -8.83 24.07 27.83
N GLY B 506 -9.43 23.13 28.58
CA GLY B 506 -9.19 21.72 28.31
C GLY B 506 -9.74 21.28 26.97
N LEU B 507 -10.93 21.77 26.61
CA LEU B 507 -11.50 21.42 25.32
C LEU B 507 -10.71 22.02 24.17
N ALA B 508 -10.27 23.28 24.30
CA ALA B 508 -9.46 23.89 23.25
C ALA B 508 -8.08 23.25 23.16
N GLY B 509 -7.57 22.71 24.26
CA GLY B 509 -6.32 21.96 24.20
C GLY B 509 -6.45 20.66 23.43
N ILE B 510 -7.56 19.94 23.62
CA ILE B 510 -7.75 18.70 22.86
C ILE B 510 -7.99 19.00 21.37
N VAL B 511 -8.72 20.09 21.07
CA VAL B 511 -8.91 20.51 19.68
C VAL B 511 -7.58 20.85 19.03
N GLY B 512 -6.73 21.60 19.75
CA GLY B 512 -5.41 21.91 19.23
C GLY B 512 -4.50 20.71 19.12
N TYR B 513 -4.70 19.69 19.95
CA TYR B 513 -3.92 18.46 19.82
C TYR B 513 -4.29 17.72 18.53
N HIS B 514 -5.58 17.55 18.28
CA HIS B 514 -5.98 16.79 17.11
C HIS B 514 -5.76 17.56 15.82
N THR B 515 -5.85 18.88 15.85
CA THR B 515 -5.86 19.61 14.58
C THR B 515 -4.46 19.85 14.01
N VAL B 516 -3.39 19.70 14.79
CA VAL B 516 -2.05 19.96 14.28
C VAL B 516 -1.25 18.68 14.06
N TRP B 517 -1.80 17.52 14.41
CA TRP B 517 -1.28 16.29 13.82
C TRP B 517 -1.82 16.06 12.41
N GLY B 518 -2.85 16.79 12.02
CA GLY B 518 -3.48 16.54 10.75
C GLY B 518 -2.85 17.29 9.61
N VAL B 519 -2.03 18.31 9.94
CA VAL B 519 -1.42 19.13 8.92
C VAL B 519 -0.36 18.33 8.15
N THR B 520 -0.19 18.68 6.89
CA THR B 520 0.77 18.00 6.04
C THR B 520 2.19 18.33 6.52
N PRO B 521 3.08 17.34 6.58
CA PRO B 521 4.47 17.62 6.97
C PRO B 521 5.25 18.47 5.98
N ALA B 522 4.72 18.74 4.79
CA ALA B 522 5.32 19.69 3.87
C ALA B 522 5.02 21.14 4.23
N LEU B 523 4.08 21.39 5.14
CA LEU B 523 3.65 22.73 5.49
C LEU B 523 3.87 23.04 6.96
N HIS B 524 5.00 22.59 7.53
CA HIS B 524 5.24 22.86 8.95
C HIS B 524 5.72 24.28 9.20
N SER B 525 6.48 24.85 8.28
CA SER B 525 6.86 26.25 8.45
C SER B 525 5.75 27.26 8.12
N PRO B 526 4.82 27.04 7.17
CA PRO B 526 3.63 27.89 7.16
C PRO B 526 2.76 27.72 8.39
N LEU B 527 2.75 26.54 9.02
CA LEU B 527 2.10 26.36 10.31
C LEU B 527 2.72 27.25 11.38
N MET B 528 4.05 27.30 11.40
CA MET B 528 4.80 28.16 12.32
C MET B 528 4.45 29.62 12.10
N SER B 529 4.39 30.03 10.83
CA SER B 529 4.04 31.40 10.48
C SER B 529 2.59 31.74 10.85
N VAL B 530 1.66 30.80 10.65
CA VAL B 530 0.26 31.02 11.01
C VAL B 530 0.11 31.18 12.51
N THR B 531 0.81 30.35 13.30
CA THR B 531 0.73 30.50 14.75
C THR B 531 1.39 31.79 15.22
N ASN B 532 2.45 32.26 14.55
CA ASN B 532 2.98 33.57 14.89
C ASN B 532 2.04 34.70 14.51
N ALA B 533 1.26 34.55 13.45
CA ALA B 533 0.29 35.58 13.09
C ALA B 533 -0.88 35.62 14.07
N ILE B 534 -1.36 34.46 14.50
CA ILE B 534 -2.49 34.42 15.42
C ILE B 534 -2.05 34.75 16.85
N SER B 535 -0.78 34.53 17.19
CA SER B 535 -0.26 34.95 18.49
C SER B 535 -0.11 36.46 18.63
N GLY B 536 -0.35 37.24 17.58
CA GLY B 536 -0.44 38.68 17.68
C GLY B 536 -1.73 39.18 18.30
N LEU B 537 -2.58 38.28 18.79
CA LEU B 537 -3.79 38.62 19.53
C LEU B 537 -3.50 38.98 20.98
N THR B 538 -2.26 39.24 21.36
CA THR B 538 -1.98 39.94 22.61
C THR B 538 -2.35 41.41 22.54
N ALA B 539 -2.66 41.92 21.34
CA ALA B 539 -3.26 43.24 21.20
C ALA B 539 -4.63 43.30 21.83
N VAL B 540 -5.34 42.17 21.87
CA VAL B 540 -6.60 42.08 22.61
C VAL B 540 -6.38 42.39 24.08
N GLY B 541 -5.29 41.86 24.65
CA GLY B 541 -4.95 42.19 26.03
C GLY B 541 -4.45 43.60 26.21
N GLY B 542 -3.97 44.23 25.15
CA GLY B 542 -3.52 45.61 25.25
C GLY B 542 -4.63 46.61 25.10
N LEU B 543 -5.64 46.31 24.29
CA LEU B 543 -6.73 47.27 24.05
C LEU B 543 -7.64 47.44 25.25
N VAL B 544 -7.80 46.40 26.07
CA VAL B 544 -8.72 46.49 27.21
C VAL B 544 -8.09 47.14 28.42
N LEU B 545 -6.78 47.40 28.39
CA LEU B 545 -6.08 48.11 29.44
C LEU B 545 -5.60 49.48 28.97
N MET B 546 -6.06 49.93 27.82
CA MET B 546 -5.60 51.13 27.17
C MET B 546 -6.67 52.20 27.34
N GLY B 547 -6.34 53.26 28.07
CA GLY B 547 -7.33 54.25 28.44
C GLY B 547 -6.82 55.67 28.27
N GLY B 548 -7.67 56.61 28.61
CA GLY B 548 -7.31 58.01 28.60
C GLY B 548 -7.92 58.80 27.46
N HIS B 549 -7.06 59.30 26.59
CA HIS B 549 -7.41 60.20 25.49
C HIS B 549 -6.46 59.88 24.36
N LEU B 550 -6.25 60.84 23.44
CA LEU B 550 -5.36 60.64 22.31
C LEU B 550 -3.91 60.34 22.73
N TYR B 551 -3.50 60.72 23.93
CA TYR B 551 -2.24 60.33 24.54
C TYR B 551 -2.51 59.56 25.83
N PRO B 552 -1.58 58.72 26.28
CA PRO B 552 -1.79 58.01 27.54
C PRO B 552 -1.73 58.93 28.74
N SER B 553 -2.47 58.57 29.79
CA SER B 553 -2.51 59.35 31.02
C SER B 553 -1.59 58.78 32.10
N THR B 554 -1.77 57.50 32.43
CA THR B 554 -0.96 56.85 33.46
C THR B 554 0.06 55.91 32.82
N THR B 555 0.80 55.19 33.67
CA THR B 555 1.84 54.31 33.17
C THR B 555 1.30 52.98 32.67
N SER B 556 0.20 52.49 33.25
CA SER B 556 -0.44 51.27 32.76
C SER B 556 -0.99 51.47 31.36
N GLN B 557 -1.48 52.66 31.08
CA GLN B 557 -2.03 52.96 29.76
C GLN B 557 -0.94 53.10 28.72
N GLY B 558 0.30 53.36 29.13
CA GLY B 558 1.40 53.35 28.18
C GLY B 558 1.96 51.97 27.95
N LEU B 559 1.97 51.13 29.00
CA LEU B 559 2.32 49.72 28.84
C LEU B 559 1.36 49.01 27.89
N ALA B 560 0.06 49.33 28.01
CA ALA B 560 -0.94 48.76 27.12
C ALA B 560 -0.74 49.22 25.67
N ALA B 561 -0.31 50.46 25.47
CA ALA B 561 -0.06 50.97 24.12
C ALA B 561 1.15 50.29 23.49
N LEU B 562 2.21 50.09 24.29
CA LEU B 562 3.36 49.31 23.83
C LEU B 562 2.98 47.90 23.41
N ALA B 563 2.13 47.25 24.21
CA ALA B 563 1.71 45.88 23.92
C ALA B 563 0.91 45.81 22.63
N THR B 564 0.00 46.76 22.44
CA THR B 564 -0.81 46.81 21.22
C THR B 564 0.05 47.05 19.98
N PHE B 565 1.06 47.91 20.11
CA PHE B 565 1.99 48.22 19.03
C PHE B 565 2.75 46.98 18.55
N ILE B 566 3.43 46.29 19.48
CA ILE B 566 4.24 45.16 19.05
C ILE B 566 3.38 43.95 18.67
N SER B 567 2.15 43.87 19.18
CA SER B 567 1.28 42.79 18.74
C SER B 567 0.74 43.03 17.33
N SER B 568 0.52 44.29 16.95
CA SER B 568 0.14 44.55 15.57
C SER B 568 1.30 44.27 14.61
N VAL B 569 2.54 44.49 15.08
CA VAL B 569 3.71 44.05 14.32
C VAL B 569 3.64 42.54 14.05
N ASN B 570 3.34 41.76 15.10
CA ASN B 570 3.19 40.31 14.94
C ASN B 570 2.10 39.91 13.94
N ILE B 571 0.93 40.56 14.04
CA ILE B 571 -0.21 40.22 13.17
C ILE B 571 0.14 40.44 11.70
N ALA B 572 0.57 41.66 11.36
CA ALA B 572 0.82 42.00 9.96
C ALA B 572 1.98 41.21 9.38
N GLY B 573 3.06 41.04 10.16
CA GLY B 573 4.21 40.29 9.69
C GLY B 573 3.91 38.83 9.44
N GLY B 574 3.18 38.19 10.35
CA GLY B 574 2.87 36.79 10.19
C GLY B 574 1.95 36.51 9.03
N PHE B 575 0.95 37.38 8.80
CA PHE B 575 0.06 37.11 7.68
C PHE B 575 0.72 37.38 6.32
N LEU B 576 1.62 38.38 6.21
CA LEU B 576 2.33 38.52 4.95
C LEU B 576 3.31 37.39 4.69
N VAL B 577 4.05 36.92 5.70
CA VAL B 577 4.99 35.83 5.38
C VAL B 577 4.23 34.53 5.11
N THR B 578 3.06 34.33 5.72
CA THR B 578 2.26 33.17 5.38
C THR B 578 1.76 33.23 3.94
N GLN B 579 1.23 34.39 3.51
CA GLN B 579 0.73 34.50 2.15
C GLN B 579 1.87 34.44 1.12
N ARG B 580 3.07 34.89 1.49
CA ARG B 580 4.20 34.75 0.57
C ARG B 580 4.69 33.32 0.48
N MET B 581 4.63 32.56 1.59
CA MET B 581 5.08 31.17 1.53
C MET B 581 4.06 30.27 0.88
N LEU B 582 2.77 30.57 0.96
CA LEU B 582 1.78 29.71 0.36
C LEU B 582 1.56 29.99 -1.12
N ASP B 583 2.09 31.10 -1.64
CA ASP B 583 2.05 31.35 -3.07
C ASP B 583 3.22 30.75 -3.81
N MET B 584 4.18 30.17 -3.10
CA MET B 584 5.30 29.49 -3.73
C MET B 584 5.04 28.01 -3.93
N PHE B 585 4.04 27.44 -3.26
CA PHE B 585 3.62 26.07 -3.53
C PHE B 585 2.67 25.98 -4.71
N LYS B 586 2.23 27.12 -5.24
CA LYS B 586 1.26 27.14 -6.34
C LYS B 586 1.93 26.66 -7.61
N ARG B 587 1.49 25.51 -8.11
CA ARG B 587 1.98 24.99 -9.37
C ARG B 587 1.46 25.83 -10.53
N PRO B 588 2.26 26.01 -11.59
CA PRO B 588 1.79 26.80 -12.73
C PRO B 588 0.74 26.11 -13.57
N THR B 589 0.52 24.81 -13.38
CA THR B 589 -0.54 24.09 -14.06
C THR B 589 -1.79 23.90 -13.20
N ASP B 590 -1.85 24.57 -12.06
CA ASP B 590 -3.05 24.56 -11.23
C ASP B 590 -4.14 25.44 -11.83
N PRO B 591 -5.41 25.12 -11.59
CA PRO B 591 -6.51 25.96 -12.06
C PRO B 591 -6.52 27.31 -11.36
N PRO B 592 -7.07 28.34 -11.99
CA PRO B 592 -7.08 29.69 -11.37
C PRO B 592 -8.01 29.72 -10.17
N GLU B 593 -7.47 30.07 -9.02
CA GLU B 593 -8.23 30.19 -7.79
C GLU B 593 -8.63 31.64 -7.56
N TYR B 594 -9.76 31.82 -6.88
CA TYR B 594 -10.37 33.14 -6.69
C TYR B 594 -10.46 33.40 -5.19
N ASN B 595 -9.37 33.91 -4.62
CA ASN B 595 -9.31 34.08 -3.18
C ASN B 595 -10.13 35.25 -2.67
N TYR B 596 -10.39 36.24 -3.53
CA TYR B 596 -11.14 37.43 -3.14
C TYR B 596 -12.58 37.12 -2.77
N LEU B 597 -13.11 35.96 -3.20
CA LEU B 597 -14.42 35.49 -2.78
C LEU B 597 -14.49 35.26 -1.28
N TYR B 598 -13.37 35.03 -0.61
CA TYR B 598 -13.40 34.91 0.84
C TYR B 598 -13.46 36.26 1.54
N LEU B 599 -13.58 37.36 0.79
CA LEU B 599 -14.07 38.61 1.37
C LEU B 599 -15.57 38.56 1.63
N LEU B 600 -16.28 37.60 1.05
CA LEU B 600 -17.71 37.46 1.27
C LEU B 600 -18.08 37.03 2.70
N PRO B 601 -17.40 36.06 3.36
CA PRO B 601 -17.75 35.84 4.77
C PRO B 601 -17.27 36.95 5.69
N ALA B 602 -16.04 37.44 5.50
CA ALA B 602 -15.48 38.51 6.34
C ALA B 602 -16.36 39.75 6.30
N GLY B 603 -16.75 40.16 5.09
CA GLY B 603 -17.63 41.29 4.91
C GLY B 603 -19.02 41.13 5.53
N THR B 604 -19.44 39.90 5.80
CA THR B 604 -20.70 39.73 6.53
C THR B 604 -20.48 39.21 7.94
N PHE B 605 -19.24 38.98 8.36
CA PHE B 605 -19.04 38.61 9.75
C PHE B 605 -18.85 39.85 10.60
N VAL B 606 -17.78 40.61 10.35
CA VAL B 606 -17.60 41.86 11.08
C VAL B 606 -18.59 42.91 10.63
N GLY B 607 -18.96 42.88 9.34
CA GLY B 607 -20.07 43.69 8.87
C GLY B 607 -21.40 43.24 9.45
N GLY B 608 -21.51 41.96 9.79
CA GLY B 608 -22.68 41.52 10.54
C GLY B 608 -22.63 41.88 12.00
N TYR B 609 -21.45 42.24 12.50
CA TYR B 609 -21.31 42.61 13.90
C TYR B 609 -21.74 44.05 14.14
N LEU B 610 -21.19 44.97 13.34
CA LEU B 610 -21.41 46.41 13.54
C LEU B 610 -22.87 46.79 13.33
N ALA B 611 -23.54 46.12 12.38
CA ALA B 611 -24.97 46.36 12.16
C ALA B 611 -25.80 45.90 13.35
N SER B 612 -25.32 44.91 14.11
CA SER B 612 -25.96 44.61 15.37
C SER B 612 -25.46 45.54 16.47
N LEU B 613 -24.24 46.03 16.34
CA LEU B 613 -23.70 46.96 17.31
C LEU B 613 -24.37 48.32 17.18
N TYR B 614 -24.81 48.67 15.97
CA TYR B 614 -25.76 49.78 15.79
C TYR B 614 -27.19 49.25 15.84
N SER B 615 -27.48 48.43 16.83
CA SER B 615 -28.85 48.03 17.08
C SER B 615 -29.19 47.91 18.55
N GLY B 616 -28.23 47.91 19.45
CA GLY B 616 -28.49 47.66 20.86
C GLY B 616 -28.21 46.26 21.32
N TYR B 617 -27.40 45.48 20.59
CA TYR B 617 -27.07 44.11 20.95
C TYR B 617 -25.63 44.03 21.44
N ASN B 618 -25.31 42.92 22.11
CA ASN B 618 -23.99 42.67 22.68
C ASN B 618 -23.61 41.24 22.34
N ILE B 619 -22.75 41.08 21.34
CA ILE B 619 -22.52 39.78 20.72
C ILE B 619 -21.07 39.31 21.00
N GLU B 620 -20.39 39.91 21.98
CA GLU B 620 -18.95 39.74 22.09
C GLU B 620 -18.55 38.33 22.51
N GLN B 621 -19.33 37.69 23.40
CA GLN B 621 -19.01 36.34 23.83
C GLN B 621 -19.26 35.31 22.74
N ILE B 622 -20.07 35.63 21.74
CA ILE B 622 -20.26 34.76 20.60
C ILE B 622 -19.29 35.10 19.46
N MET B 623 -18.88 36.36 19.34
CA MET B 623 -17.84 36.71 18.39
C MET B 623 -16.50 36.12 18.78
N TYR B 624 -16.27 35.94 20.09
CA TYR B 624 -15.08 35.22 20.54
C TYR B 624 -15.10 33.76 20.09
N LEU B 625 -16.28 33.12 20.15
CA LEU B 625 -16.40 31.74 19.67
C LEU B 625 -16.19 31.66 18.16
N GLY B 626 -16.78 32.59 17.41
CA GLY B 626 -16.61 32.58 15.96
C GLY B 626 -15.18 32.85 15.53
N SER B 627 -14.50 33.74 16.25
CA SER B 627 -13.09 34.01 15.95
C SER B 627 -12.20 32.83 16.32
N GLY B 628 -12.53 32.14 17.43
CA GLY B 628 -11.78 30.94 17.78
C GLY B 628 -11.98 29.81 16.80
N LEU B 629 -13.20 29.66 16.28
CA LEU B 629 -13.45 28.64 15.27
C LEU B 629 -12.75 28.97 13.96
N CYS B 630 -12.71 30.25 13.59
CA CYS B 630 -11.97 30.64 12.38
C CYS B 630 -10.46 30.44 12.55
N CYS B 631 -9.93 30.65 13.76
CA CYS B 631 -8.51 30.36 13.96
C CYS B 631 -8.22 28.86 14.04
N VAL B 632 -9.18 28.06 14.48
CA VAL B 632 -9.04 26.60 14.36
C VAL B 632 -9.04 26.19 12.89
N GLY B 633 -9.93 26.76 12.10
CA GLY B 633 -9.98 26.46 10.67
C GLY B 633 -8.79 26.98 9.89
N ALA B 634 -8.09 27.98 10.42
CA ALA B 634 -6.83 28.41 9.82
C ALA B 634 -5.78 27.31 9.85
N LEU B 635 -5.76 26.53 10.92
CA LEU B 635 -4.79 25.45 11.03
C LEU B 635 -5.33 24.14 10.48
N ALA B 636 -6.65 23.95 10.51
CA ALA B 636 -7.23 22.72 10.00
C ALA B 636 -7.19 22.66 8.49
N GLY B 637 -7.37 23.80 7.83
CA GLY B 637 -7.31 23.84 6.37
C GLY B 637 -5.92 23.68 5.81
N LEU B 638 -4.90 23.85 6.64
CA LEU B 638 -3.50 23.76 6.22
C LEU B 638 -3.00 22.33 6.30
N SER B 639 -3.76 21.42 5.69
CA SER B 639 -3.56 19.99 5.85
C SER B 639 -3.73 19.19 4.58
N THR B 640 -3.93 19.84 3.44
CA THR B 640 -4.27 19.13 2.21
C THR B 640 -3.40 19.56 1.04
N GLN B 641 -2.86 20.78 1.04
CA GLN B 641 -2.17 21.58 0.02
C GLN B 641 -3.18 22.12 -1.01
N GLY B 642 -4.43 21.67 -1.00
CA GLY B 642 -5.45 22.23 -1.86
C GLY B 642 -6.31 23.22 -1.10
N THR B 643 -6.27 23.12 0.23
CA THR B 643 -7.04 23.98 1.11
C THR B 643 -6.15 24.93 1.91
N ALA B 644 -4.88 25.08 1.49
CA ALA B 644 -3.92 25.83 2.30
C ALA B 644 -4.17 27.33 2.27
N ARG B 645 -4.70 27.85 1.16
CA ARG B 645 -5.01 29.27 1.09
C ARG B 645 -6.30 29.63 1.83
N LEU B 646 -7.18 28.65 2.07
CA LEU B 646 -8.29 28.84 2.98
C LEU B 646 -7.80 28.99 4.42
N GLY B 647 -6.77 28.25 4.77
CA GLY B 647 -6.18 28.30 6.10
C GLY B 647 -5.40 29.56 6.41
N ASN B 648 -5.27 30.49 5.47
CA ASN B 648 -4.78 31.82 5.81
C ASN B 648 -5.90 32.83 5.88
N ALA B 649 -6.90 32.68 5.00
CA ALA B 649 -8.02 33.60 4.97
C ALA B 649 -8.90 33.46 6.21
N LEU B 650 -9.10 32.23 6.70
CA LEU B 650 -9.90 32.06 7.91
C LEU B 650 -9.19 32.60 9.13
N GLY B 651 -7.86 32.54 9.17
CA GLY B 651 -7.13 33.17 10.25
C GLY B 651 -7.20 34.69 10.22
N MET B 652 -7.19 35.27 9.01
CA MET B 652 -7.38 36.71 8.88
C MET B 652 -8.78 37.11 9.36
N ILE B 653 -9.80 36.34 9.00
CA ILE B 653 -11.17 36.62 9.44
C ILE B 653 -11.29 36.48 10.95
N GLY B 654 -10.62 35.49 11.53
CA GLY B 654 -10.67 35.30 12.98
C GLY B 654 -9.99 36.41 13.75
N VAL B 655 -8.82 36.86 13.29
CA VAL B 655 -8.13 37.96 13.97
C VAL B 655 -8.90 39.26 13.80
N ALA B 656 -9.48 39.50 12.63
CA ALA B 656 -10.28 40.71 12.41
C ALA B 656 -11.54 40.72 13.26
N GLY B 657 -12.20 39.56 13.40
CA GLY B 657 -13.38 39.48 14.24
C GLY B 657 -13.07 39.61 15.72
N GLY B 658 -11.93 39.08 16.16
CA GLY B 658 -11.54 39.24 17.55
C GLY B 658 -11.20 40.69 17.89
N LEU B 659 -10.46 41.36 17.01
CA LEU B 659 -10.14 42.76 17.26
C LEU B 659 -11.38 43.65 17.15
N ALA B 660 -12.31 43.32 16.26
CA ALA B 660 -13.54 44.09 16.16
C ALA B 660 -14.43 43.90 17.38
N ALA B 661 -14.48 42.68 17.93
CA ALA B 661 -15.28 42.43 19.13
C ALA B 661 -14.69 43.14 20.35
N THR B 662 -13.38 43.07 20.55
CA THR B 662 -12.79 43.75 21.70
C THR B 662 -12.73 45.26 21.50
N LEU B 663 -12.84 45.73 20.26
CA LEU B 663 -12.83 47.15 19.98
C LEU B 663 -14.22 47.76 20.12
N GLY B 664 -15.27 46.99 19.84
CA GLY B 664 -16.63 47.45 20.00
C GLY B 664 -17.29 47.12 21.32
N GLY B 665 -16.73 46.21 22.11
CA GLY B 665 -17.27 45.96 23.41
C GLY B 665 -16.79 46.89 24.50
N LEU B 666 -15.91 47.83 24.16
CA LEU B 666 -15.41 48.80 25.12
C LEU B 666 -16.10 50.15 25.01
N LYS B 667 -16.67 50.46 23.85
CA LYS B 667 -17.24 51.74 23.45
C LYS B 667 -16.26 52.89 23.70
N PRO B 668 -15.18 53.01 22.93
CA PRO B 668 -14.19 54.05 23.23
C PRO B 668 -14.59 55.40 22.64
N CYS B 669 -14.17 56.46 23.32
CA CYS B 669 -14.40 57.81 22.87
C CYS B 669 -13.56 58.08 21.62
N PRO B 670 -13.97 59.03 20.76
CA PRO B 670 -13.29 59.17 19.45
C PRO B 670 -11.83 59.61 19.49
N GLU B 671 -11.33 60.11 20.61
CA GLU B 671 -9.91 60.39 20.69
C GLU B 671 -9.10 59.19 21.15
N LEU B 672 -9.68 58.35 21.99
CA LEU B 672 -9.01 57.13 22.45
C LEU B 672 -9.04 56.04 21.39
N LEU B 673 -10.14 55.96 20.62
CA LEU B 673 -10.18 55.11 19.44
C LEU B 673 -9.17 55.53 18.39
N ALA B 674 -8.88 56.83 18.31
CA ALA B 674 -7.83 57.32 17.41
C ALA B 674 -6.46 56.88 17.86
N GLN B 675 -6.21 56.87 19.18
CA GLN B 675 -4.95 56.34 19.70
C GLN B 675 -4.79 54.86 19.40
N MET B 676 -5.89 54.10 19.59
CA MET B 676 -5.87 52.65 19.32
C MET B 676 -5.59 52.37 17.85
N SER B 677 -6.28 53.09 16.96
CA SER B 677 -6.09 52.89 15.53
C SER B 677 -4.71 53.34 15.08
N GLY B 678 -4.16 54.39 15.70
CA GLY B 678 -2.82 54.81 15.35
C GLY B 678 -1.75 53.83 15.77
N ALA B 679 -1.90 53.25 16.97
CA ALA B 679 -0.96 52.23 17.44
C ALA B 679 -1.01 50.98 16.57
N MET B 680 -2.22 50.52 16.24
CA MET B 680 -2.34 49.35 15.39
C MET B 680 -1.88 49.63 13.95
N ALA B 681 -2.06 50.85 13.46
CA ALA B 681 -1.64 51.17 12.10
C ALA B 681 -0.11 51.29 12.02
N LEU B 682 0.53 51.85 13.04
CA LEU B 682 1.99 51.96 13.00
C LEU B 682 2.64 50.60 13.16
N GLY B 683 2.11 49.77 14.08
CA GLY B 683 2.63 48.42 14.21
C GLY B 683 2.41 47.57 12.98
N GLY B 684 1.22 47.68 12.38
CA GLY B 684 0.95 46.97 11.14
C GLY B 684 1.80 47.43 9.98
N THR B 685 2.12 48.73 9.93
CA THR B 685 2.99 49.25 8.87
C THR B 685 4.40 48.70 8.99
N ILE B 686 4.93 48.67 10.22
CA ILE B 686 6.26 48.10 10.44
C ILE B 686 6.26 46.60 10.13
N GLY B 687 5.19 45.90 10.48
CA GLY B 687 5.11 44.48 10.15
C GLY B 687 5.01 44.20 8.66
N LEU B 688 4.25 45.01 7.93
CA LEU B 688 4.14 44.83 6.48
C LEU B 688 5.45 45.15 5.77
N THR B 689 6.18 46.16 6.26
CA THR B 689 7.44 46.48 5.58
C THR B 689 8.59 45.57 6.01
N ILE B 690 8.47 44.85 7.13
CA ILE B 690 9.48 43.84 7.45
C ILE B 690 9.19 42.54 6.71
N ALA B 691 7.93 42.12 6.66
CA ALA B 691 7.57 40.81 6.13
C ALA B 691 7.60 40.72 4.61
N LYS B 692 8.04 41.77 3.92
CA LYS B 692 8.07 41.83 2.47
C LYS B 692 9.49 41.87 1.91
N ARG B 693 10.43 42.46 2.64
CA ARG B 693 11.80 42.61 2.17
C ARG B 693 12.66 41.38 2.40
N ILE B 694 12.22 40.44 3.23
CA ILE B 694 13.07 39.34 3.65
C ILE B 694 13.18 38.30 2.54
N GLN B 695 14.27 37.54 2.58
CA GLN B 695 14.36 36.30 1.85
C GLN B 695 13.72 35.19 2.68
N ILE B 696 13.51 34.04 2.03
CA ILE B 696 12.87 32.93 2.74
C ILE B 696 13.88 32.18 3.59
N SER B 697 15.16 32.18 3.18
CA SER B 697 16.20 31.52 3.96
C SER B 697 16.49 32.23 5.28
N ASP B 698 16.11 33.50 5.42
CA ASP B 698 16.19 34.21 6.68
C ASP B 698 14.93 34.06 7.51
N LEU B 699 14.06 33.13 7.13
CA LEU B 699 12.81 32.91 7.84
C LEU B 699 12.91 32.39 9.28
N PRO B 700 13.87 31.54 9.69
CA PRO B 700 13.96 31.21 11.12
C PRO B 700 14.22 32.40 12.03
N GLN B 701 15.11 33.31 11.63
CA GLN B 701 15.44 34.49 12.44
C GLN B 701 14.20 35.32 12.73
N LEU B 702 13.39 35.57 11.70
CA LEU B 702 12.15 36.31 11.85
C LEU B 702 11.19 35.61 12.79
N VAL B 703 11.15 34.28 12.72
CA VAL B 703 10.31 33.52 13.64
C VAL B 703 10.85 33.67 15.06
N ALA B 704 12.17 33.65 15.20
CA ALA B 704 12.79 33.94 16.49
C ALA B 704 12.60 35.40 16.88
N ALA B 705 12.41 36.28 15.91
CA ALA B 705 12.11 37.66 16.22
C ALA B 705 10.68 37.88 16.63
N PHE B 706 9.78 36.93 16.38
CA PHE B 706 8.39 37.20 16.73
C PHE B 706 8.03 36.84 18.16
N HIS B 707 8.58 35.73 18.69
CA HIS B 707 8.16 35.24 19.99
C HIS B 707 8.55 36.20 21.11
N SER B 708 9.69 36.89 20.93
CA SER B 708 10.09 37.94 21.86
C SER B 708 9.06 39.06 21.91
N LEU B 709 8.52 39.47 20.76
CA LEU B 709 7.44 40.45 20.75
C LEU B 709 6.14 39.88 21.29
N VAL B 710 6.00 38.56 21.34
CA VAL B 710 4.89 37.96 22.06
C VAL B 710 5.21 37.84 23.55
N GLY B 711 6.49 37.69 23.90
CA GLY B 711 6.85 37.56 25.29
C GLY B 711 6.74 38.88 26.02
N LEU B 712 7.37 39.91 25.43
CA LEU B 712 7.43 41.25 26.01
C LEU B 712 6.04 41.80 26.29
N ALA B 713 5.17 41.76 25.27
CA ALA B 713 3.78 42.20 25.39
C ALA B 713 3.07 41.48 26.54
N ALA B 714 3.34 40.17 26.70
CA ALA B 714 2.74 39.41 27.79
C ALA B 714 3.15 39.98 29.14
N VAL B 715 4.45 40.25 29.31
CA VAL B 715 4.95 40.92 30.50
C VAL B 715 4.31 42.30 30.64
N LEU B 716 4.24 43.04 29.52
CA LEU B 716 3.67 44.38 29.54
C LEU B 716 2.16 44.35 29.75
N THR B 717 1.51 43.19 29.59
CA THR B 717 0.12 43.14 30.01
C THR B 717 0.03 42.90 31.51
N CYS B 718 0.81 41.94 32.02
CA CYS B 718 0.54 41.39 33.35
C CYS B 718 0.83 42.39 34.45
N ILE B 719 2.02 43.01 34.38
CA ILE B 719 2.39 44.12 35.27
C ILE B 719 1.36 45.24 35.19
N ALA B 720 0.86 45.52 33.98
CA ALA B 720 -0.13 46.57 33.81
C ALA B 720 -1.43 46.22 34.52
N GLU B 721 -1.84 44.95 34.48
CA GLU B 721 -3.05 44.62 35.20
C GLU B 721 -2.78 44.43 36.70
N TYR B 722 -1.51 44.35 37.11
CA TYR B 722 -1.26 44.48 38.54
C TYR B 722 -1.43 45.92 38.97
N ILE B 723 -1.22 46.87 38.08
CA ILE B 723 -1.32 48.27 38.47
C ILE B 723 -2.77 48.72 38.44
N ILE B 724 -3.52 48.33 37.41
CA ILE B 724 -4.88 48.83 37.21
C ILE B 724 -5.86 48.17 38.16
N GLU B 725 -5.51 47.03 38.76
CA GLU B 725 -6.40 46.37 39.71
C GLU B 725 -5.75 46.17 41.08
N TYR B 726 -4.76 47.00 41.42
CA TYR B 726 -4.25 46.94 42.79
C TYR B 726 -5.21 47.46 43.86
N PRO B 727 -5.93 48.63 43.70
CA PRO B 727 -6.82 49.04 44.80
C PRO B 727 -8.10 48.22 44.97
N HIS B 728 -8.24 47.12 44.22
CA HIS B 728 -9.42 46.28 44.31
C HIS B 728 -9.13 44.93 44.97
N PHE B 729 -7.92 44.71 45.47
CA PHE B 729 -7.64 43.43 46.11
C PHE B 729 -8.19 43.35 47.53
N ALA B 730 -8.67 44.46 48.10
CA ALA B 730 -9.29 44.39 49.41
C ALA B 730 -10.68 43.75 49.31
N THR B 731 -11.53 44.31 48.46
CA THR B 731 -12.90 43.80 48.29
C THR B 731 -12.99 42.94 47.03
N ASP B 732 -12.28 41.81 47.05
CA ASP B 732 -12.44 40.76 46.05
C ASP B 732 -12.12 39.41 46.67
N ALA B 733 -12.91 38.41 46.28
CA ALA B 733 -12.63 37.04 46.69
C ALA B 733 -11.64 36.36 45.75
N ALA B 734 -11.58 36.80 44.49
CA ALA B 734 -10.64 36.27 43.51
C ALA B 734 -9.36 37.08 43.44
N ALA B 735 -8.94 37.69 44.56
CA ALA B 735 -7.75 38.54 44.56
C ALA B 735 -6.47 37.75 44.45
N ASN B 736 -6.46 36.47 44.81
CA ASN B 736 -5.25 35.66 44.74
C ASN B 736 -5.06 35.01 43.37
N LEU B 737 -6.14 34.64 42.69
CA LEU B 737 -6.05 34.04 41.37
C LEU B 737 -5.44 35.00 40.36
N THR B 738 -5.90 36.25 40.36
CA THR B 738 -5.40 37.26 39.44
C THR B 738 -4.00 37.75 39.79
N LYS B 739 -3.41 37.27 40.88
CA LYS B 739 -2.00 37.50 41.16
C LYS B 739 -1.13 36.30 40.81
N ILE B 740 -1.65 35.08 41.05
CA ILE B 740 -0.99 33.86 40.57
C ILE B 740 -0.81 33.91 39.06
N VAL B 741 -1.87 34.25 38.34
CA VAL B 741 -1.84 34.20 36.88
C VAL B 741 -0.98 35.34 36.32
N ALA B 742 -0.97 36.49 37.00
CA ALA B 742 -0.07 37.58 36.61
C ALA B 742 1.39 37.20 36.79
N TYR B 743 1.71 36.53 37.91
CA TYR B 743 3.08 36.10 38.19
C TYR B 743 3.55 35.07 37.16
N LEU B 744 2.68 34.10 36.84
CA LEU B 744 3.07 33.07 35.87
C LEU B 744 3.19 33.63 34.46
N GLY B 745 2.31 34.56 34.08
CA GLY B 745 2.42 35.16 32.76
C GLY B 745 3.66 36.03 32.62
N THR B 746 4.05 36.72 33.69
CA THR B 746 5.28 37.50 33.68
C THR B 746 6.50 36.58 33.55
N TYR B 747 6.49 35.43 34.25
CA TYR B 747 7.59 34.48 34.14
C TYR B 747 7.71 33.91 32.73
N ILE B 748 6.60 33.48 32.15
CA ILE B 748 6.62 32.84 30.83
C ILE B 748 7.02 33.84 29.75
N GLY B 749 6.51 35.07 29.83
CA GLY B 749 6.90 36.09 28.86
C GLY B 749 8.36 36.50 29.00
N GLY B 750 8.86 36.54 30.24
CA GLY B 750 10.26 36.89 30.43
C GLY B 750 11.22 35.82 29.97
N VAL B 751 10.82 34.55 30.07
CA VAL B 751 11.65 33.49 29.49
C VAL B 751 11.61 33.55 27.97
N THR B 752 10.41 33.76 27.41
CA THR B 752 10.23 33.74 25.95
C THR B 752 10.98 34.85 25.26
N PHE B 753 10.93 36.07 25.83
CA PHE B 753 11.59 37.25 25.27
C PHE B 753 13.10 37.05 25.16
N SER B 754 13.75 36.74 26.28
CA SER B 754 15.20 36.65 26.29
C SER B 754 15.70 35.41 25.56
N GLY B 755 14.98 34.29 25.66
CA GLY B 755 15.40 33.10 24.94
C GLY B 755 15.29 33.26 23.44
N SER B 756 14.23 33.91 22.96
CA SER B 756 14.11 34.15 21.54
C SER B 756 15.10 35.19 21.06
N LEU B 757 15.51 36.12 21.94
CA LEU B 757 16.52 37.09 21.55
C LEU B 757 17.90 36.43 21.40
N VAL B 758 18.25 35.52 22.31
CA VAL B 758 19.49 34.77 22.16
C VAL B 758 19.42 33.82 20.96
N ALA B 759 18.24 33.26 20.69
CA ALA B 759 18.06 32.40 19.52
C ALA B 759 18.25 33.17 18.21
N TYR B 760 17.70 34.39 18.13
CA TYR B 760 17.94 35.25 16.98
C TYR B 760 19.40 35.61 16.84
N GLY B 761 20.07 35.94 17.95
CA GLY B 761 21.47 36.29 17.90
C GLY B 761 22.37 35.14 17.50
N LYS B 762 21.97 33.91 17.80
CA LYS B 762 22.80 32.76 17.45
C LYS B 762 22.45 32.20 16.06
N LEU B 763 21.24 32.45 15.57
CA LEU B 763 20.92 32.08 14.18
C LEU B 763 21.47 33.10 13.19
N GLN B 764 21.50 34.38 13.55
CA GLN B 764 21.92 35.42 12.62
C GLN B 764 23.42 35.35 12.37
N GLY B 765 24.21 35.05 13.40
CA GLY B 765 25.65 34.99 13.24
C GLY B 765 26.35 36.00 14.12
N ILE B 766 25.58 36.67 14.97
CA ILE B 766 26.13 37.67 15.88
C ILE B 766 26.87 36.99 17.02
N LEU B 767 26.19 36.09 17.72
CA LEU B 767 26.82 35.28 18.76
C LEU B 767 27.48 34.08 18.11
N LYS B 768 28.52 33.57 18.76
CA LYS B 768 29.17 32.37 18.27
C LYS B 768 28.27 31.17 18.49
N SER B 769 28.26 30.25 17.52
CA SER B 769 27.35 29.12 17.52
C SER B 769 27.84 27.95 18.35
N ALA B 770 28.79 28.17 19.26
CA ALA B 770 29.32 27.17 20.18
C ALA B 770 28.58 27.21 21.50
N PRO B 771 28.32 26.06 22.10
CA PRO B 771 27.57 26.04 23.37
C PRO B 771 28.40 26.50 24.56
N LEU B 772 28.39 27.81 24.82
CA LEU B 772 29.08 28.41 25.95
C LEU B 772 28.59 27.83 27.28
N LEU B 773 29.46 27.08 27.95
CA LEU B 773 29.12 26.38 29.18
C LEU B 773 29.74 27.11 30.36
N LEU B 774 28.90 27.57 31.28
CA LEU B 774 29.38 28.13 32.53
C LEU B 774 29.96 27.00 33.39
N PRO B 775 30.87 27.33 34.36
CA PRO B 775 31.48 26.28 35.19
C PRO B 775 30.47 25.47 36.01
N GLY B 776 29.71 26.13 36.86
CA GLY B 776 28.58 25.45 37.47
C GLY B 776 27.28 25.99 36.90
N ARG B 777 26.66 25.26 35.98
CA ARG B 777 25.46 25.76 35.31
C ARG B 777 24.18 25.09 35.77
N HIS B 778 24.25 23.85 36.25
CA HIS B 778 23.04 23.20 36.76
C HIS B 778 22.69 23.70 38.15
N LEU B 779 23.71 23.99 38.96
CA LEU B 779 23.48 24.60 40.26
C LEU B 779 22.94 26.02 40.11
N LEU B 780 23.45 26.75 39.12
CA LEU B 780 22.96 28.10 38.86
C LEU B 780 21.51 28.10 38.37
N ASN B 781 21.19 27.18 37.45
CA ASN B 781 19.83 27.09 36.93
C ASN B 781 18.85 26.62 38.01
N ALA B 782 19.28 25.69 38.86
CA ALA B 782 18.42 25.26 39.96
C ALA B 782 18.24 26.35 40.99
N GLY B 783 19.26 27.18 41.22
CA GLY B 783 19.10 28.30 42.13
C GLY B 783 18.18 29.37 41.56
N LEU B 784 18.26 29.62 40.25
CA LEU B 784 17.34 30.57 39.61
C LEU B 784 15.90 30.06 39.66
N LEU B 785 15.69 28.77 39.39
CA LEU B 785 14.35 28.22 39.44
C LEU B 785 13.82 28.18 40.87
N ALA B 786 14.69 27.94 41.86
CA ALA B 786 14.27 27.98 43.25
C ALA B 786 13.89 29.38 43.67
N ALA B 787 14.64 30.39 43.23
CA ALA B 787 14.28 31.78 43.53
C ALA B 787 12.99 32.18 42.85
N SER B 788 12.77 31.73 41.61
CA SER B 788 11.56 32.09 40.87
C SER B 788 10.32 31.42 41.46
N VAL B 789 10.44 30.17 41.90
CA VAL B 789 9.30 29.50 42.51
C VAL B 789 9.05 30.04 43.92
N GLY B 790 10.12 30.25 44.70
CA GLY B 790 9.95 30.75 46.05
C GLY B 790 9.63 32.22 46.14
N GLY B 791 9.75 32.98 45.06
CA GLY B 791 9.36 34.38 45.09
C GLY B 791 7.88 34.63 45.12
N ILE B 792 7.06 33.59 44.90
CA ILE B 792 5.62 33.74 44.97
C ILE B 792 5.12 33.76 46.41
N ILE B 793 5.97 33.39 47.36
CA ILE B 793 5.64 33.40 48.79
C ILE B 793 5.75 34.81 49.38
N PRO B 794 6.77 35.64 49.09
CA PRO B 794 6.63 37.06 49.45
C PRO B 794 5.60 37.80 48.63
N PHE B 795 5.25 37.30 47.44
CA PHE B 795 4.26 37.98 46.62
C PHE B 795 2.85 37.74 47.14
N MET B 796 2.60 36.59 47.75
CA MET B 796 1.45 36.42 48.61
C MET B 796 1.85 36.86 50.02
N MET B 797 0.91 36.71 50.97
CA MET B 797 1.10 37.00 52.40
C MET B 797 1.47 38.45 52.70
N ASP B 798 1.29 39.36 51.74
CA ASP B 798 1.63 40.77 51.92
C ASP B 798 0.79 41.60 50.94
N PRO B 799 -0.10 42.45 51.43
CA PRO B 799 -0.97 43.21 50.52
C PRO B 799 -0.37 44.54 50.08
N SER B 800 0.93 44.74 50.30
CA SER B 800 1.56 46.00 49.95
C SER B 800 1.75 46.12 48.44
N PHE B 801 1.92 47.35 47.98
CA PHE B 801 2.14 47.60 46.56
C PHE B 801 3.61 47.52 46.18
N THR B 802 4.51 48.00 47.05
CA THR B 802 5.93 47.99 46.72
C THR B 802 6.48 46.57 46.69
N THR B 803 6.00 45.73 47.60
CA THR B 803 6.39 44.32 47.63
C THR B 803 5.91 43.58 46.39
N GLY B 804 4.66 43.83 45.97
CA GLY B 804 4.15 43.18 44.77
C GLY B 804 4.86 43.61 43.51
N ILE B 805 5.14 44.91 43.38
CA ILE B 805 5.79 45.38 42.16
C ILE B 805 7.26 44.98 42.16
N THR B 806 7.90 44.83 43.33
CA THR B 806 9.29 44.37 43.28
C THR B 806 9.36 42.86 43.07
N CYS B 807 8.31 42.11 43.46
CA CYS B 807 8.27 40.69 43.09
C CYS B 807 8.03 40.50 41.60
N LEU B 808 7.19 41.36 41.00
CA LEU B 808 6.98 41.30 39.55
C LEU B 808 8.26 41.65 38.78
N GLY B 809 8.95 42.71 39.20
CA GLY B 809 10.21 43.06 38.55
C GLY B 809 11.29 42.01 38.75
N SER B 810 11.33 41.39 39.93
CA SER B 810 12.32 40.36 40.21
C SER B 810 12.04 39.09 39.41
N VAL B 811 10.77 38.69 39.26
CA VAL B 811 10.51 37.47 38.50
C VAL B 811 10.69 37.72 37.01
N SER B 812 10.46 38.96 36.53
CA SER B 812 10.76 39.27 35.14
C SER B 812 12.26 39.24 34.87
N ALA B 813 13.06 39.81 35.78
CA ALA B 813 14.51 39.78 35.61
C ALA B 813 15.07 38.36 35.72
N LEU B 814 14.59 37.58 36.68
CA LEU B 814 15.09 36.21 36.83
C LEU B 814 14.66 35.32 35.68
N SER B 815 13.48 35.55 35.10
CA SER B 815 13.06 34.78 33.95
C SER B 815 13.87 35.16 32.71
N ALA B 816 14.22 36.43 32.55
CA ALA B 816 15.10 36.83 31.44
C ALA B 816 16.49 36.24 31.58
N VAL B 817 17.04 36.25 32.81
CA VAL B 817 18.36 35.67 33.05
C VAL B 817 18.33 34.16 32.83
N MET B 818 17.24 33.50 33.23
CA MET B 818 17.11 32.07 33.02
C MET B 818 16.99 31.73 31.54
N GLY B 819 16.30 32.57 30.76
CA GLY B 819 16.22 32.35 29.33
C GLY B 819 17.57 32.50 28.64
N VAL B 820 18.33 33.53 29.01
CA VAL B 820 19.67 33.72 28.45
C VAL B 820 20.61 32.57 28.86
N THR B 821 20.47 32.09 30.10
CA THR B 821 21.37 31.05 30.59
C THR B 821 21.05 29.70 29.96
N LEU B 822 19.77 29.36 29.82
CA LEU B 822 19.41 28.07 29.23
C LEU B 822 19.59 28.07 27.73
N THR B 823 19.46 29.22 27.07
CA THR B 823 19.53 29.22 25.62
C THR B 823 20.97 29.24 25.12
N ALA B 824 21.88 29.87 25.85
CA ALA B 824 23.27 30.00 25.41
C ALA B 824 24.11 28.75 25.68
N ALA B 825 23.52 27.67 26.17
CA ALA B 825 24.26 26.42 26.40
C ALA B 825 23.79 25.30 25.47
N ILE B 826 23.13 25.64 24.37
CA ILE B 826 22.50 24.66 23.51
C ILE B 826 23.40 24.26 22.35
N GLY B 827 23.88 25.24 21.59
CA GLY B 827 24.60 24.91 20.38
C GLY B 827 23.79 25.28 19.15
N GLY B 828 24.51 25.72 18.11
CA GLY B 828 23.85 26.31 16.97
C GLY B 828 23.13 25.36 16.05
N ALA B 829 23.27 24.06 16.23
CA ALA B 829 22.63 23.09 15.34
C ALA B 829 21.29 22.60 15.85
N ASP B 830 21.15 22.40 17.16
CA ASP B 830 19.87 22.06 17.76
C ASP B 830 19.14 23.27 18.30
N MET B 831 19.52 24.47 17.85
CA MET B 831 18.76 25.71 17.94
C MET B 831 17.33 25.67 17.38
N PRO B 832 16.97 24.87 16.35
CA PRO B 832 15.55 24.75 16.01
C PRO B 832 14.66 24.13 17.07
N VAL B 833 15.21 23.48 18.10
CA VAL B 833 14.40 23.11 19.26
C VAL B 833 13.93 24.36 20.00
N VAL B 834 14.84 25.30 20.20
CA VAL B 834 14.55 26.55 20.92
C VAL B 834 13.54 27.41 20.16
N ILE B 835 13.49 27.26 18.83
CA ILE B 835 12.45 27.94 18.04
C ILE B 835 11.08 27.36 18.37
N THR B 836 10.96 26.05 18.54
CA THR B 836 9.65 25.46 18.72
C THR B 836 9.18 25.48 20.17
N VAL B 837 10.09 25.22 21.12
CA VAL B 837 9.75 25.19 22.54
C VAL B 837 9.24 26.55 23.00
N LEU B 838 9.94 27.62 22.59
CA LEU B 838 9.46 28.96 22.88
C LEU B 838 8.20 29.28 22.10
N ASN B 839 8.01 28.64 20.94
CA ASN B 839 6.75 28.73 20.21
C ASN B 839 5.60 28.17 21.04
N SER B 840 5.86 27.15 21.85
CA SER B 840 4.83 26.70 22.78
C SER B 840 4.65 27.69 23.91
N TYR B 841 5.73 28.33 24.38
CA TYR B 841 5.62 29.25 25.52
C TYR B 841 4.85 30.50 25.15
N SER B 842 5.07 31.00 23.92
CA SER B 842 4.28 32.11 23.40
C SER B 842 2.82 31.73 23.19
N GLY B 843 2.51 30.43 23.15
CA GLY B 843 1.12 30.02 23.27
C GLY B 843 0.60 30.18 24.67
N TRP B 844 1.32 29.64 25.67
CA TRP B 844 0.73 29.51 26.99
C TRP B 844 0.66 30.83 27.73
N ALA B 845 1.52 31.78 27.36
CA ALA B 845 1.41 33.15 27.84
C ALA B 845 0.06 33.74 27.47
N LEU B 846 -0.42 33.45 26.25
CA LEU B 846 -1.77 33.82 25.85
C LEU B 846 -2.83 33.24 26.77
N CYS B 847 -2.64 31.99 27.20
CA CYS B 847 -3.57 31.42 28.17
C CYS B 847 -3.47 32.13 29.51
N ALA B 848 -2.25 32.52 29.90
CA ALA B 848 -2.09 33.32 31.11
C ALA B 848 -2.60 34.73 30.92
N GLU B 849 -2.83 35.15 29.69
CA GLU B 849 -3.48 36.41 29.45
C GLU B 849 -4.98 36.25 29.31
N GLY B 850 -5.46 35.01 29.14
CA GLY B 850 -6.88 34.75 29.04
C GLY B 850 -7.50 34.37 30.37
N PHE B 851 -6.75 33.65 31.22
CA PHE B 851 -7.20 33.41 32.59
C PHE B 851 -7.31 34.71 33.38
N LEU B 852 -6.49 35.69 33.04
CA LEU B 852 -6.35 36.92 33.81
C LEU B 852 -7.42 37.94 33.45
N LEU B 853 -7.76 38.04 32.17
CA LEU B 853 -8.73 38.99 31.67
C LEU B 853 -10.12 38.43 31.51
N ASN B 854 -10.31 37.13 31.81
CA ASN B 854 -11.58 36.41 31.68
C ASN B 854 -12.10 36.48 30.24
N ASN B 855 -11.24 36.06 29.32
CA ASN B 855 -11.48 36.13 27.89
C ASN B 855 -11.35 34.75 27.28
N ASN B 856 -12.37 34.31 26.54
CA ASN B 856 -12.36 32.95 26.00
C ASN B 856 -11.45 32.84 24.78
N LEU B 857 -11.42 33.88 23.94
CA LEU B 857 -10.71 33.82 22.68
C LEU B 857 -9.20 33.69 22.90
N LEU B 858 -8.68 34.34 23.94
CA LEU B 858 -7.26 34.23 24.26
C LEU B 858 -6.90 32.84 24.73
N THR B 859 -7.77 32.17 25.48
CA THR B 859 -7.45 30.82 25.94
C THR B 859 -7.56 29.80 24.82
N ILE B 860 -8.55 29.96 23.92
CA ILE B 860 -8.68 29.06 22.78
C ILE B 860 -7.46 29.19 21.86
N VAL B 861 -7.07 30.43 21.56
CA VAL B 861 -5.91 30.68 20.71
C VAL B 861 -4.61 30.21 21.39
N GLY B 862 -4.51 30.40 22.71
CA GLY B 862 -3.28 30.02 23.40
C GLY B 862 -3.09 28.53 23.50
N ALA B 863 -4.18 27.78 23.74
CA ALA B 863 -4.10 26.32 23.70
C ALA B 863 -3.78 25.84 22.29
N LEU B 864 -4.34 26.50 21.28
CA LEU B 864 -4.11 26.11 19.89
C LEU B 864 -2.66 26.34 19.46
N ILE B 865 -2.00 27.34 20.02
CA ILE B 865 -0.60 27.61 19.67
C ILE B 865 0.36 26.78 20.52
N GLY B 866 0.05 26.60 21.80
CA GLY B 866 0.90 25.79 22.66
C GLY B 866 0.95 24.34 22.24
N SER B 867 -0.18 23.78 21.82
CA SER B 867 -0.19 22.40 21.32
C SER B 867 0.59 22.26 20.03
N SER B 868 0.54 23.27 19.16
CA SER B 868 1.31 23.26 17.91
C SER B 868 2.80 23.25 18.19
N GLY B 869 3.25 24.12 19.09
CA GLY B 869 4.67 24.15 19.44
C GLY B 869 5.14 22.87 20.12
N ALA B 870 4.33 22.32 21.01
CA ALA B 870 4.72 21.11 21.72
C ALA B 870 4.78 19.90 20.79
N ILE B 871 3.85 19.81 19.84
CA ILE B 871 3.86 18.69 18.92
C ILE B 871 4.99 18.81 17.89
N LEU B 872 5.32 20.04 17.46
CA LEU B 872 6.46 20.21 16.57
C LEU B 872 7.77 19.86 17.26
N SER B 873 7.94 20.26 18.52
CA SER B 873 9.15 19.87 19.24
C SER B 873 9.18 18.38 19.54
N TYR B 874 8.02 17.73 19.69
CA TYR B 874 8.01 16.28 19.85
C TYR B 874 8.44 15.57 18.57
N ILE B 875 7.88 15.99 17.43
CA ILE B 875 8.25 15.45 16.12
C ILE B 875 9.74 15.61 15.87
N MET B 876 10.30 16.73 16.28
CA MET B 876 11.71 16.99 16.04
C MET B 876 12.61 16.24 17.02
N CYS B 877 12.19 16.04 18.26
CA CYS B 877 12.99 15.22 19.16
C CYS B 877 12.90 13.74 18.82
N VAL B 878 11.79 13.29 18.24
CA VAL B 878 11.66 11.88 17.86
C VAL B 878 12.18 11.63 16.45
N ALA B 879 12.46 12.67 15.67
CA ALA B 879 13.09 12.49 14.37
C ALA B 879 14.57 12.21 14.52
N MET B 880 15.21 12.79 15.52
CA MET B 880 16.47 12.28 16.06
C MET B 880 16.11 11.25 17.13
N ASN B 881 17.06 10.85 17.96
CA ASN B 881 16.69 9.97 19.04
C ASN B 881 17.14 10.56 20.36
N ARG B 882 16.81 11.82 20.58
CA ARG B 882 17.15 12.54 21.79
C ARG B 882 15.88 12.96 22.49
N SER B 883 15.98 13.22 23.79
CA SER B 883 14.87 13.73 24.58
C SER B 883 15.04 15.23 24.79
N LEU B 884 14.00 15.85 25.34
CA LEU B 884 14.10 17.29 25.58
C LEU B 884 15.06 17.60 26.72
N ALA B 885 15.18 16.71 27.70
CA ALA B 885 16.23 16.86 28.71
C ALA B 885 17.60 16.61 28.11
N ASN B 886 17.68 15.78 27.07
CA ASN B 886 18.94 15.53 26.39
C ASN B 886 19.39 16.73 25.57
N VAL B 887 18.43 17.50 25.03
CA VAL B 887 18.80 18.64 24.19
C VAL B 887 19.03 19.89 25.05
N ILE B 888 18.09 20.18 25.95
CA ILE B 888 18.12 21.44 26.69
C ILE B 888 19.23 21.43 27.74
N LEU B 889 19.26 20.39 28.57
CA LEU B 889 20.24 20.36 29.66
C LEU B 889 21.63 20.01 29.17
N GLY B 890 21.72 19.32 28.03
CA GLY B 890 23.02 18.96 27.49
C GLY B 890 23.42 17.55 27.88
N GLY B 891 23.34 16.62 26.94
CA GLY B 891 23.71 15.26 27.19
C GLY B 891 24.51 14.69 26.04
N TYR B 892 25.24 13.62 26.33
CA TYR B 892 26.13 13.01 25.35
C TYR B 892 25.34 12.03 24.51
N GLY B 893 24.97 12.44 23.31
CA GLY B 893 24.53 11.50 22.29
C GLY B 893 23.01 11.36 22.23
N THR B 894 22.51 10.20 22.64
CA THR B 894 21.25 9.66 22.17
C THR B 894 20.73 8.69 23.22
N THR B 895 19.40 8.64 23.41
CA THR B 895 18.85 7.61 24.30
C THR B 895 18.66 6.25 23.64
N SER B 896 19.65 5.81 22.87
CA SER B 896 19.81 4.40 22.53
C SER B 896 21.27 3.98 22.47
N THR B 897 22.22 4.90 22.68
CA THR B 897 23.63 4.56 22.69
C THR B 897 23.97 3.77 23.95
N ALA B 898 25.15 3.16 23.94
CA ALA B 898 25.53 2.28 25.04
C ALA B 898 27.05 2.24 25.17
N GLY B 899 27.53 2.54 26.37
CA GLY B 899 28.94 2.35 26.68
C GLY B 899 29.82 3.35 25.98
N GLY B 900 30.80 2.85 25.25
CA GLY B 900 31.71 3.68 24.47
C GLY B 900 32.35 2.91 23.34
N LYS B 901 33.43 3.46 22.76
CA LYS B 901 34.21 2.90 21.65
C LYS B 901 33.35 2.55 20.44
N PRO B 902 32.93 3.52 19.63
CA PRO B 902 32.26 3.18 18.37
C PRO B 902 33.21 2.44 17.44
N MET B 903 32.64 1.56 16.62
CA MET B 903 33.47 0.69 15.78
C MET B 903 34.14 1.49 14.69
N GLU B 904 35.27 0.97 14.22
CA GLU B 904 36.21 1.72 13.40
C GLU B 904 35.70 1.83 11.97
N ILE B 905 36.52 2.42 11.12
CA ILE B 905 36.21 2.58 9.70
C ILE B 905 37.01 1.54 8.93
N SER B 906 36.49 1.15 7.76
CA SER B 906 37.12 0.10 6.97
C SER B 906 37.08 0.47 5.49
N GLY B 907 38.21 0.32 4.82
CA GLY B 907 38.28 0.53 3.39
C GLY B 907 38.68 1.95 3.02
N THR B 908 38.68 2.20 1.72
CA THR B 908 38.96 3.51 1.17
C THR B 908 37.79 3.98 0.31
N HIS B 909 37.80 5.27 0.00
CA HIS B 909 36.67 5.91 -0.66
C HIS B 909 36.91 6.02 -2.16
N THR B 910 35.87 5.72 -2.94
CA THR B 910 35.92 5.89 -4.38
C THR B 910 35.59 7.34 -4.71
N GLU B 911 36.45 7.97 -5.52
CA GLU B 911 36.28 9.37 -5.87
C GLU B 911 36.26 9.51 -7.39
N ILE B 912 35.31 10.29 -7.89
CA ILE B 912 35.08 10.47 -9.31
C ILE B 912 35.10 11.96 -9.64
N ASN B 913 34.93 12.27 -10.92
CA ASN B 913 34.91 13.62 -11.47
C ASN B 913 33.55 13.91 -12.09
N LEU B 914 33.45 15.03 -12.80
CA LEU B 914 32.19 15.44 -13.39
C LEU B 914 31.76 14.54 -14.54
N ASP B 915 32.71 14.01 -15.30
CA ASP B 915 32.38 13.27 -16.52
C ASP B 915 31.80 11.89 -16.21
N ASN B 916 32.43 11.15 -15.29
CA ASN B 916 31.89 9.87 -14.88
C ASN B 916 30.57 10.02 -14.14
N ALA B 917 30.44 11.10 -13.36
CA ALA B 917 29.17 11.37 -12.68
C ALA B 917 28.06 11.68 -13.66
N ILE B 918 28.35 12.43 -14.72
CA ILE B 918 27.28 12.77 -15.64
C ILE B 918 26.95 11.58 -16.55
N ASP B 919 27.95 10.73 -16.87
CA ASP B 919 27.69 9.51 -17.62
C ASP B 919 26.87 8.53 -16.78
N MET B 920 27.08 8.55 -15.47
CA MET B 920 26.37 7.64 -14.58
C MET B 920 25.00 8.17 -14.19
N ILE B 921 24.78 9.48 -14.33
CA ILE B 921 23.42 10.02 -14.32
C ILE B 921 22.67 9.58 -15.57
N ARG B 922 23.33 9.68 -16.73
CA ARG B 922 22.67 9.35 -18.00
C ARG B 922 22.31 7.88 -18.12
N GLU B 923 23.03 7.00 -17.43
CA GLU B 923 22.69 5.58 -17.46
C GLU B 923 21.46 5.27 -16.62
N ALA B 924 21.18 6.09 -15.60
CA ALA B 924 20.12 5.81 -14.65
C ALA B 924 18.75 6.09 -15.26
N ASN B 925 17.73 5.56 -14.60
CA ASN B 925 16.36 5.77 -15.04
C ASN B 925 15.43 6.07 -13.85
N SER B 926 15.97 6.16 -12.64
CA SER B 926 15.21 6.53 -11.46
C SER B 926 16.19 7.12 -10.45
N ILE B 927 16.03 8.41 -10.16
CA ILE B 927 16.97 9.15 -9.33
C ILE B 927 16.21 9.69 -8.12
N ILE B 928 16.80 9.54 -6.94
CA ILE B 928 16.30 10.14 -5.72
C ILE B 928 17.38 11.08 -5.18
N ILE B 929 17.00 12.33 -4.94
CA ILE B 929 17.90 13.35 -4.44
C ILE B 929 17.58 13.59 -2.97
N THR B 930 18.59 13.49 -2.12
CA THR B 930 18.45 13.80 -0.70
C THR B 930 19.20 15.10 -0.41
N PRO B 931 18.50 16.22 -0.26
CA PRO B 931 19.17 17.48 0.02
C PRO B 931 19.32 17.74 1.51
N GLY B 932 20.31 18.56 1.84
CA GLY B 932 20.50 18.98 3.20
C GLY B 932 20.63 20.48 3.31
N TYR B 933 21.24 20.97 4.39
CA TYR B 933 21.40 22.41 4.53
C TYR B 933 22.57 22.94 3.71
N GLY B 934 23.51 22.08 3.31
CA GLY B 934 24.58 22.52 2.42
C GLY B 934 24.12 22.87 1.03
N LEU B 935 22.99 22.31 0.58
CA LEU B 935 22.41 22.69 -0.69
C LEU B 935 21.86 24.10 -0.64
N CYS B 936 21.32 24.53 0.50
CA CYS B 936 20.66 25.82 0.58
C CYS B 936 21.56 26.92 1.13
N ALA B 937 22.61 26.58 1.87
CA ALA B 937 23.58 27.57 2.29
C ALA B 937 24.45 28.04 1.14
N ALA B 938 24.59 27.22 0.09
CA ALA B 938 25.34 27.58 -1.09
C ALA B 938 24.45 28.09 -2.22
N LYS B 939 23.14 28.20 -1.97
CA LYS B 939 22.13 28.62 -2.96
C LYS B 939 22.16 27.75 -4.21
N ALA B 940 22.15 26.44 -3.99
CA ALA B 940 22.26 25.47 -5.07
C ALA B 940 20.92 24.89 -5.50
N GLN B 941 19.82 25.32 -4.89
CA GLN B 941 18.52 24.73 -5.22
C GLN B 941 17.99 25.19 -6.57
N TYR B 942 18.46 26.31 -7.10
CA TYR B 942 17.98 26.74 -8.42
C TYR B 942 18.54 25.91 -9.57
N PRO B 943 19.87 25.62 -9.68
CA PRO B 943 20.29 24.68 -10.73
C PRO B 943 19.84 23.26 -10.48
N ILE B 944 19.61 22.87 -9.23
CA ILE B 944 19.03 21.55 -8.96
C ILE B 944 17.59 21.47 -9.46
N ALA B 945 16.81 22.54 -9.26
CA ALA B 945 15.44 22.55 -9.76
C ALA B 945 15.41 22.53 -11.29
N ASP B 946 16.34 23.28 -11.93
CA ASP B 946 16.40 23.26 -13.39
C ASP B 946 16.88 21.91 -13.92
N LEU B 947 17.79 21.26 -13.19
CA LEU B 947 18.28 19.93 -13.56
C LEU B 947 17.19 18.88 -13.43
N VAL B 948 16.39 18.94 -12.37
CA VAL B 948 15.28 18.03 -12.20
C VAL B 948 14.22 18.25 -13.27
N LYS B 949 14.02 19.51 -13.67
CA LYS B 949 13.09 19.80 -14.76
C LYS B 949 13.57 19.23 -16.08
N MET B 950 14.87 19.37 -16.37
CA MET B 950 15.43 18.80 -17.60
C MET B 950 15.37 17.28 -17.62
N LEU B 951 15.66 16.64 -16.48
CA LEU B 951 15.64 15.19 -16.44
C LEU B 951 14.22 14.64 -16.43
N SER B 952 13.23 15.41 -15.96
CA SER B 952 11.84 15.00 -16.09
C SER B 952 11.26 15.28 -17.46
N GLU B 953 11.89 16.16 -18.24
CA GLU B 953 11.50 16.31 -19.65
C GLU B 953 11.93 15.12 -20.50
N GLN B 954 12.78 14.22 -20.00
CA GLN B 954 13.25 13.08 -20.76
C GLN B 954 12.83 11.75 -20.11
N GLY B 955 11.63 11.72 -19.53
CA GLY B 955 11.02 10.48 -19.10
C GLY B 955 11.63 9.79 -17.91
N LYS B 956 12.51 10.45 -17.18
CA LYS B 956 13.06 9.83 -15.98
C LYS B 956 12.11 10.03 -14.81
N LYS B 957 12.42 9.33 -13.72
CA LYS B 957 11.66 9.43 -12.48
C LYS B 957 12.59 10.05 -11.44
N VAL B 958 12.48 11.36 -11.25
CA VAL B 958 13.36 12.11 -10.37
C VAL B 958 12.52 12.65 -9.21
N ARG B 959 12.75 12.13 -8.01
CA ARG B 959 12.02 12.56 -6.83
C ARG B 959 12.99 13.06 -5.77
N PHE B 960 12.45 13.78 -4.80
CA PHE B 960 13.19 14.32 -3.67
C PHE B 960 12.83 13.59 -2.39
N GLY B 961 13.83 13.33 -1.55
CA GLY B 961 13.57 12.73 -0.26
C GLY B 961 14.01 13.62 0.87
N ILE B 962 13.10 13.97 1.78
CA ILE B 962 13.37 14.97 2.81
C ILE B 962 13.43 14.28 4.17
N HIS B 963 14.51 14.51 4.91
CA HIS B 963 14.58 14.08 6.29
C HIS B 963 13.88 15.12 7.17
N PRO B 964 13.24 14.69 8.27
CA PRO B 964 12.44 15.65 9.06
C PRO B 964 13.24 16.71 9.80
N VAL B 965 14.54 16.51 10.04
CA VAL B 965 15.35 17.52 10.71
C VAL B 965 16.45 18.02 9.79
N ALA B 966 16.18 18.07 8.49
CA ALA B 966 17.11 18.66 7.53
C ALA B 966 16.73 20.13 7.34
N GLY B 967 17.50 21.03 7.95
CA GLY B 967 17.25 22.45 7.85
C GLY B 967 17.47 23.13 9.18
N ARG B 968 17.08 24.39 9.25
CA ARG B 968 17.20 25.18 10.46
C ARG B 968 15.85 25.52 11.09
N MET B 969 14.80 24.82 10.68
CA MET B 969 13.42 25.09 11.05
C MET B 969 12.60 23.90 10.57
N PRO B 970 11.50 23.55 11.24
CA PRO B 970 10.63 22.47 10.72
C PRO B 970 10.02 22.81 9.37
N GLY B 971 10.31 21.95 8.39
CA GLY B 971 9.77 22.11 7.06
C GLY B 971 10.38 23.22 6.23
N GLN B 972 11.60 23.63 6.52
CA GLN B 972 12.24 24.71 5.78
C GLN B 972 12.61 24.27 4.37
N LEU B 973 13.06 23.03 4.24
CA LEU B 973 13.65 22.55 2.99
C LEU B 973 12.57 22.35 1.93
N ASN B 974 11.36 22.00 2.35
CA ASN B 974 10.21 21.94 1.45
C ASN B 974 9.91 23.30 0.83
N VAL B 975 9.99 24.36 1.64
CA VAL B 975 9.69 25.70 1.16
C VAL B 975 10.81 26.24 0.29
N LEU B 976 12.05 25.88 0.58
CA LEU B 976 13.16 26.32 -0.28
C LEU B 976 13.12 25.59 -1.63
N LEU B 977 12.72 24.32 -1.64
CA LEU B 977 12.53 23.65 -2.92
C LEU B 977 11.32 24.17 -3.66
N ALA B 978 10.28 24.62 -2.94
CA ALA B 978 9.13 25.24 -3.61
C ALA B 978 9.48 26.60 -4.19
N GLU B 979 10.37 27.35 -3.53
CA GLU B 979 10.83 28.62 -4.07
C GLU B 979 11.73 28.41 -5.28
N ALA B 980 12.50 27.32 -5.27
CA ALA B 980 13.32 26.99 -6.43
C ALA B 980 12.47 26.65 -7.65
N GLY B 981 11.29 26.09 -7.44
CA GLY B 981 10.37 25.84 -8.54
C GLY B 981 9.96 24.39 -8.66
N VAL B 982 10.25 23.59 -7.66
CA VAL B 982 9.98 22.15 -7.71
C VAL B 982 8.51 21.92 -7.37
N PRO B 983 7.78 21.12 -8.16
CA PRO B 983 6.42 20.75 -7.78
C PRO B 983 6.42 19.90 -6.52
N TYR B 984 5.36 20.06 -5.71
CA TYR B 984 5.33 19.41 -4.40
C TYR B 984 5.06 17.92 -4.47
N ASP B 985 4.62 17.40 -5.61
CA ASP B 985 4.28 15.98 -5.68
C ASP B 985 5.50 15.07 -5.85
N ILE B 986 6.63 15.62 -6.32
CA ILE B 986 7.87 14.84 -6.40
C ILE B 986 8.76 15.03 -5.19
N VAL B 987 8.34 15.85 -4.23
CA VAL B 987 9.03 15.99 -2.96
C VAL B 987 8.32 15.10 -1.96
N LEU B 988 9.03 14.11 -1.42
CA LEU B 988 8.47 13.13 -0.51
C LEU B 988 9.16 13.23 0.83
N GLU B 989 8.46 12.78 1.87
CA GLU B 989 9.03 12.76 3.21
C GLU B 989 9.93 11.53 3.38
N MET B 990 10.52 11.40 4.56
CA MET B 990 11.37 10.25 4.83
C MET B 990 10.58 8.96 4.88
N ASP B 991 9.42 8.97 5.54
CA ASP B 991 8.63 7.74 5.71
C ASP B 991 8.03 7.24 4.41
N GLU B 992 7.80 8.12 3.44
CA GLU B 992 7.08 7.74 2.23
C GLU B 992 8.01 7.31 1.10
N ILE B 993 9.30 7.60 1.20
CA ILE B 993 10.28 7.27 0.17
C ILE B 993 11.26 6.21 0.64
N ASN B 994 11.16 5.78 1.91
CA ASN B 994 12.20 4.97 2.53
C ASN B 994 12.21 3.55 1.97
N HIS B 995 11.06 3.04 1.57
CA HIS B 995 10.97 1.70 1.00
C HIS B 995 11.12 1.69 -0.51
N ASP B 996 11.49 2.82 -1.11
CA ASP B 996 11.71 2.91 -2.55
C ASP B 996 13.17 3.00 -2.92
N PHE B 997 14.07 2.90 -1.94
CA PHE B 997 15.51 2.92 -2.20
C PHE B 997 16.10 1.66 -2.86
N PRO B 998 15.69 0.42 -2.54
CA PRO B 998 16.26 -0.71 -3.31
C PRO B 998 15.86 -0.74 -4.77
N ASP B 999 14.68 -0.25 -5.12
CA ASP B 999 14.29 -0.15 -6.52
C ASP B 999 14.60 1.22 -7.10
N THR B 1000 15.85 1.68 -6.95
CA THR B 1000 16.24 3.02 -7.37
C THR B 1000 17.62 2.98 -8.01
N ASP B 1001 17.72 3.53 -9.22
CA ASP B 1001 18.95 3.44 -9.99
C ASP B 1001 20.03 4.35 -9.46
N LEU B 1002 19.67 5.51 -8.91
CA LEU B 1002 20.67 6.50 -8.55
C LEU B 1002 20.18 7.34 -7.39
N VAL B 1003 21.08 7.66 -6.47
CA VAL B 1003 20.79 8.55 -5.34
C VAL B 1003 21.84 9.64 -5.33
N LEU B 1004 21.40 10.90 -5.42
CA LEU B 1004 22.28 12.05 -5.29
C LEU B 1004 22.11 12.64 -3.89
N VAL B 1005 23.15 12.53 -3.09
CA VAL B 1005 23.17 13.09 -1.74
C VAL B 1005 23.86 14.44 -1.82
N ILE B 1006 23.13 15.54 -1.59
CA ILE B 1006 23.68 16.87 -1.76
C ILE B 1006 23.68 17.57 -0.41
N GLY B 1007 24.83 17.59 0.25
CA GLY B 1007 24.99 18.36 1.46
C GLY B 1007 24.31 17.77 2.68
N ALA B 1008 24.34 16.46 2.86
CA ALA B 1008 23.78 15.81 4.03
C ALA B 1008 24.75 14.76 4.51
N ASN B 1009 25.02 14.72 5.82
CA ASN B 1009 25.91 13.72 6.39
C ASN B 1009 25.22 12.86 7.44
N ASP B 1010 24.61 13.45 8.46
CA ASP B 1010 24.06 12.67 9.55
C ASP B 1010 22.74 11.99 9.19
N THR B 1011 22.01 12.54 8.23
CA THR B 1011 20.70 11.99 7.89
C THR B 1011 20.77 10.82 6.93
N VAL B 1012 21.96 10.45 6.46
CA VAL B 1012 22.17 9.30 5.59
C VAL B 1012 23.18 8.32 6.18
N ASN B 1013 23.46 8.45 7.47
CA ASN B 1013 24.56 7.74 8.11
C ASN B 1013 24.09 6.35 8.57
N SER B 1014 24.78 5.32 8.08
CA SER B 1014 24.42 3.93 8.35
C SER B 1014 24.76 3.48 9.76
N ALA B 1015 25.68 4.17 10.45
CA ALA B 1015 26.07 3.85 11.82
C ALA B 1015 24.96 4.09 12.82
N ALA B 1016 23.85 4.70 12.41
CA ALA B 1016 22.66 4.80 13.24
C ALA B 1016 21.88 3.50 13.31
N GLN B 1017 22.14 2.56 12.40
CA GLN B 1017 21.38 1.32 12.38
C GLN B 1017 22.20 0.07 12.65
N GLU B 1018 23.52 0.17 12.76
CA GLU B 1018 24.34 -1.01 12.88
C GLU B 1018 25.49 -0.85 13.86
N ASP B 1019 25.58 0.27 14.57
CA ASP B 1019 26.62 0.49 15.57
C ASP B 1019 25.95 1.01 16.84
N PRO B 1020 25.79 0.19 17.87
CA PRO B 1020 25.10 0.66 19.08
C PRO B 1020 25.93 1.58 19.96
N ASN B 1021 27.20 1.80 19.65
CA ASN B 1021 28.04 2.70 20.43
C ASN B 1021 28.16 4.08 19.79
N SER B 1022 27.47 4.33 18.68
CA SER B 1022 27.62 5.58 17.97
C SER B 1022 26.91 6.71 18.70
N ILE B 1023 27.23 7.93 18.30
CA ILE B 1023 26.61 9.11 18.90
C ILE B 1023 25.21 9.37 18.34
N ILE B 1024 24.86 8.73 17.23
CA ILE B 1024 23.55 8.87 16.61
C ILE B 1024 22.83 7.53 16.50
N ALA B 1025 23.16 6.58 17.37
CA ALA B 1025 22.68 5.21 17.27
C ALA B 1025 21.19 5.13 17.54
N GLY B 1026 20.41 4.79 16.52
CA GLY B 1026 18.97 4.69 16.65
C GLY B 1026 18.21 5.80 15.93
N MET B 1027 18.92 6.80 15.44
CA MET B 1027 18.29 7.87 14.68
C MET B 1027 17.78 7.34 13.34
N PRO B 1028 16.54 7.63 12.96
CA PRO B 1028 16.07 7.19 11.63
C PRO B 1028 16.70 8.00 10.52
N VAL B 1029 17.37 7.31 9.60
CA VAL B 1029 18.14 7.94 8.54
C VAL B 1029 17.63 7.47 7.20
N LEU B 1030 17.94 8.26 6.17
CA LEU B 1030 17.62 7.89 4.80
C LEU B 1030 18.60 6.82 4.33
N GLU B 1031 18.11 5.60 4.18
CA GLU B 1031 18.98 4.46 3.85
C GLU B 1031 19.31 4.49 2.36
N VAL B 1032 20.28 5.34 2.03
CA VAL B 1032 20.68 5.53 0.64
C VAL B 1032 21.61 4.46 0.13
N TRP B 1033 22.21 3.66 1.02
CA TRP B 1033 23.17 2.64 0.60
C TRP B 1033 22.51 1.46 -0.08
N LYS B 1034 21.20 1.31 0.05
CA LYS B 1034 20.49 0.18 -0.53
C LYS B 1034 20.16 0.36 -2.00
N SER B 1035 20.56 1.47 -2.62
CA SER B 1035 20.33 1.68 -4.03
C SER B 1035 21.53 1.17 -4.82
N LYS B 1036 21.54 1.43 -6.13
CA LYS B 1036 22.62 0.97 -6.98
C LYS B 1036 23.87 1.81 -6.76
N GLN B 1037 23.78 3.11 -7.02
CA GLN B 1037 24.92 4.00 -6.99
C GLN B 1037 24.57 5.26 -6.20
N VAL B 1038 25.54 5.77 -5.43
CA VAL B 1038 25.37 6.98 -4.63
C VAL B 1038 26.51 7.94 -4.97
N ILE B 1039 26.16 9.17 -5.34
CA ILE B 1039 27.13 10.25 -5.45
C ILE B 1039 26.94 11.18 -4.26
N VAL B 1040 27.99 11.38 -3.48
CA VAL B 1040 27.97 12.29 -2.34
C VAL B 1040 28.82 13.50 -2.69
N MET B 1041 28.19 14.67 -2.73
CA MET B 1041 28.88 15.91 -3.03
C MET B 1041 29.10 16.70 -1.75
N LYS B 1042 30.36 17.02 -1.46
CA LYS B 1042 30.74 17.79 -0.29
C LYS B 1042 32.12 18.38 -0.55
N ARG B 1043 32.59 19.21 0.38
CA ARG B 1043 33.86 19.90 0.15
C ARG B 1043 35.04 18.96 0.34
N SER B 1044 35.22 18.44 1.55
CA SER B 1044 36.35 17.57 1.85
C SER B 1044 35.87 16.48 2.80
N LEU B 1045 36.64 15.40 2.87
CA LEU B 1045 36.29 14.26 3.72
C LEU B 1045 36.60 14.62 5.17
N GLY B 1046 35.56 15.04 5.89
CA GLY B 1046 35.69 15.40 7.28
C GLY B 1046 34.55 14.89 8.13
N VAL B 1047 33.93 15.78 8.90
CA VAL B 1047 32.83 15.41 9.79
C VAL B 1047 31.59 16.20 9.42
N GLY B 1048 30.50 15.98 10.15
CA GLY B 1048 29.33 16.82 10.06
C GLY B 1048 29.18 17.69 11.29
N TYR B 1049 28.10 17.51 12.04
CA TYR B 1049 28.00 18.09 13.37
C TYR B 1049 28.41 17.11 14.45
N ALA B 1050 28.25 15.83 14.19
CA ALA B 1050 28.70 14.74 15.06
C ALA B 1050 29.10 13.59 14.16
N ALA B 1051 29.23 12.39 14.75
CA ALA B 1051 29.42 11.12 14.02
C ALA B 1051 30.69 11.14 13.16
N VAL B 1052 31.82 11.08 13.88
CA VAL B 1052 33.19 11.38 13.46
C VAL B 1052 33.59 10.86 12.07
N ASP B 1053 33.04 9.73 11.64
CA ASP B 1053 33.27 9.28 10.28
C ASP B 1053 32.04 8.55 9.79
N ASN B 1054 31.73 8.70 8.50
CA ASN B 1054 30.51 8.16 7.92
C ASN B 1054 30.84 6.87 7.18
N PRO B 1055 30.30 5.72 7.61
CA PRO B 1055 30.66 4.44 6.97
C PRO B 1055 30.15 4.26 5.55
N ILE B 1056 29.22 5.08 5.07
CA ILE B 1056 28.80 4.93 3.68
C ILE B 1056 29.77 5.59 2.71
N PHE B 1057 30.69 6.42 3.20
CA PHE B 1057 31.67 7.02 2.31
C PHE B 1057 32.75 6.02 1.91
N TYR B 1058 32.91 4.95 2.68
CA TYR B 1058 33.95 3.96 2.50
C TYR B 1058 33.33 2.63 2.07
N LYS B 1059 32.32 2.71 1.21
CA LYS B 1059 31.47 1.63 0.76
C LYS B 1059 31.59 1.53 -0.76
N PRO B 1060 31.60 0.32 -1.33
CA PRO B 1060 31.88 0.20 -2.78
C PRO B 1060 30.80 0.72 -3.71
N ASN B 1061 29.55 0.89 -3.25
CA ASN B 1061 28.51 1.45 -4.11
C ASN B 1061 28.32 2.95 -3.89
N THR B 1062 29.39 3.66 -3.56
CA THR B 1062 29.32 5.09 -3.27
C THR B 1062 30.56 5.76 -3.85
N ALA B 1063 30.34 6.75 -4.72
CA ALA B 1063 31.42 7.50 -5.33
C ALA B 1063 31.38 8.93 -4.83
N MET B 1064 32.54 9.46 -4.45
CA MET B 1064 32.63 10.82 -3.93
C MET B 1064 32.86 11.78 -5.09
N LEU B 1065 32.24 12.96 -4.99
CA LEU B 1065 32.40 14.03 -5.97
C LEU B 1065 32.67 15.31 -5.17
N LEU B 1066 33.94 15.61 -4.96
CA LEU B 1066 34.30 16.72 -4.10
C LEU B 1066 34.17 18.06 -4.85
N GLY B 1067 33.96 19.10 -4.08
CA GLY B 1067 33.77 20.45 -4.60
C GLY B 1067 32.61 21.12 -3.91
N ASP B 1068 32.55 22.44 -4.04
CA ASP B 1068 31.43 23.21 -3.53
C ASP B 1068 30.17 22.87 -4.33
N ALA B 1069 29.02 22.94 -3.65
CA ALA B 1069 27.78 22.45 -4.24
C ALA B 1069 27.29 23.35 -5.37
N LYS B 1070 27.50 24.67 -5.26
CA LYS B 1070 27.05 25.61 -6.27
C LYS B 1070 27.74 25.38 -7.61
N LYS B 1071 29.06 25.22 -7.58
CA LYS B 1071 29.84 25.02 -8.80
C LYS B 1071 29.52 23.69 -9.46
N THR B 1072 29.45 22.61 -8.67
CA THR B 1072 29.19 21.29 -9.25
C THR B 1072 27.76 21.16 -9.76
N CYS B 1073 26.79 21.80 -9.11
CA CYS B 1073 25.43 21.75 -9.63
C CYS B 1073 25.27 22.60 -10.88
N ASP B 1074 25.96 23.75 -10.95
CA ASP B 1074 25.98 24.52 -12.19
C ASP B 1074 26.67 23.76 -13.32
N ALA B 1075 27.71 23.00 -12.98
CA ALA B 1075 28.40 22.18 -13.98
C ALA B 1075 27.51 21.06 -14.50
N LEU B 1076 26.77 20.39 -13.62
CA LEU B 1076 25.85 19.34 -14.04
C LEU B 1076 24.72 19.90 -14.90
N GLN B 1077 24.23 21.10 -14.54
CA GLN B 1077 23.20 21.76 -15.35
C GLN B 1077 23.72 22.08 -16.74
N ALA B 1078 24.93 22.63 -16.82
CA ALA B 1078 25.52 22.98 -18.10
C ALA B 1078 25.82 21.75 -18.96
N LYS B 1079 26.23 20.64 -18.34
CA LYS B 1079 26.51 19.44 -19.12
C LYS B 1079 25.24 18.75 -19.61
N VAL B 1080 24.17 18.74 -18.81
CA VAL B 1080 22.90 18.20 -19.30
C VAL B 1080 22.31 19.09 -20.38
N ARG B 1081 22.50 20.41 -20.26
CA ARG B 1081 22.00 21.32 -21.28
C ARG B 1081 22.77 21.18 -22.59
N GLU B 1082 24.10 21.11 -22.51
CA GLU B 1082 24.94 21.09 -23.69
C GLU B 1082 25.16 19.70 -24.26
N SER B 1083 24.66 18.66 -23.60
CA SER B 1083 24.71 17.32 -24.17
C SER B 1083 23.39 16.86 -24.77
N TYR B 1084 22.29 17.51 -24.43
CA TYR B 1084 20.97 17.12 -24.88
C TYR B 1084 20.23 18.22 -25.64
N GLN B 1085 20.84 19.39 -25.80
CA GLN B 1085 20.20 20.51 -26.47
C GLN B 1085 21.25 21.44 -27.07
PA NAP C . -26.59 -9.90 0.81
O1A NAP C . -26.39 -9.17 -0.45
O2A NAP C . -27.64 -9.31 1.75
O5B NAP C . -27.06 -11.41 0.52
C5B NAP C . -26.68 -12.52 1.36
C4B NAP C . -26.29 -13.66 0.46
O4B NAP C . -26.05 -14.84 1.25
C3B NAP C . -27.33 -14.05 -0.59
O3B NAP C . -26.70 -14.37 -1.82
C2B NAP C . -27.98 -15.31 -0.02
O2B NAP C . -28.31 -16.16 -1.14
C1B NAP C . -26.85 -15.92 0.81
N9A NAP C . -27.32 -16.64 1.99
C8A NAP C . -28.26 -16.23 2.90
N7A NAP C . -28.47 -17.09 3.87
C5A NAP C . -27.60 -18.13 3.58
C6A NAP C . -27.34 -19.35 4.23
N6A NAP C . -27.96 -19.74 5.35
N1A NAP C . -26.42 -20.17 3.69
C2A NAP C . -25.80 -19.78 2.56
N3A NAP C . -25.96 -18.65 1.87
C4A NAP C . -26.89 -17.87 2.43
O3 NAP C . -25.23 -9.97 1.64
PN NAP C . -24.06 -8.90 1.86
O1N NAP C . -23.16 -8.93 0.69
O2N NAP C . -23.50 -9.07 3.22
O5D NAP C . -24.87 -7.53 1.80
C5D NAP C . -25.27 -6.88 3.02
C4D NAP C . -26.37 -5.89 2.71
O4D NAP C . -26.74 -5.20 3.90
C3D NAP C . -25.99 -4.77 1.75
O3D NAP C . -26.15 -5.20 0.40
C2D NAP C . -26.99 -3.67 2.10
O2D NAP C . -28.13 -3.70 1.25
C1D NAP C . -27.40 -4.01 3.55
N1N NAP C . -27.02 -2.92 4.55
C2N NAP C . -26.14 -3.25 5.51
C3N NAP C . -25.75 -2.31 6.44
C7N NAP C . -24.77 -2.69 7.53
O7N NAP C . -24.43 -1.85 8.36
N7N NAP C . -24.31 -3.93 7.53
C4N NAP C . -26.28 -1.03 6.37
C5N NAP C . -27.18 -0.71 5.36
C6N NAP C . -27.54 -1.68 4.45
P2B NAP C . -29.12 -17.54 -1.14
O1X NAP C . -28.32 -18.61 -0.52
O2X NAP C . -30.45 -17.30 -0.44
O3X NAP C . -29.43 -17.83 -2.62
PA NAD D . -4.92 -12.98 -37.13
O1A NAD D . -4.48 -14.39 -37.18
O2A NAD D . -5.30 -12.35 -38.46
O5B NAD D . -3.77 -12.05 -36.48
C5B NAD D . -2.92 -11.23 -37.31
C4B NAD D . -2.73 -9.90 -36.64
O4B NAD D . -1.90 -9.06 -37.46
C3B NAD D . -4.03 -9.11 -36.39
O3B NAD D . -4.02 -8.53 -35.09
C2B NAD D . -4.00 -8.04 -37.48
O2B NAD D . -4.66 -6.85 -37.04
C1B NAD D . -2.51 -7.78 -37.59
N9A NAD D . -2.08 -7.17 -38.84
C8A NAD D . -2.68 -7.31 -40.07
N7A NAD D . -2.11 -6.64 -41.03
C5A NAD D . -1.04 -6.01 -40.39
C6A NAD D . -0.04 -5.14 -40.85
N6A NAD D . 0.08 -4.74 -42.12
N1A NAD D . 0.87 -4.69 -39.95
C2A NAD D . 0.76 -5.09 -38.68
N3A NAD D . -0.14 -5.91 -38.13
C4A NAD D . -1.02 -6.33 -39.04
O3 NAD D . -6.17 -12.80 -36.15
PN NAD D . -6.40 -13.37 -34.69
O1N NAD D . -5.08 -13.67 -34.11
O2N NAD D . -7.41 -14.46 -34.75
O5D NAD D . -7.06 -12.13 -33.95
C5D NAD D . -8.11 -12.36 -32.98
C4D NAD D . -9.42 -11.89 -33.57
O4D NAD D . -10.51 -12.59 -32.93
C3D NAD D . -9.73 -10.41 -33.36
O3D NAD D . -9.14 -9.61 -34.38
C2D NAD D . -11.26 -10.39 -33.44
O2D NAD D . -11.73 -10.31 -34.78
C1D NAD D . -11.63 -11.75 -32.83
N1N NAD D . -12.03 -11.65 -31.35
C2N NAD D . -13.25 -11.14 -31.09
C3N NAD D . -13.70 -11.03 -29.79
C7N NAD D . -15.07 -10.46 -29.52
O7N NAD D . -15.78 -10.11 -30.46
N7N NAD D . -15.45 -10.35 -28.25
C4N NAD D . -12.87 -11.43 -28.77
C5N NAD D . -11.61 -11.95 -29.05
C6N NAD D . -11.21 -12.05 -30.36
O12 PC1 E . -12.70 13.81 4.13
P PC1 E . -13.99 13.12 4.39
O14 PC1 E . -14.99 13.07 3.30
O13 PC1 E . -13.65 11.63 4.84
C11 PC1 E . -12.32 11.31 5.33
C12 PC1 E . -12.40 11.66 6.78
N PC1 E . -11.08 11.84 7.49
C13 PC1 E . -10.35 10.55 7.55
C14 PC1 E . -11.33 12.33 8.88
C15 PC1 E . -10.25 12.85 6.76
O11 PC1 E . -14.65 13.79 5.67
C1 PC1 E . -15.99 13.44 6.02
C2 PC1 E . -16.65 14.66 6.59
O21 PC1 E . -18.08 14.38 6.77
C21 PC1 E . -18.47 13.87 7.95
O22 PC1 E . -17.71 13.52 8.81
C22 PC1 E . -19.96 13.80 8.05
C23 PC1 E . -20.47 13.81 9.49
C24 PC1 E . -20.23 15.12 10.23
C25 PC1 E . -20.81 15.13 11.64
C26 PC1 E . -20.46 16.37 12.45
C27 PC1 E . -20.80 16.22 13.94
C28 PC1 E . -20.23 17.31 14.84
C29 PC1 E . -21.10 18.53 14.97
C2A PC1 E . -20.58 19.54 15.99
C2B PC1 E . -21.53 20.69 16.25
C3 PC1 E . -16.52 15.81 5.63
O31 PC1 E . -17.59 16.75 5.84
C31 PC1 E . -17.36 17.78 6.66
O32 PC1 E . -16.34 17.94 7.28
C32 PC1 E . -18.53 18.73 6.66
C33 PC1 E . -19.49 18.51 7.82
C34 PC1 E . -18.94 19.00 9.15
C35 PC1 E . -20.00 19.48 10.11
C36 PC1 E . -20.92 20.52 9.50
C37 PC1 E . -21.61 21.41 10.53
C38 PC1 E . -22.45 20.65 11.53
C39 PC1 E . -23.17 21.55 12.51
C3A PC1 E . -24.13 22.52 11.84
C3B PC1 E . -25.26 21.85 11.07
O12 PC1 F . -11.17 17.10 7.88
P PC1 F . -10.50 18.03 8.82
O14 PC1 F . -10.58 17.75 10.27
O13 PC1 F . -8.96 18.07 8.39
C11 PC1 F . -8.22 16.83 8.23
C12 PC1 F . -7.58 16.64 9.58
N PC1 F . -7.64 15.24 10.15
C13 PC1 F . -7.06 14.26 9.19
C14 PC1 F . -9.07 14.88 10.42
C15 PC1 F . -6.88 15.18 11.45
O11 PC1 F . -11.05 19.50 8.52
C1 PC1 F . -12.44 19.81 8.69
C2 PC1 F . -12.72 19.96 10.16
O21 PC1 F . -14.17 20.01 10.35
C21 PC1 F . -14.65 19.57 11.53
O22 PC1 F . -13.97 19.13 12.41
C22 PC1 F . -16.15 19.70 11.58
C23 PC1 F . -16.72 19.31 12.93
C24 PC1 F . -18.00 20.06 13.24
C25 PC1 F . -17.78 21.56 13.31
C26 PC1 F . -19.05 22.38 13.35
C27 PC1 F . -18.82 23.85 13.62
C28 PC1 F . -18.29 24.12 15.01
C29 PC1 F . -19.19 23.58 16.10
C2A PC1 F . -20.51 24.31 16.25
C2B PC1 F . -20.36 25.74 16.74
C2C PC1 F . -21.68 26.47 16.90
C2D PC1 F . -22.65 25.77 17.83
C3 PC1 F . -12.13 21.22 10.74
O31 PC1 F . -13.01 22.33 10.47
C31 PC1 F . -13.17 23.20 11.46
O32 PC1 F . -12.64 23.12 12.52
C32 PC1 F . -14.11 24.31 11.07
C33 PC1 F . -13.50 25.68 11.24
C34 PC1 F . -14.33 26.81 10.65
C35 PC1 F . -15.65 27.02 11.34
C36 PC1 F . -16.38 28.27 10.89
C37 PC1 F . -17.80 28.38 11.43
C38 PC1 F . -18.63 27.14 11.17
C39 PC1 F . -20.04 27.20 11.72
C3A PC1 F . -20.88 25.97 11.40
C3B PC1 F . -22.37 26.19 11.54
C3C PC1 F . -22.83 26.62 12.92
C3D PC1 F . -24.32 26.91 13.01
C3E PC1 F . -24.79 27.29 14.39
O12 PC1 G . -22.99 11.65 -1.81
P PC1 G . -22.72 11.46 -0.36
O14 PC1 G . -22.42 10.11 0.15
O13 PC1 G . -21.51 12.44 0.00
C11 PC1 G . -20.25 11.90 0.45
C12 PC1 G . -19.23 12.73 -0.29
N PC1 G . -18.43 12.01 -1.36
C13 PC1 G . -19.36 11.46 -2.41
C14 PC1 G . -17.66 10.88 -0.75
C15 PC1 G . -17.48 12.96 -2.02
O11 PC1 G . -23.96 12.07 0.43
C1 PC1 G . -24.35 11.53 1.71
C2 PC1 G . -23.72 12.33 2.81
O21 PC1 G . -24.62 12.33 3.96
C21 PC1 G . -24.46 11.34 4.86
O22 PC1 G . -23.73 10.40 4.72
C22 PC1 G . -25.29 11.61 6.08
C23 PC1 G . -24.42 11.98 7.28
C24 PC1 G . -25.14 12.88 8.28
C25 PC1 G . -26.10 12.18 9.22
C26 PC1 G . -26.82 13.16 10.14
C27 PC1 G . -27.74 12.55 11.17
C28 PC1 G . -28.67 13.57 11.80
C29 PC1 G . -27.97 14.85 12.24
C2A PC1 G . -28.89 16.05 12.41
C2B PC1 G . -29.66 16.06 13.71
C2C PC1 G . -30.60 17.25 13.86
C2D PC1 G . -31.34 17.28 15.18
C2E PC1 G . -32.26 18.48 15.34
C3 PC1 G . -23.54 13.77 2.39
O31 PC1 G . -23.39 14.63 3.55
C31 PC1 G . -22.41 15.53 3.49
O32 PC1 G . -21.57 15.56 2.62
C32 PC1 G . -22.49 16.50 4.62
C33 PC1 G . -22.26 15.87 5.99
C34 PC1 G . -23.48 15.92 6.91
C35 PC1 G . -23.95 17.33 7.22
C36 PC1 G . -25.00 17.41 8.31
C37 PC1 G . -24.52 16.95 9.68
C38 PC1 G . -25.45 17.31 10.83
C39 PC1 G . -24.87 17.00 12.20
C3A PC1 G . -24.96 18.16 13.18
C3B PC1 G . -26.34 18.34 13.81
C3C PC1 G . -26.39 19.45 14.84
C3D PC1 G . -27.65 19.43 15.70
C3E PC1 G . -27.75 20.64 16.63
C3F PC1 G . -29.02 20.68 17.45
C3G PC1 G . -29.05 19.69 18.59
C3H PC1 G . -28.60 20.24 19.92
C3I PC1 G . -29.64 21.12 20.56
C1 D12 H . -26.75 24.62 17.75
C2 D12 H . -26.49 25.48 18.96
C3 D12 H . -27.74 25.83 19.71
C4 D12 H . -28.46 24.63 20.29
C5 D12 H . -29.92 24.86 20.57
C6 D12 H . -30.19 25.97 21.56
C7 D12 H . -31.57 26.59 21.42
C8 D12 H . -31.86 27.09 20.01
C9 D12 H . -32.63 28.40 19.97
C10 D12 H . -31.88 29.55 20.61
C11 D12 H . -32.67 30.83 20.73
C12 D12 H . -33.82 30.74 21.67
O12 PC1 I . -13.18 -10.96 33.73
P PC1 I . -13.76 -9.78 33.05
O14 PC1 I . -14.01 -9.86 31.59
O13 PC1 I . -15.12 -9.42 33.79
C11 PC1 I . -15.73 -10.38 34.69
C12 PC1 I . -17.19 -10.00 34.66
N PC1 I . -18.18 -11.11 34.93
C13 PC1 I . -17.91 -11.73 36.26
C14 PC1 I . -18.03 -12.16 33.86
C15 PC1 I . -19.57 -10.59 34.91
O11 PC1 I . -12.79 -8.54 33.33
C1 PC1 I . -12.32 -8.29 34.68
C2 PC1 I . -13.16 -7.21 35.28
O21 PC1 I . -12.49 -5.93 35.06
C21 PC1 I . -13.26 -4.87 34.78
O22 PC1 I . -14.46 -4.91 34.70
C22 PC1 I . -12.43 -3.63 34.61
C23 PC1 I . -11.48 -3.41 35.78
C24 PC1 I . -12.20 -3.35 37.11
C25 PC1 I . -13.20 -2.22 37.18
C26 PC1 I . -12.56 -0.86 37.19
C27 PC1 I . -13.32 0.16 36.37
C28 PC1 I . -13.31 1.54 36.99
C29 PC1 I . -14.16 1.65 38.22
C2A PC1 I . -15.62 1.31 37.97
C2B PC1 I . -16.52 1.40 39.19
C2C PC1 I . -17.07 2.78 39.49
C2D PC1 I . -16.26 3.59 40.49
C2E PC1 I . -16.03 2.86 41.81
C2F PC1 I . -15.27 3.66 42.85
C2G PC1 I . -14.93 2.88 44.09
C2H PC1 I . -14.24 3.68 45.17
C2I PC1 I . -15.07 4.86 45.66
C3 PC1 I . -13.34 -7.40 36.76
O31 PC1 I . -14.23 -6.39 37.28
C31 PC1 I . -15.55 -6.66 37.25
O32 PC1 I . -16.01 -7.69 36.85
C32 PC1 I . -16.34 -5.50 37.77
C33 PC1 I . -17.78 -5.50 37.28
C34 PC1 I . -17.93 -4.96 35.87
C35 PC1 I . -19.31 -5.21 35.27
C36 PC1 I . -19.63 -4.35 34.08
C37 PC1 I . -20.07 -2.94 34.44
C38 PC1 I . -21.22 -2.89 35.43
C39 PC1 I . -21.88 -1.53 35.57
C3A PC1 I . -20.90 -0.38 35.72
C3B PC1 I . -21.49 0.85 36.39
C3C PC1 I . -20.50 1.99 36.56
C3D PC1 I . -20.87 2.96 37.66
C3E PC1 I . -22.23 3.59 37.49
C3F PC1 I . -22.66 4.42 38.69
O12 PC1 J . -22.71 19.71 54.39
P PC1 J . -21.43 19.02 54.68
O14 PC1 J . -20.17 19.65 54.24
O13 PC1 J . -21.35 18.75 56.24
C11 PC1 J . -20.63 17.59 56.73
C12 PC1 J . -20.59 17.74 58.24
N PC1 J . -19.61 18.77 58.82
C13 PC1 J . -18.51 19.14 57.87
C14 PC1 J . -18.99 18.18 60.05
C15 PC1 J . -20.36 20.00 59.19
O11 PC1 J . -21.53 17.54 54.07
C1 PC1 J . -22.72 17.13 53.37
C2 PC1 J . -23.07 15.72 53.78
O21 PC1 J . -22.20 14.81 53.04
C21 PC1 J . -21.23 14.18 53.73
O22 PC1 J . -21.05 14.34 54.91
C22 PC1 J . -20.43 13.28 52.85
C23 PC1 J . -20.11 11.93 53.47
C24 PC1 J . -19.07 11.15 52.69
C25 PC1 J . -17.68 11.74 52.79
C26 PC1 J . -16.96 11.42 54.09
C27 PC1 J . -16.08 10.18 54.03
C28 PC1 J . -14.75 10.41 53.33
C29 PC1 J . -13.88 11.43 54.04
C3 PC1 J . -24.49 15.39 53.41
O31 PC1 J . -24.51 15.03 52.01
C31 PC1 J . -25.46 14.19 51.61
O32 PC1 J . -26.33 13.77 52.33
C32 PC1 J . -25.29 13.85 50.16
C33 PC1 J . -24.67 12.47 49.95
C34 PC1 J . -24.05 12.32 48.58
C35 PC1 J . -23.62 10.92 48.23
C36 PC1 J . -22.90 10.82 46.89
C37 PC1 J . -22.79 9.41 46.35
C38 PC1 J . -22.10 8.43 47.29
O12 PC1 K . -3.79 10.12 21.77
P PC1 K . -5.17 10.24 21.23
O14 PC1 K . -5.61 11.55 20.71
O13 PC1 K . -5.33 9.12 20.10
C11 PC1 K . -6.52 9.07 19.28
C12 PC1 K . -6.29 10.01 18.13
N PC1 K . -5.29 9.59 17.06
C13 PC1 K . -5.77 10.09 15.73
C14 PC1 K . -5.13 8.09 16.97
C15 PC1 K . -3.94 10.20 17.34
O11 PC1 K . -6.16 9.79 22.38
C1 PC1 K . -5.76 9.86 23.76
C2 PC1 K . -6.14 11.21 24.29
O21 PC1 K . -5.08 12.15 23.88
C21 PC1 K . -5.42 13.44 23.83
O22 PC1 K . -6.55 13.83 23.74
C22 PC1 K . -4.21 14.31 23.99
C23 PC1 K . -4.53 15.73 24.46
C24 PC1 K . -4.43 15.94 25.97
C25 PC1 K . -5.46 15.18 26.80
C26 PC1 K . -5.59 15.65 28.24
C27 PC1 K . -6.28 16.99 28.39
C28 PC1 K . -6.36 17.47 29.82
C29 PC1 K . -6.96 18.87 29.99
C2A PC1 K . -6.89 19.38 31.41
C2B PC1 K . -7.45 20.77 31.59
C2C PC1 K . -7.34 21.29 33.01
C3 PC1 K . -6.04 11.25 25.79
O31 PC1 K . -7.29 10.98 26.47
C31 PC1 K . -8.02 12.03 26.84
O32 PC1 K . -8.03 13.08 26.27
C32 PC1 K . -8.77 11.74 28.12
C33 PC1 K . -7.81 11.41 29.26
C34 PC1 K . -8.50 10.96 30.52
C35 PC1 K . -9.21 12.06 31.27
C36 PC1 K . -8.27 13.01 31.99
C37 PC1 K . -7.49 12.37 33.12
O12 PC1 L . -35.90 44.39 18.84
P PC1 L . -36.44 44.27 17.47
O14 PC1 L . -37.81 44.76 17.19
O13 PC1 L . -35.41 45.04 16.51
C11 PC1 L . -34.06 45.30 16.97
C12 PC1 L . -33.89 46.81 16.88
N PC1 L . -34.16 47.60 18.15
C13 PC1 L . -33.62 46.88 19.36
C14 PC1 L . -35.63 47.80 18.33
C15 PC1 L . -33.50 48.93 18.04
O11 PC1 L . -36.35 42.73 17.07
C1 PC1 L . -36.62 42.28 15.73
C2 PC1 L . -35.41 41.57 15.21
O21 PC1 L . -34.74 41.03 16.39
C21 PC1 L . -35.16 39.84 16.86
O22 PC1 L . -35.93 39.12 16.28
C22 PC1 L . -34.56 39.55 18.21
C23 PC1 L . -34.96 38.19 18.76
C24 PC1 L . -34.18 37.04 18.12
C25 PC1 L . -34.98 35.76 17.96
C26 PC1 L . -34.24 34.68 17.18
C27 PC1 L . -33.48 35.19 15.96
C28 PC1 L . -33.00 34.10 15.02
C29 PC1 L . -32.09 33.07 15.66
C2A PC1 L . -31.50 32.10 14.65
C2B PC1 L . -30.66 30.99 15.28
C2C PC1 L . -29.95 30.13 14.25
C2D PC1 L . -29.13 28.99 14.85
C2E PC1 L . -28.43 28.13 13.83
C3 PC1 L . -34.48 42.54 14.53
O31 PC1 L . -33.18 41.97 14.27
C31 PC1 L . -32.20 42.85 14.03
O32 PC1 L . -32.35 44.03 14.08
C32 PC1 L . -30.91 42.15 13.69
C33 PC1 L . -29.72 43.10 13.73
C34 PC1 L . -28.44 42.46 13.22
C35 PC1 L . -28.38 42.34 11.71
C36 PC1 L . -27.54 41.17 11.23
C37 PC1 L . -28.25 39.84 11.41
C38 PC1 L . -27.39 38.62 11.12
C39 PC1 L . -28.19 37.32 11.10
C3A PC1 L . -29.12 37.17 12.29
C3B PC1 L . -30.45 36.52 11.97
C3C PC1 L . -31.53 36.82 13.01
C3D PC1 L . -31.87 38.29 13.13
PA NAP M . 25.34 18.19 8.62
O1A NAP M . 25.94 16.87 8.83
O2A NAP M . 25.62 19.19 9.73
O5B NAP M . 25.86 18.88 7.23
C5B NAP M . 25.90 18.12 6.02
C4B NAP M . 27.23 18.30 5.33
O4B NAP M . 27.08 19.17 4.20
C3B NAP M . 28.33 18.94 6.17
O3B NAP M . 29.02 17.97 6.95
C2B NAP M . 29.24 19.53 5.10
O2B NAP M . 30.36 18.67 4.81
C1B NAP M . 28.36 19.68 3.85
N9A NAP M . 28.21 21.06 3.43
C8A NAP M . 27.97 22.15 4.23
N7A NAP M . 27.89 23.28 3.57
C5A NAP M . 28.10 22.92 2.25
C6A NAP M . 28.14 23.66 1.06
N6A NAP M . 27.96 24.99 0.99
N1A NAP M . 28.37 23.00 -0.09
C2A NAP M . 28.55 21.66 -0.04
N3A NAP M . 28.53 20.87 1.03
C4A NAP M . 28.30 21.56 2.15
O3 NAP M . 23.76 18.11 8.47
PN NAP M . 22.70 16.91 8.31
O1N NAP M . 23.43 15.65 8.05
O2N NAP M . 21.64 17.33 7.38
O5D NAP M . 22.11 16.84 9.79
C5D NAP M . 21.11 17.79 10.20
C4D NAP M . 21.33 18.10 11.66
O4D NAP M . 20.41 19.13 12.08
C3D NAP M . 21.05 16.96 12.62
O3D NAP M . 22.19 16.12 12.77
C2D NAP M . 20.71 17.68 13.93
O2D NAP M . 21.79 17.69 14.84
C1D NAP M . 20.40 19.12 13.48
N1N NAP M . 19.03 19.60 13.95
C2N NAP M . 18.13 20.00 13.04
C3N NAP M . 16.88 20.43 13.43
C7N NAP M . 15.87 20.89 12.41
O7N NAP M . 14.76 21.28 12.79
N7N NAP M . 16.22 20.87 11.14
C4N NAP M . 16.57 20.45 14.78
C5N NAP M . 17.51 20.04 15.71
C6N NAP M . 18.74 19.60 15.28
P2B NAP M . 31.82 19.20 4.41
O1X NAP M . 31.98 19.23 2.93
O2X NAP M . 31.94 20.59 5.03
O3X NAP M . 32.82 18.29 5.09
PA NAD N . 28.45 -27.81 -6.46
O1A NAD N . 28.56 -27.98 -7.92
O2A NAD N . 29.29 -28.74 -5.59
O5B NAD N . 26.91 -27.95 -5.98
C5B NAD N . 26.29 -29.25 -5.79
C4B NAD N . 25.10 -29.05 -4.88
O4B NAD N . 24.51 -30.34 -4.58
C3B NAD N . 25.42 -28.39 -3.54
O3B NAD N . 24.47 -27.38 -3.23
C2B NAD N . 25.36 -29.56 -2.56
O2B NAD N . 24.95 -29.12 -1.26
C1B NAD N . 24.29 -30.42 -3.19
N9A NAD N . 24.33 -31.82 -2.79
C8A NAD N . 25.45 -32.57 -2.53
N7A NAD N . 25.18 -33.80 -2.17
C5A NAD N . 23.80 -33.86 -2.19
C6A NAD N . 22.89 -34.90 -1.90
N6A NAD N . 23.25 -36.13 -1.53
N1A NAD N . 21.58 -34.63 -2.02
C2A NAD N . 21.20 -33.41 -2.39
N3A NAD N . 21.97 -32.35 -2.69
C4A NAD N . 23.26 -32.65 -2.57
O3 NAD N . 28.80 -26.33 -6.02
PN NAD N . 28.12 -24.97 -6.51
O1N NAD N . 26.95 -25.31 -7.35
O2N NAD N . 29.17 -24.08 -7.07
O5D NAD N . 27.63 -24.35 -5.13
C5D NAD N . 28.24 -23.12 -4.66
C4D NAD N . 28.81 -23.36 -3.29
O4D NAD N . 29.89 -22.43 -3.06
C3D NAD N . 27.84 -23.11 -2.14
O3D NAD N . 28.25 -23.83 -0.98
C2D NAD N . 27.98 -21.60 -1.92
O2D NAD N . 27.70 -21.24 -0.58
C1D NAD N . 29.46 -21.38 -2.23
N1N NAD N . 29.73 -20.04 -2.96
C2N NAD N . 29.61 -18.93 -2.24
C3N NAD N . 29.83 -17.69 -2.81
C7N NAD N . 29.69 -16.44 -2.00
O7N NAD N . 29.37 -16.53 -0.81
N7N NAD N . 29.91 -15.28 -2.60
C4N NAD N . 30.18 -17.64 -4.16
C5N NAD N . 30.30 -18.81 -4.89
C6N NAD N . 30.07 -20.02 -4.27
O12 PC1 O . 2.35 8.58 21.02
P PC1 O . 1.95 9.34 19.80
O14 PC1 O . 2.87 9.39 18.65
O13 PC1 O . 0.54 8.76 19.32
C11 PC1 O . 0.33 8.48 17.92
C12 PC1 O . -0.06 9.82 17.34
N PC1 O . -0.07 9.92 15.84
C13 PC1 O . -0.66 8.70 15.21
C14 PC1 O . 1.34 10.08 15.35
C15 PC1 O . -0.86 11.12 15.41
O11 PC1 O . 1.57 10.81 20.26
C1 PC1 O . 2.60 11.75 20.63
C2 PC1 O . 2.25 12.27 22.00
O21 PC1 O . 3.15 13.38 22.35
C21 PC1 O . 2.83 14.61 21.95
O22 PC1 O . 1.91 14.86 21.21
C22 PC1 O . 3.74 15.64 22.55
C23 PC1 O . 2.96 16.88 22.99
C24 PC1 O . 1.99 16.57 24.11
C25 PC1 O . 0.70 17.37 24.05
C26 PC1 O . 0.90 18.87 24.14
C27 PC1 O . -0.32 19.61 24.66
C28 PC1 O . -1.56 19.40 23.83
C29 PC1 O . -2.78 19.05 24.66
C2A PC1 O . -2.96 19.94 25.86
C2B PC1 O . -4.13 19.58 26.75
C2C PC1 O . -4.26 20.47 27.96
C2D PC1 O . -4.22 21.95 27.62
C3 PC1 O . 2.39 11.20 23.04
O31 PC1 O . 1.63 11.55 24.20
C31 PC1 O . 0.36 11.14 24.25
O32 PC1 O . -0.17 10.55 23.36
C32 PC1 O . -0.29 11.50 25.54
C33 PC1 O . -1.23 12.70 25.42
C34 PC1 O . -0.49 14.01 25.27
C35 PC1 O . 0.10 14.53 26.57
C36 PC1 O . -0.94 14.89 27.62
C37 PC1 O . -0.34 15.32 28.95
C38 PC1 O . -0.20 16.82 29.12
C39 PC1 O . -1.39 17.49 29.79
C3A PC1 O . -1.09 18.92 30.23
C3B PC1 O . -2.18 19.56 31.08
C3C PC1 O . -1.79 20.93 31.64
C3D PC1 O . -2.86 21.59 32.50
C3E PC1 O . -2.45 22.94 33.07
C3F PC1 O . -3.54 23.63 33.88
O12 PC1 P . 9.40 7.29 20.95
P PC1 P . 8.79 7.20 22.29
O14 PC1 P . 8.51 5.85 22.85
O13 PC1 P . 7.42 8.03 22.24
C11 PC1 P . 6.25 7.54 22.92
C12 PC1 P . 5.47 6.82 21.85
N PC1 P . 4.41 5.85 22.34
C13 PC1 P . 5.06 4.66 22.94
C14 PC1 P . 3.55 5.42 21.19
C15 PC1 P . 3.54 6.51 23.37
O11 PC1 P . 9.78 7.97 23.29
C1 PC1 P . 9.39 8.20 24.67
C2 PC1 P . 8.87 9.60 24.76
O21 PC1 P . 10.01 10.50 24.79
C21 PC1 P . 10.39 11.06 23.63
O22 PC1 P . 9.87 10.83 22.57
C22 PC1 P . 11.54 12.00 23.83
C23 PC1 P . 11.14 13.47 23.81
C24 PC1 P . 10.11 13.81 24.88
C25 PC1 P . 9.81 15.29 24.98
C26 PC1 P . 9.50 15.94 23.65
C27 PC1 P . 8.89 17.33 23.77
C28 PC1 P . 7.62 17.34 24.57
C29 PC1 P . 6.85 18.65 24.47
C2A PC1 P . 7.52 19.81 25.17
C2B PC1 P . 7.09 21.16 24.62
C2C PC1 P . 7.21 22.29 25.61
C2D PC1 P . 6.32 22.15 26.83
C2E PC1 P . 5.91 23.48 27.42
C2F PC1 P . 5.36 23.42 28.84
C2G PC1 P . 4.91 24.77 29.37
C2H PC1 P . 4.65 24.83 30.85
C2I PC1 P . 4.28 26.22 31.32
C3 PC1 P . 8.06 9.84 26.00
O31 PC1 P . 7.60 11.21 25.94
C31 PC1 P . 6.31 11.43 25.76
O32 PC1 P . 5.48 10.56 25.77
C32 PC1 P . 6.03 12.88 25.51
C33 PC1 P . 5.23 13.56 26.61
C34 PC1 P . 5.33 15.07 26.50
C35 PC1 P . 4.41 15.86 27.41
C36 PC1 P . 4.50 17.36 27.17
C37 PC1 P . 3.33 18.16 27.72
C38 PC1 P . 3.20 19.53 27.06
C39 PC1 P . 2.00 20.31 27.52
C3A PC1 P . 2.26 21.20 28.72
C3B PC1 P . 1.03 21.98 29.16
C3C PC1 P . 1.35 23.23 29.97
C3D PC1 P . 0.13 24.03 30.33
C3E PC1 P . 0.44 25.39 30.92
C3F PC1 P . -0.81 26.18 31.25
C3G PC1 P . -0.53 27.61 31.66
C3H PC1 P . -1.79 28.42 31.87
C3I PC1 P . -1.50 29.79 32.34
O12 PC1 Q . -1.32 3.71 27.46
P PC1 Q . -0.03 4.12 26.87
O14 PC1 Q . 1.16 3.24 27.04
O13 PC1 Q . -0.27 4.32 25.29
C11 PC1 Q . -1.62 4.48 24.78
C12 PC1 Q . -2.02 5.90 25.07
N PC1 Q . -1.45 6.99 24.16
C13 PC1 Q . -2.46 8.08 24.05
C14 PC1 Q . -1.14 6.48 22.78
C15 PC1 Q . -0.20 7.54 24.76
O11 PC1 Q . 0.33 5.57 27.42
C1 PC1 Q . -0.38 6.09 28.57
C2 PC1 Q . -0.30 7.60 28.60
O21 PC1 Q . 0.95 7.96 29.29
C21 PC1 Q . 1.57 9.09 28.89
O22 PC1 Q . 1.18 9.79 28.00
C22 PC1 Q . 2.79 9.34 29.71
C23 PC1 Q . 3.03 10.82 30.00
C24 PC1 Q . 1.91 11.47 30.81
C25 PC1 Q . 2.12 12.93 31.12
C26 PC1 Q . 0.99 13.56 31.95
C27 PC1 Q . 0.89 13.02 33.36
C28 PC1 Q . -0.47 13.23 34.02
C29 PC1 Q . -0.83 14.69 34.27
C2A PC1 Q . -0.19 15.29 35.52
C2B PC1 Q . -0.69 16.69 35.84
C2C PC1 Q . -0.05 17.32 37.07
C2D PC1 Q . -0.32 16.56 38.36
C3 PC1 Q . -1.46 8.16 29.39
O31 PC1 Q . -1.42 9.61 29.42
C31 PC1 Q . -2.42 10.25 28.84
O32 PC1 Q . -3.30 9.71 28.23
C32 PC1 Q . -2.32 11.73 29.04
C33 PC1 Q . -3.66 12.40 29.24
C34 PC1 Q . -4.33 12.00 30.55
C35 PC1 Q . -3.63 12.53 31.80
C36 PC1 Q . -3.57 14.05 31.87
C37 PC1 Q . -4.93 14.72 31.85
C38 PC1 Q . -5.25 15.51 33.11
C39 PC1 Q . -4.39 16.74 33.31
C3A PC1 Q . -4.66 17.48 34.61
C3B PC1 Q . -3.77 18.69 34.83
C3C PC1 Q . -3.96 19.34 36.19
C3D PC1 Q . -3.06 20.55 36.42
C1 D12 R . -2.86 29.24 35.75
C2 D12 R . -3.63 27.95 35.91
C3 D12 R . -4.41 27.90 37.20
C4 D12 R . -3.54 27.99 38.44
C5 D12 R . -4.33 28.07 39.73
C6 D12 R . -3.47 28.07 40.97
C7 D12 R . -4.24 28.38 42.25
C8 D12 R . -4.90 29.75 42.23
C9 D12 R . -5.67 30.08 43.50
C10 D12 R . -4.83 30.03 44.76
C11 D12 R . -5.57 30.49 46.00
C12 D12 R . -4.69 30.55 47.23
C1 D12 S . -1.42 21.50 39.90
C2 D12 S . -2.85 21.96 39.86
C3 D12 S . -3.25 22.80 41.06
C4 D12 S . -3.08 22.10 42.39
C5 D12 S . -3.74 22.84 43.55
C6 D12 S . -3.60 22.14 44.90
C7 D12 S . -4.45 22.77 45.99
C8 D12 S . -4.29 24.27 46.10
C9 D12 S . -5.16 24.92 47.16
C10 D12 S . -5.03 26.43 47.20
C11 D12 S . -5.89 27.10 48.25
C12 D12 S . -7.36 26.90 48.03
O12 PC1 T . -3.54 36.52 -5.13
P PC1 T . -2.77 36.14 -3.93
O14 PC1 T . -2.50 34.71 -3.68
O13 PC1 T . -1.38 36.92 -3.97
C11 PC1 T . -1.33 38.32 -4.38
C12 PC1 T . -0.76 39.02 -3.19
N PC1 T . -0.72 40.53 -3.25
C13 PC1 T . -2.10 41.07 -3.43
C14 PC1 T . 0.12 40.98 -4.40
C15 PC1 T . -0.14 41.09 -1.99
O11 PC1 T . -3.51 36.76 -2.67
C1 PC1 T . -4.80 37.39 -2.80
C2 PC1 T . -5.21 37.95 -1.46
O21 PC1 T . -4.14 38.81 -0.99
C21 PC1 T . -4.50 39.91 -0.30
O22 PC1 T . -5.64 40.23 -0.09
C22 PC1 T . -3.29 40.68 0.15
C23 PC1 T . -2.27 39.77 0.82
C24 PC1 T . -2.77 39.14 2.10
C25 PC1 T . -2.90 40.13 3.24
C26 PC1 T . -1.57 40.65 3.72
C27 PC1 T . -1.67 41.62 4.89
C28 PC1 T . -2.34 41.03 6.10
C29 PC1 T . -2.58 42.01 7.23
C2A PC1 T . -3.23 41.37 8.44
C2B PC1 T . -4.51 40.64 8.12
C2C PC1 T . -5.75 41.31 8.64
C2D PC1 T . -5.91 41.19 10.14
C2E PC1 T . -7.07 42.01 10.69
C2F PC1 T . -6.76 43.48 10.81
C2G PC1 T . -7.86 44.38 10.25
C2H PC1 T . -8.02 44.30 8.75
C2I PC1 T . -9.08 45.24 8.22
C3 PC1 T . -5.37 36.85 -0.44
O31 PC1 T . -6.79 36.62 -0.26
C31 PC1 T . -7.38 37.31 0.71
O32 PC1 T . -6.82 38.06 1.45
C32 PC1 T . -8.87 37.04 0.73
C33 PC1 T . -9.62 37.71 1.88
C34 PC1 T . -9.34 37.06 3.22
C35 PC1 T . -10.35 37.42 4.29
C36 PC1 T . -10.43 38.90 4.63
C37 PC1 T . -9.11 39.49 5.09
C38 PC1 T . -9.18 40.33 6.36
C39 PC1 T . -9.81 41.71 6.18
C3A PC1 T . -11.25 41.80 6.65
C3B PC1 T . -11.82 43.21 6.62
C3C PC1 T . -13.32 43.25 6.84
C3D PC1 T . -14.12 42.76 5.64
C3E PC1 T . -14.44 43.86 4.64
C3F PC1 T . -14.77 43.36 3.25
C3G PC1 T . -15.39 44.41 2.36
C3H PC1 T . -15.09 44.23 0.87
C3I PC1 T . -13.64 44.52 0.52
O12 PC1 U . -24.12 54.15 19.21
P PC1 U . -23.93 53.13 20.27
O14 PC1 U . -24.12 53.53 21.69
O13 PC1 U . -24.95 51.95 19.94
C11 PC1 U . -25.94 52.12 18.90
C12 PC1 U . -27.13 52.69 19.64
N PC1 U . -28.09 53.53 18.83
C13 PC1 U . -28.54 52.78 17.62
C14 PC1 U . -27.40 54.79 18.39
C15 PC1 U . -29.28 53.89 19.66
O11 PC1 U . -22.50 52.48 20.08
C1 PC1 U . -21.34 53.32 19.85
C2 PC1 U . -20.68 52.82 18.59
O21 PC1 U . -19.26 53.15 18.62
C21 PC1 U . -18.41 52.17 18.97
O22 PC1 U . -18.76 51.08 19.35
C22 PC1 U . -16.98 52.62 18.86
C23 PC1 U . -16.06 51.47 18.46
C24 PC1 U . -16.25 51.02 17.03
C25 PC1 U . -15.50 49.75 16.69
C26 PC1 U . -15.33 49.50 15.21
C27 PC1 U . -14.73 48.16 14.88
C28 PC1 U . -14.27 48.03 13.45
C29 PC1 U . -13.12 48.96 13.09
C3 PC1 U . -21.27 53.44 17.35
O31 PC1 U . -20.84 52.63 16.23
C31 PC1 U . -21.75 51.79 15.74
O32 PC1 U . -22.87 51.71 16.15
C32 PC1 U . -21.18 50.94 14.64
C33 PC1 U . -21.69 51.33 13.27
C34 PC1 U . -20.75 52.25 12.53
C35 PC1 U . -19.41 51.60 12.19
C36 PC1 U . -18.22 52.28 12.85
C37 PC1 U . -16.89 51.63 12.53
C38 PC1 U . -16.59 51.56 11.04
#